data_1X5T
#
_entry.id   1X5T
#
_cell.length_a   1.000
_cell.length_b   1.000
_cell.length_c   1.000
_cell.angle_alpha   90.00
_cell.angle_beta   90.00
_cell.angle_gamma   90.00
#
_symmetry.space_group_name_H-M   'P 1'
#
_entity_poly.entity_id   1
_entity_poly.type   'polypeptide(L)'
_entity_poly.pdbx_seq_one_letter_code
;GSSGSSGIFIGNLDPEIDEKLLYDTFSAFGVILQTPKIMRDPDTGNSKGYAFINFASFDASDAAIEAMNGQYLCNRPITV
SYAFKKDSKGSGPSSG
;
_entity_poly.pdbx_strand_id   A
#
# COMPACT_ATOMS: atom_id res chain seq x y z
N GLY A 1 -17.44 1.50 -1.99
CA GLY A 1 -17.07 1.17 -0.62
C GLY A 1 -15.87 0.25 -0.57
N SER A 2 -16.11 -1.05 -0.64
CA SER A 2 -15.05 -2.05 -0.60
C SER A 2 -15.58 -3.44 -0.90
N SER A 3 -14.82 -4.20 -1.68
CA SER A 3 -15.22 -5.56 -2.05
C SER A 3 -14.42 -6.58 -1.26
N GLY A 4 -13.10 -6.41 -1.25
CA GLY A 4 -12.24 -7.32 -0.52
C GLY A 4 -11.30 -6.62 0.44
N SER A 5 -10.32 -7.35 0.95
CA SER A 5 -9.36 -6.78 1.89
C SER A 5 -7.94 -6.88 1.34
N SER A 6 -7.80 -6.63 0.03
CA SER A 6 -6.50 -6.69 -0.62
C SER A 6 -5.77 -5.36 -0.48
N GLY A 7 -5.33 -5.05 0.74
CA GLY A 7 -4.62 -3.81 0.98
C GLY A 7 -3.12 -3.95 0.77
N ILE A 8 -2.44 -2.82 0.64
CA ILE A 8 -1.00 -2.82 0.44
C ILE A 8 -0.31 -1.86 1.40
N PHE A 9 0.88 -2.25 1.86
CA PHE A 9 1.64 -1.44 2.78
C PHE A 9 2.80 -0.73 2.07
N ILE A 10 2.92 0.57 2.29
CA ILE A 10 3.97 1.36 1.68
C ILE A 10 4.87 2.01 2.73
N GLY A 11 6.17 1.99 2.47
CA GLY A 11 7.11 2.58 3.41
C GLY A 11 8.13 3.48 2.72
N ASN A 12 8.83 4.29 3.50
CA ASN A 12 9.83 5.19 2.96
C ASN A 12 9.19 6.24 2.05
N LEU A 13 8.20 6.95 2.58
CA LEU A 13 7.51 7.98 1.81
C LEU A 13 8.02 9.37 2.18
N ASP A 14 8.31 10.18 1.17
CA ASP A 14 8.79 11.54 1.38
C ASP A 14 7.79 12.36 2.18
N PRO A 15 8.30 13.16 3.13
CA PRO A 15 7.45 14.01 3.97
C PRO A 15 6.83 15.16 3.19
N GLU A 16 7.15 15.25 1.91
CA GLU A 16 6.61 16.30 1.06
C GLU A 16 5.39 15.81 0.29
N ILE A 17 5.11 14.51 0.40
CA ILE A 17 3.96 13.92 -0.28
C ILE A 17 2.70 14.03 0.55
N ASP A 18 1.56 14.16 -0.11
CA ASP A 18 0.27 14.27 0.57
C ASP A 18 -0.69 13.20 0.09
N GLU A 19 -1.73 12.94 0.88
CA GLU A 19 -2.73 11.93 0.53
C GLU A 19 -3.23 12.14 -0.90
N LYS A 20 -3.39 13.39 -1.30
CA LYS A 20 -3.85 13.72 -2.63
C LYS A 20 -2.92 13.15 -3.69
N LEU A 21 -1.63 13.45 -3.56
CA LEU A 21 -0.63 12.96 -4.51
C LEU A 21 -0.67 11.44 -4.60
N LEU A 22 -0.30 10.77 -3.52
CA LEU A 22 -0.30 9.31 -3.48
C LEU A 22 -1.49 8.74 -4.25
N TYR A 23 -2.68 9.14 -3.84
CA TYR A 23 -3.91 8.68 -4.49
C TYR A 23 -3.71 8.57 -6.00
N ASP A 24 -3.26 9.66 -6.61
CA ASP A 24 -3.03 9.69 -8.05
C ASP A 24 -1.80 8.87 -8.42
N THR A 25 -0.67 9.20 -7.81
CA THR A 25 0.58 8.50 -8.08
C THR A 25 0.34 7.00 -8.22
N PHE A 26 -0.58 6.47 -7.42
CA PHE A 26 -0.90 5.04 -7.48
C PHE A 26 -2.08 4.78 -8.41
N SER A 27 -3.04 5.68 -8.39
CA SER A 27 -4.22 5.55 -9.24
C SER A 27 -3.84 5.08 -10.64
N ALA A 28 -2.71 5.58 -11.13
CA ALA A 28 -2.23 5.22 -12.47
C ALA A 28 -2.34 3.71 -12.70
N PHE A 29 -1.70 2.94 -11.81
CA PHE A 29 -1.72 1.48 -11.93
C PHE A 29 -3.15 0.96 -11.89
N GLY A 30 -3.80 1.10 -10.74
CA GLY A 30 -5.16 0.63 -10.59
C GLY A 30 -6.05 1.66 -9.93
N VAL A 31 -7.29 1.26 -9.65
CA VAL A 31 -8.25 2.16 -9.00
C VAL A 31 -8.24 1.99 -7.49
N ILE A 32 -8.25 3.10 -6.77
CA ILE A 32 -8.23 3.07 -5.31
C ILE A 32 -9.66 2.97 -4.76
N LEU A 33 -9.83 2.18 -3.70
CA LEU A 33 -11.13 2.00 -3.09
C LEU A 33 -11.59 3.30 -2.41
N GLN A 34 -10.70 3.89 -1.63
CA GLN A 34 -11.01 5.13 -0.93
C GLN A 34 -9.74 5.91 -0.59
N THR A 35 -9.89 7.19 -0.28
CA THR A 35 -8.76 8.03 0.07
C THR A 35 -7.74 7.27 0.90
N PRO A 36 -6.46 7.38 0.53
CA PRO A 36 -5.37 6.70 1.23
C PRO A 36 -5.10 7.30 2.61
N LYS A 37 -4.30 6.61 3.40
CA LYS A 37 -3.98 7.07 4.75
C LYS A 37 -2.48 6.98 5.00
N ILE A 38 -1.92 8.00 5.65
CA ILE A 38 -0.50 8.04 5.95
C ILE A 38 -0.26 8.05 7.46
N MET A 39 0.60 7.15 7.92
CA MET A 39 0.92 7.06 9.35
C MET A 39 1.82 8.22 9.77
N ARG A 40 1.35 9.00 10.74
CA ARG A 40 2.12 10.13 11.23
C ARG A 40 2.50 9.94 12.70
N ASP A 41 3.57 10.60 13.13
CA ASP A 41 4.03 10.50 14.51
C ASP A 41 3.06 11.21 15.46
N PRO A 42 2.84 10.60 16.63
CA PRO A 42 1.94 11.14 17.65
C PRO A 42 2.49 12.40 18.31
N ASP A 43 3.71 12.77 17.91
CA ASP A 43 4.35 13.96 18.47
C ASP A 43 4.16 15.15 17.54
N THR A 44 4.85 15.13 16.40
CA THR A 44 4.77 16.22 15.44
C THR A 44 3.51 16.09 14.58
N GLY A 45 3.16 14.84 14.24
CA GLY A 45 1.99 14.61 13.42
C GLY A 45 2.14 15.12 12.01
N ASN A 46 3.36 15.07 11.49
CA ASN A 46 3.65 15.53 10.14
C ASN A 46 3.76 14.36 9.16
N SER A 47 4.61 13.41 9.49
CA SER A 47 4.81 12.24 8.66
C SER A 47 5.74 11.23 9.32
N LYS A 48 5.25 10.02 9.53
CA LYS A 48 6.03 8.97 10.17
C LYS A 48 7.05 8.39 9.19
N GLY A 49 6.57 7.91 8.05
CA GLY A 49 7.46 7.34 7.06
C GLY A 49 6.78 6.27 6.22
N TYR A 50 5.72 5.68 6.77
CA TYR A 50 4.99 4.63 6.07
C TYR A 50 3.50 4.99 5.95
N ALA A 51 2.86 4.47 4.91
CA ALA A 51 1.44 4.73 4.68
C ALA A 51 0.70 3.44 4.33
N PHE A 52 -0.62 3.52 4.32
CA PHE A 52 -1.45 2.36 4.01
C PHE A 52 -2.48 2.70 2.93
N ILE A 53 -2.51 1.88 1.89
CA ILE A 53 -3.44 2.08 0.78
C ILE A 53 -4.06 0.77 0.32
N ASN A 54 -5.35 0.80 0.01
CA ASN A 54 -6.07 -0.39 -0.44
C ASN A 54 -6.58 -0.20 -1.86
N PHE A 55 -6.37 -1.21 -2.70
CA PHE A 55 -6.82 -1.16 -4.09
C PHE A 55 -8.17 -1.87 -4.25
N ALA A 56 -8.77 -1.73 -5.43
CA ALA A 56 -10.05 -2.35 -5.71
C ALA A 56 -9.95 -3.87 -5.59
N SER A 57 -9.02 -4.46 -6.33
CA SER A 57 -8.83 -5.91 -6.31
C SER A 57 -7.34 -6.26 -6.29
N PHE A 58 -7.05 -7.55 -6.16
CA PHE A 58 -5.67 -8.02 -6.12
C PHE A 58 -4.94 -7.67 -7.41
N ASP A 59 -5.63 -7.85 -8.54
CA ASP A 59 -5.05 -7.55 -9.84
C ASP A 59 -4.32 -6.21 -9.82
N ALA A 60 -4.91 -5.23 -9.15
CA ALA A 60 -4.32 -3.90 -9.06
C ALA A 60 -3.11 -3.91 -8.14
N SER A 61 -3.25 -4.54 -6.98
CA SER A 61 -2.17 -4.61 -6.01
C SER A 61 -0.94 -5.28 -6.62
N ASP A 62 -1.18 -6.29 -7.44
CA ASP A 62 -0.09 -7.02 -8.10
C ASP A 62 0.78 -6.08 -8.91
N ALA A 63 0.15 -5.30 -9.79
CA ALA A 63 0.86 -4.35 -10.63
C ALA A 63 1.85 -3.52 -9.81
N ALA A 64 1.34 -2.88 -8.76
CA ALA A 64 2.18 -2.06 -7.90
C ALA A 64 3.36 -2.86 -7.35
N ILE A 65 3.05 -3.84 -6.51
CA ILE A 65 4.07 -4.69 -5.90
C ILE A 65 5.10 -5.12 -6.94
N GLU A 66 4.69 -5.12 -8.21
CA GLU A 66 5.59 -5.51 -9.29
C GLU A 66 6.47 -4.34 -9.73
N ALA A 67 5.83 -3.20 -9.98
CA ALA A 67 6.54 -2.01 -10.41
C ALA A 67 6.76 -1.05 -9.25
N MET A 68 5.66 -0.62 -8.63
CA MET A 68 5.73 0.30 -7.50
C MET A 68 6.78 -0.16 -6.49
N ASN A 69 6.99 -1.47 -6.41
CA ASN A 69 7.96 -2.04 -5.48
C ASN A 69 9.37 -1.59 -5.85
N GLY A 70 9.75 -0.41 -5.37
CA GLY A 70 11.07 0.12 -5.65
C GLY A 70 11.03 1.46 -6.35
N GLN A 71 9.94 1.71 -7.08
CA GLN A 71 9.78 2.97 -7.80
C GLN A 71 10.40 4.13 -7.03
N TYR A 72 11.38 4.79 -7.63
CA TYR A 72 12.05 5.92 -7.00
C TYR A 72 11.11 7.10 -6.85
N LEU A 73 10.59 7.29 -5.65
CA LEU A 73 9.67 8.39 -5.37
C LEU A 73 10.43 9.65 -4.96
N CYS A 74 9.71 10.75 -4.79
CA CYS A 74 10.31 12.01 -4.39
C CYS A 74 11.52 11.77 -3.49
N ASN A 75 12.70 11.66 -4.09
CA ASN A 75 13.92 11.43 -3.33
C ASN A 75 13.68 10.45 -2.19
N ARG A 76 13.02 9.34 -2.50
CA ARG A 76 12.72 8.33 -1.49
C ARG A 76 12.16 7.07 -2.14
N PRO A 77 12.97 5.99 -2.13
CA PRO A 77 12.58 4.71 -2.72
C PRO A 77 11.48 4.01 -1.92
N ILE A 78 10.27 3.99 -2.48
CA ILE A 78 9.13 3.36 -1.83
C ILE A 78 9.20 1.84 -1.96
N THR A 79 8.43 1.14 -1.12
CA THR A 79 8.40 -0.31 -1.15
C THR A 79 6.98 -0.83 -0.90
N VAL A 80 6.40 -1.46 -1.92
CA VAL A 80 5.06 -2.00 -1.81
C VAL A 80 5.09 -3.48 -1.44
N SER A 81 4.38 -3.84 -0.39
CA SER A 81 4.33 -5.23 0.07
C SER A 81 2.96 -5.56 0.66
N TYR A 82 2.34 -6.61 0.14
CA TYR A 82 1.02 -7.03 0.61
C TYR A 82 0.90 -6.87 2.13
N ALA A 83 -0.08 -6.10 2.56
CA ALA A 83 -0.31 -5.86 3.98
C ALA A 83 -0.34 -7.17 4.75
N PHE A 84 -1.18 -8.11 4.30
CA PHE A 84 -1.31 -9.40 4.95
C PHE A 84 -1.63 -10.49 3.93
N LYS A 85 -1.06 -11.68 4.14
CA LYS A 85 -1.28 -12.80 3.25
C LYS A 85 -1.44 -14.10 4.03
N LYS A 86 -2.36 -14.95 3.57
CA LYS A 86 -2.61 -16.23 4.24
C LYS A 86 -2.00 -17.38 3.43
N ASP A 87 -1.05 -18.08 4.03
CA ASP A 87 -0.40 -19.21 3.37
C ASP A 87 -1.43 -20.14 2.75
N SER A 88 -1.33 -20.35 1.44
CA SER A 88 -2.26 -21.22 0.73
C SER A 88 -1.74 -22.65 0.70
N LYS A 89 -2.61 -23.58 0.31
CA LYS A 89 -2.25 -24.99 0.24
C LYS A 89 -1.71 -25.34 -1.14
N GLY A 90 -0.62 -26.10 -1.17
CA GLY A 90 -0.03 -26.49 -2.44
C GLY A 90 1.46 -26.77 -2.32
N SER A 91 1.80 -27.99 -1.93
CA SER A 91 3.21 -28.37 -1.79
C SER A 91 3.87 -28.55 -3.14
N GLY A 92 3.27 -29.39 -3.99
CA GLY A 92 3.82 -29.63 -5.32
C GLY A 92 4.43 -31.01 -5.44
N PRO A 93 4.32 -31.60 -6.64
CA PRO A 93 4.87 -32.93 -6.91
C PRO A 93 6.40 -32.94 -6.94
N SER A 94 6.99 -33.51 -5.89
CA SER A 94 8.45 -33.57 -5.79
C SER A 94 8.90 -35.00 -5.52
N SER A 95 10.13 -35.32 -5.92
CA SER A 95 10.68 -36.65 -5.72
C SER A 95 11.79 -36.62 -4.68
N GLY A 96 12.69 -35.64 -4.79
CA GLY A 96 13.79 -35.52 -3.85
C GLY A 96 14.69 -36.74 -3.87
N GLY A 1 -18.64 0.38 -5.38
CA GLY A 1 -18.70 -1.01 -4.97
C GLY A 1 -17.37 -1.52 -4.45
N SER A 2 -17.43 -2.47 -3.52
CA SER A 2 -16.22 -3.04 -2.93
C SER A 2 -16.08 -4.51 -3.28
N SER A 3 -15.18 -4.81 -4.21
CA SER A 3 -14.96 -6.18 -4.65
C SER A 3 -13.68 -6.75 -4.03
N GLY A 4 -13.79 -7.24 -2.81
CA GLY A 4 -12.64 -7.81 -2.12
C GLY A 4 -11.59 -6.77 -1.82
N SER A 5 -11.18 -6.69 -0.56
CA SER A 5 -10.17 -5.72 -0.13
C SER A 5 -8.84 -6.42 0.14
N SER A 6 -7.82 -6.07 -0.65
CA SER A 6 -6.49 -6.65 -0.50
C SER A 6 -5.66 -5.87 0.51
N GLY A 7 -5.40 -4.60 0.20
CA GLY A 7 -4.62 -3.77 1.08
C GLY A 7 -3.13 -3.94 0.88
N ILE A 8 -2.42 -2.82 0.73
CA ILE A 8 -0.98 -2.85 0.54
C ILE A 8 -0.27 -1.89 1.47
N PHE A 9 0.93 -2.26 1.91
CA PHE A 9 1.71 -1.42 2.81
C PHE A 9 2.85 -0.73 2.05
N ILE A 10 2.99 0.58 2.28
CA ILE A 10 4.04 1.36 1.63
C ILE A 10 4.88 2.10 2.65
N GLY A 11 6.21 1.99 2.51
CA GLY A 11 7.10 2.66 3.43
C GLY A 11 8.15 3.49 2.71
N ASN A 12 8.73 4.45 3.43
CA ASN A 12 9.74 5.33 2.85
C ASN A 12 9.11 6.35 1.91
N LEU A 13 8.07 7.02 2.38
CA LEU A 13 7.37 8.02 1.59
C LEU A 13 7.86 9.42 1.93
N ASP A 14 8.23 10.18 0.91
CA ASP A 14 8.72 11.54 1.11
C ASP A 14 7.75 12.35 1.96
N PRO A 15 8.29 13.17 2.86
CA PRO A 15 7.49 14.01 3.76
C PRO A 15 6.78 15.14 3.01
N GLU A 16 7.13 15.32 1.75
CA GLU A 16 6.53 16.36 0.94
C GLU A 16 5.28 15.85 0.24
N ILE A 17 5.17 14.53 0.11
CA ILE A 17 4.02 13.92 -0.55
C ILE A 17 2.75 14.13 0.27
N ASP A 18 1.62 14.22 -0.42
CA ASP A 18 0.34 14.42 0.24
C ASP A 18 -0.65 13.33 -0.15
N GLU A 19 -1.62 13.09 0.72
CA GLU A 19 -2.64 12.06 0.46
C GLU A 19 -3.12 12.13 -0.98
N LYS A 20 -3.31 13.35 -1.48
CA LYS A 20 -3.78 13.55 -2.84
C LYS A 20 -2.84 12.86 -3.85
N LEU A 21 -1.59 13.27 -3.85
CA LEU A 21 -0.60 12.70 -4.75
C LEU A 21 -0.63 11.17 -4.69
N LEU A 22 -0.29 10.63 -3.53
CA LEU A 22 -0.28 9.18 -3.34
C LEU A 22 -1.43 8.52 -4.09
N TYR A 23 -2.64 9.03 -3.86
CA TYR A 23 -3.83 8.49 -4.52
C TYR A 23 -3.60 8.32 -6.01
N ASP A 24 -3.26 9.42 -6.68
CA ASP A 24 -3.02 9.39 -8.11
C ASP A 24 -1.80 8.52 -8.44
N THR A 25 -0.67 8.84 -7.82
CA THR A 25 0.56 8.08 -8.05
C THR A 25 0.27 6.60 -8.20
N PHE A 26 -0.68 6.10 -7.41
CA PHE A 26 -1.05 4.68 -7.46
C PHE A 26 -2.27 4.48 -8.35
N SER A 27 -3.13 5.48 -8.41
CA SER A 27 -4.34 5.40 -9.22
C SER A 27 -4.02 4.87 -10.62
N ALA A 28 -2.93 5.37 -11.19
CA ALA A 28 -2.51 4.95 -12.52
C ALA A 28 -2.70 3.45 -12.71
N PHE A 29 -2.09 2.67 -11.83
CA PHE A 29 -2.18 1.21 -11.89
C PHE A 29 -3.64 0.76 -11.84
N GLY A 30 -4.26 0.91 -10.67
CA GLY A 30 -5.65 0.51 -10.52
C GLY A 30 -6.47 1.56 -9.78
N VAL A 31 -7.68 1.18 -9.38
CA VAL A 31 -8.56 2.10 -8.67
C VAL A 31 -8.44 1.90 -7.16
N ILE A 32 -8.54 3.00 -6.41
CA ILE A 32 -8.45 2.94 -4.96
C ILE A 32 -9.84 2.91 -4.32
N LEU A 33 -9.98 2.09 -3.28
CA LEU A 33 -11.25 1.95 -2.59
C LEU A 33 -11.61 3.25 -1.87
N GLN A 34 -10.68 3.77 -1.08
CA GLN A 34 -10.89 5.01 -0.34
C GLN A 34 -9.57 5.75 -0.11
N THR A 35 -9.66 7.07 0.02
CA THR A 35 -8.47 7.88 0.25
C THR A 35 -7.45 7.15 1.13
N PRO A 36 -6.16 7.27 0.76
CA PRO A 36 -5.08 6.63 1.50
C PRO A 36 -4.86 7.26 2.88
N LYS A 37 -4.33 6.48 3.80
CA LYS A 37 -4.07 6.96 5.16
C LYS A 37 -2.57 6.98 5.45
N ILE A 38 -2.05 8.17 5.71
CA ILE A 38 -0.63 8.33 6.00
C ILE A 38 -0.38 8.39 7.51
N MET A 39 0.64 7.68 7.96
CA MET A 39 0.99 7.65 9.38
C MET A 39 1.69 8.93 9.79
N ARG A 40 0.98 9.78 10.54
CA ARG A 40 1.55 11.04 10.99
C ARG A 40 1.99 10.94 12.45
N ASP A 41 3.13 11.55 12.76
CA ASP A 41 3.68 11.53 14.11
C ASP A 41 2.80 12.35 15.06
N PRO A 42 2.29 11.70 16.10
CA PRO A 42 1.43 12.34 17.11
C PRO A 42 2.20 13.34 17.97
N ASP A 43 3.49 13.50 17.68
CA ASP A 43 4.33 14.42 18.43
C ASP A 43 4.32 15.80 17.79
N THR A 44 4.72 15.86 16.52
CA THR A 44 4.76 17.13 15.79
C THR A 44 4.03 17.01 14.46
N GLY A 45 3.37 15.88 14.24
CA GLY A 45 2.65 15.67 13.00
C GLY A 45 3.56 15.24 11.86
N ASN A 46 4.84 15.52 11.99
CA ASN A 46 5.82 15.16 10.97
C ASN A 46 5.57 13.74 10.46
N SER A 47 5.00 13.63 9.26
CA SER A 47 4.69 12.34 8.68
C SER A 47 5.78 11.32 9.02
N LYS A 48 5.36 10.22 9.64
CA LYS A 48 6.29 9.17 10.03
C LYS A 48 7.15 8.73 8.85
N GLY A 49 6.49 8.24 7.80
CA GLY A 49 7.22 7.80 6.61
C GLY A 49 6.51 6.65 5.90
N TYR A 50 5.72 5.89 6.64
CA TYR A 50 4.98 4.77 6.08
C TYR A 50 3.49 5.07 6.00
N ALA A 51 2.86 4.58 4.94
CA ALA A 51 1.43 4.79 4.75
C ALA A 51 0.73 3.49 4.37
N PHE A 52 -0.60 3.50 4.41
CA PHE A 52 -1.39 2.32 4.06
C PHE A 52 -2.43 2.66 3.01
N ILE A 53 -2.47 1.86 1.95
CA ILE A 53 -3.43 2.07 0.86
C ILE A 53 -4.09 0.76 0.44
N ASN A 54 -5.39 0.83 0.18
CA ASN A 54 -6.14 -0.35 -0.23
C ASN A 54 -6.71 -0.18 -1.64
N PHE A 55 -6.51 -1.20 -2.48
CA PHE A 55 -6.99 -1.15 -3.85
C PHE A 55 -8.37 -1.80 -3.95
N ALA A 56 -9.03 -1.59 -5.09
CA ALA A 56 -10.35 -2.15 -5.32
C ALA A 56 -10.27 -3.66 -5.60
N SER A 57 -9.37 -4.04 -6.49
CA SER A 57 -9.20 -5.44 -6.85
C SER A 57 -7.77 -5.90 -6.57
N PHE A 58 -7.53 -7.19 -6.74
CA PHE A 58 -6.20 -7.76 -6.50
C PHE A 58 -5.27 -7.47 -7.67
N ASP A 59 -5.78 -7.56 -8.88
CA ASP A 59 -5.00 -7.30 -10.08
C ASP A 59 -4.23 -5.99 -9.95
N ALA A 60 -4.88 -4.97 -9.39
CA ALA A 60 -4.26 -3.68 -9.20
C ALA A 60 -3.06 -3.76 -8.27
N SER A 61 -3.23 -4.44 -7.14
CA SER A 61 -2.16 -4.60 -6.17
C SER A 61 -0.92 -5.20 -6.83
N ASP A 62 -1.14 -6.20 -7.68
CA ASP A 62 -0.03 -6.87 -8.37
C ASP A 62 0.81 -5.85 -9.15
N ALA A 63 0.14 -5.02 -9.94
CA ALA A 63 0.83 -4.01 -10.73
C ALA A 63 1.82 -3.22 -9.88
N ALA A 64 1.34 -2.73 -8.74
CA ALA A 64 2.17 -1.95 -7.82
C ALA A 64 3.30 -2.81 -7.25
N ILE A 65 2.93 -3.76 -6.39
CA ILE A 65 3.91 -4.64 -5.76
C ILE A 65 4.96 -5.09 -6.77
N GLU A 66 4.58 -5.10 -8.05
CA GLU A 66 5.50 -5.51 -9.11
C GLU A 66 6.45 -4.37 -9.47
N ALA A 67 5.88 -3.24 -9.86
CA ALA A 67 6.68 -2.08 -10.25
C ALA A 67 6.89 -1.15 -9.05
N MET A 68 5.78 -0.65 -8.50
CA MET A 68 5.86 0.25 -7.36
C MET A 68 6.87 -0.25 -6.33
N ASN A 69 7.12 -1.55 -6.34
CA ASN A 69 8.07 -2.15 -5.41
C ASN A 69 9.50 -1.71 -5.72
N GLY A 70 9.90 -0.58 -5.16
CA GLY A 70 11.24 -0.07 -5.40
C GLY A 70 11.24 1.23 -6.18
N GLN A 71 10.11 1.53 -6.81
CA GLN A 71 9.99 2.76 -7.60
C GLN A 71 10.60 3.95 -6.86
N TYR A 72 11.54 4.61 -7.50
CA TYR A 72 12.20 5.77 -6.90
C TYR A 72 11.25 6.95 -6.83
N LEU A 73 10.68 7.18 -5.65
CA LEU A 73 9.76 8.29 -5.45
C LEU A 73 10.50 9.56 -5.09
N CYS A 74 9.77 10.67 -5.00
CA CYS A 74 10.36 11.96 -4.66
C CYS A 74 11.52 11.77 -3.69
N ASN A 75 12.72 11.62 -4.23
CA ASN A 75 13.92 11.44 -3.40
C ASN A 75 13.63 10.50 -2.23
N ARG A 76 12.99 9.37 -2.53
CA ARG A 76 12.65 8.40 -1.50
C ARG A 76 12.14 7.10 -2.14
N PRO A 77 12.99 6.06 -2.11
CA PRO A 77 12.65 4.75 -2.68
C PRO A 77 11.57 4.03 -1.87
N ILE A 78 10.33 4.07 -2.36
CA ILE A 78 9.22 3.41 -1.67
C ILE A 78 9.29 1.90 -1.84
N THR A 79 8.57 1.18 -0.99
CA THR A 79 8.54 -0.28 -1.05
C THR A 79 7.13 -0.81 -0.82
N VAL A 80 6.56 -1.41 -1.86
CA VAL A 80 5.22 -1.96 -1.78
C VAL A 80 5.25 -3.45 -1.46
N SER A 81 4.56 -3.84 -0.39
CA SER A 81 4.51 -5.23 0.03
C SER A 81 3.16 -5.56 0.66
N TYR A 82 2.58 -6.68 0.23
CA TYR A 82 1.29 -7.12 0.76
C TYR A 82 1.24 -7.00 2.27
N ALA A 83 0.48 -6.02 2.76
CA ALA A 83 0.34 -5.79 4.19
C ALA A 83 -0.18 -7.03 4.90
N PHE A 84 0.65 -7.64 5.74
CA PHE A 84 0.27 -8.84 6.47
C PHE A 84 -1.00 -8.60 7.28
N LYS A 85 -1.69 -9.68 7.61
CA LYS A 85 -2.92 -9.59 8.39
C LYS A 85 -3.41 -10.97 8.80
N LYS A 86 -3.57 -11.17 10.10
CA LYS A 86 -4.03 -12.46 10.64
C LYS A 86 -5.55 -12.52 10.65
N ASP A 87 -6.14 -13.07 9.60
CA ASP A 87 -7.59 -13.19 9.50
C ASP A 87 -8.05 -14.56 9.96
N SER A 88 -9.09 -14.59 10.79
CA SER A 88 -9.63 -15.83 11.32
C SER A 88 -11.14 -15.74 11.50
N LYS A 89 -11.83 -16.83 11.17
CA LYS A 89 -13.29 -16.87 11.29
C LYS A 89 -13.73 -16.54 12.72
N GLY A 90 -13.06 -17.16 13.69
CA GLY A 90 -13.39 -16.91 15.08
C GLY A 90 -14.63 -17.68 15.53
N SER A 91 -15.76 -16.99 15.58
CA SER A 91 -17.01 -17.61 16.00
C SER A 91 -18.05 -17.55 14.89
N GLY A 92 -18.95 -18.53 14.86
CA GLY A 92 -19.98 -18.57 13.84
C GLY A 92 -21.30 -19.06 14.37
N PRO A 93 -22.40 -18.49 13.86
CA PRO A 93 -23.76 -18.86 14.28
C PRO A 93 -24.15 -20.27 13.83
N SER A 94 -25.18 -20.83 14.45
CA SER A 94 -25.64 -22.17 14.12
C SER A 94 -24.47 -23.06 13.70
N SER A 95 -23.43 -23.07 14.53
CA SER A 95 -22.26 -23.88 14.26
C SER A 95 -22.63 -25.35 14.10
N GLY A 96 -23.30 -25.89 15.11
CA GLY A 96 -23.71 -27.28 15.07
C GLY A 96 -23.99 -27.84 16.45
N GLY A 1 -19.35 -0.34 -0.75
CA GLY A 1 -19.26 -1.69 -1.28
C GLY A 1 -17.86 -2.04 -1.75
N SER A 2 -16.95 -2.24 -0.80
CA SER A 2 -15.57 -2.57 -1.13
C SER A 2 -15.41 -4.07 -1.34
N SER A 3 -14.85 -4.44 -2.48
CA SER A 3 -14.64 -5.85 -2.81
C SER A 3 -13.16 -6.20 -2.79
N GLY A 4 -12.82 -7.21 -1.99
CA GLY A 4 -11.43 -7.64 -1.89
C GLY A 4 -10.76 -7.13 -0.63
N SER A 5 -10.61 -5.82 -0.52
CA SER A 5 -9.98 -5.21 0.66
C SER A 5 -8.53 -5.65 0.78
N SER A 6 -7.84 -5.72 -0.36
CA SER A 6 -6.44 -6.14 -0.38
C SER A 6 -5.62 -5.35 0.64
N GLY A 7 -5.44 -4.06 0.36
CA GLY A 7 -4.68 -3.21 1.26
C GLY A 7 -3.19 -3.47 1.17
N ILE A 8 -2.48 -2.57 0.49
CA ILE A 8 -1.03 -2.72 0.34
C ILE A 8 -0.29 -1.79 1.30
N PHE A 9 0.85 -2.25 1.79
CA PHE A 9 1.66 -1.46 2.71
C PHE A 9 2.84 -0.81 1.99
N ILE A 10 3.00 0.49 2.19
CA ILE A 10 4.08 1.23 1.55
C ILE A 10 4.90 1.99 2.59
N GLY A 11 6.23 1.98 2.42
CA GLY A 11 7.10 2.68 3.34
C GLY A 11 8.11 3.56 2.63
N ASN A 12 8.86 4.33 3.40
CA ASN A 12 9.87 5.22 2.84
C ASN A 12 9.23 6.28 1.95
N LEU A 13 8.25 6.99 2.50
CA LEU A 13 7.55 8.04 1.75
C LEU A 13 8.06 9.42 2.15
N ASP A 14 8.38 10.24 1.15
CA ASP A 14 8.89 11.58 1.39
C ASP A 14 7.96 12.35 2.32
N PRO A 15 8.54 13.12 3.24
CA PRO A 15 7.78 13.92 4.20
C PRO A 15 7.06 15.09 3.56
N GLU A 16 7.20 15.21 2.24
CA GLU A 16 6.56 16.29 1.49
C GLU A 16 5.30 15.79 0.80
N ILE A 17 5.27 14.49 0.48
CA ILE A 17 4.11 13.90 -0.17
C ILE A 17 2.86 14.02 0.68
N ASP A 18 1.70 13.96 0.03
CA ASP A 18 0.44 14.06 0.75
C ASP A 18 -0.53 12.97 0.29
N GLU A 19 -1.72 12.94 0.89
CA GLU A 19 -2.72 11.94 0.55
C GLU A 19 -3.15 12.09 -0.91
N LYS A 20 -3.51 13.30 -1.31
CA LYS A 20 -3.93 13.57 -2.68
C LYS A 20 -2.94 12.99 -3.68
N LEU A 21 -1.68 13.41 -3.58
CA LEU A 21 -0.63 12.93 -4.47
C LEU A 21 -0.66 11.41 -4.57
N LEU A 22 -0.27 10.75 -3.50
CA LEU A 22 -0.25 9.29 -3.46
C LEU A 22 -1.44 8.71 -4.22
N TYR A 23 -2.63 9.24 -3.94
CA TYR A 23 -3.84 8.77 -4.60
C TYR A 23 -3.61 8.58 -6.09
N ASP A 24 -3.24 9.67 -6.76
CA ASP A 24 -2.98 9.63 -8.20
C ASP A 24 -1.72 8.83 -8.51
N THR A 25 -0.66 9.07 -7.74
CA THR A 25 0.60 8.38 -7.93
C THR A 25 0.37 6.89 -8.19
N PHE A 26 -0.57 6.31 -7.46
CA PHE A 26 -0.89 4.89 -7.61
C PHE A 26 -2.08 4.69 -8.55
N SER A 27 -3.06 5.58 -8.43
CA SER A 27 -4.26 5.50 -9.27
C SER A 27 -3.91 4.99 -10.66
N ALA A 28 -2.80 5.46 -11.20
CA ALA A 28 -2.35 5.05 -12.53
C ALA A 28 -2.54 3.55 -12.74
N PHE A 29 -2.06 2.77 -11.78
CA PHE A 29 -2.17 1.31 -11.86
C PHE A 29 -3.63 0.88 -11.75
N GLY A 30 -4.19 1.04 -10.55
CA GLY A 30 -5.58 0.65 -10.33
C GLY A 30 -6.38 1.73 -9.63
N VAL A 31 -7.66 1.47 -9.40
CA VAL A 31 -8.53 2.44 -8.74
C VAL A 31 -8.53 2.24 -7.23
N ILE A 32 -8.30 3.31 -6.49
CA ILE A 32 -8.27 3.25 -5.04
C ILE A 32 -9.68 3.11 -4.47
N LEU A 33 -9.83 2.28 -3.44
CA LEU A 33 -11.12 2.06 -2.81
C LEU A 33 -11.53 3.27 -1.97
N GLN A 34 -10.62 3.72 -1.11
CA GLN A 34 -10.89 4.86 -0.26
C GLN A 34 -9.61 5.66 0.01
N THR A 35 -9.76 6.95 0.25
CA THR A 35 -8.61 7.81 0.51
C THR A 35 -7.57 7.10 1.36
N PRO A 36 -6.30 7.21 0.95
CA PRO A 36 -5.18 6.58 1.66
C PRO A 36 -4.91 7.22 3.01
N LYS A 37 -4.39 6.43 3.95
CA LYS A 37 -4.07 6.93 5.27
C LYS A 37 -2.56 7.02 5.48
N ILE A 38 -2.12 8.05 6.21
CA ILE A 38 -0.71 8.24 6.48
C ILE A 38 -0.45 8.38 7.98
N MET A 39 0.42 7.54 8.51
CA MET A 39 0.76 7.57 9.93
C MET A 39 1.55 8.83 10.26
N ARG A 40 1.39 9.32 11.49
CA ARG A 40 2.08 10.51 11.94
C ARG A 40 2.37 10.45 13.44
N ASP A 41 3.21 11.36 13.91
CA ASP A 41 3.57 11.41 15.33
C ASP A 41 2.71 12.41 16.08
N PRO A 42 2.10 11.95 17.19
CA PRO A 42 1.24 12.80 18.02
C PRO A 42 2.02 13.87 18.76
N ASP A 43 3.34 13.87 18.59
CA ASP A 43 4.19 14.84 19.24
C ASP A 43 4.56 15.98 18.30
N THR A 44 5.07 15.63 17.12
CA THR A 44 5.45 16.62 16.13
C THR A 44 4.40 16.74 15.03
N GLY A 45 3.68 15.65 14.78
CA GLY A 45 2.65 15.65 13.76
C GLY A 45 3.22 15.64 12.36
N ASN A 46 4.33 14.94 12.17
CA ASN A 46 4.98 14.85 10.87
C ASN A 46 4.82 13.45 10.27
N SER A 47 4.82 13.38 8.95
CA SER A 47 4.67 12.11 8.25
C SER A 47 5.62 11.06 8.84
N LYS A 48 5.05 10.13 9.60
CA LYS A 48 5.84 9.07 10.23
C LYS A 48 6.85 8.50 9.24
N GLY A 49 6.38 8.13 8.05
CA GLY A 49 7.28 7.59 7.05
C GLY A 49 6.58 6.58 6.15
N TYR A 50 5.76 5.73 6.74
CA TYR A 50 5.04 4.71 5.99
C TYR A 50 3.55 5.05 5.90
N ALA A 51 2.86 4.43 4.94
CA ALA A 51 1.44 4.67 4.76
C ALA A 51 0.72 3.40 4.31
N PHE A 52 -0.60 3.43 4.31
CA PHE A 52 -1.40 2.28 3.90
C PHE A 52 -2.45 2.69 2.88
N ILE A 53 -2.51 1.95 1.77
CA ILE A 53 -3.47 2.23 0.71
C ILE A 53 -4.22 0.96 0.31
N ASN A 54 -5.50 1.13 -0.02
CA ASN A 54 -6.32 0.00 -0.43
C ASN A 54 -6.68 0.08 -1.91
N PHE A 55 -6.78 -1.06 -2.57
CA PHE A 55 -7.10 -1.11 -3.99
C PHE A 55 -8.47 -1.77 -4.22
N ALA A 56 -9.01 -1.59 -5.41
CA ALA A 56 -10.30 -2.16 -5.76
C ALA A 56 -10.25 -3.68 -5.76
N SER A 57 -9.25 -4.23 -6.48
CA SER A 57 -9.10 -5.67 -6.57
C SER A 57 -7.65 -6.07 -6.30
N PHE A 58 -7.40 -7.38 -6.28
CA PHE A 58 -6.06 -7.90 -6.03
C PHE A 58 -5.15 -7.66 -7.24
N ASP A 59 -5.63 -8.05 -8.42
CA ASP A 59 -4.87 -7.88 -9.65
C ASP A 59 -4.18 -6.52 -9.67
N ALA A 60 -4.91 -5.48 -9.29
CA ALA A 60 -4.36 -4.13 -9.26
C ALA A 60 -3.12 -4.05 -8.39
N SER A 61 -3.21 -4.62 -7.18
CA SER A 61 -2.09 -4.60 -6.25
C SER A 61 -0.85 -5.23 -6.88
N ASP A 62 -1.05 -6.33 -7.59
CA ASP A 62 0.05 -7.03 -8.25
C ASP A 62 0.87 -6.07 -9.10
N ALA A 63 0.19 -5.28 -9.92
CA ALA A 63 0.86 -4.32 -10.79
C ALA A 63 1.84 -3.47 -10.01
N ALA A 64 1.36 -2.85 -8.93
CA ALA A 64 2.21 -2.00 -8.09
C ALA A 64 3.35 -2.81 -7.48
N ILE A 65 3.01 -3.78 -6.66
CA ILE A 65 4.01 -4.63 -6.01
C ILE A 65 5.10 -5.05 -6.99
N GLU A 66 4.75 -5.06 -8.27
CA GLU A 66 5.69 -5.44 -9.31
C GLU A 66 6.62 -4.28 -9.66
N ALA A 67 6.03 -3.13 -9.97
CA ALA A 67 6.80 -1.95 -10.32
C ALA A 67 6.98 -1.03 -9.11
N MET A 68 5.86 -0.58 -8.55
CA MET A 68 5.89 0.30 -7.38
C MET A 68 6.89 -0.22 -6.35
N ASN A 69 7.08 -1.53 -6.31
CA ASN A 69 7.99 -2.14 -5.36
C ASN A 69 9.43 -1.74 -5.65
N GLY A 70 9.81 -0.56 -5.18
CA GLY A 70 11.16 -0.06 -5.39
C GLY A 70 11.19 1.25 -6.15
N GLN A 71 10.08 1.56 -6.82
CA GLN A 71 9.98 2.79 -7.59
C GLN A 71 10.58 3.97 -6.82
N TYR A 72 11.55 4.64 -7.43
CA TYR A 72 12.22 5.77 -6.81
C TYR A 72 11.27 6.97 -6.72
N LEU A 73 10.71 7.19 -5.54
CA LEU A 73 9.79 8.30 -5.32
C LEU A 73 10.55 9.57 -4.93
N CYS A 74 9.82 10.67 -4.82
CA CYS A 74 10.42 11.95 -4.46
C CYS A 74 11.59 11.75 -3.50
N ASN A 75 12.79 11.60 -4.05
CA ASN A 75 13.99 11.39 -3.25
C ASN A 75 13.70 10.45 -2.08
N ARG A 76 13.03 9.34 -2.39
CA ARG A 76 12.70 8.36 -1.37
C ARG A 76 12.15 7.08 -1.99
N PRO A 77 12.98 6.03 -2.01
CA PRO A 77 12.60 4.73 -2.58
C PRO A 77 11.54 4.01 -1.75
N ILE A 78 10.31 3.99 -2.25
CA ILE A 78 9.21 3.33 -1.55
C ILE A 78 9.25 1.82 -1.76
N THR A 79 8.55 1.09 -0.89
CA THR A 79 8.51 -0.36 -0.98
C THR A 79 7.09 -0.88 -0.75
N VAL A 80 6.51 -1.45 -1.80
CA VAL A 80 5.15 -1.98 -1.72
C VAL A 80 5.18 -3.48 -1.44
N SER A 81 4.36 -3.91 -0.48
CA SER A 81 4.29 -5.32 -0.10
C SER A 81 2.90 -5.67 0.42
N TYR A 82 2.53 -6.94 0.30
CA TYR A 82 1.23 -7.40 0.76
C TYR A 82 1.18 -7.45 2.28
N ALA A 83 0.51 -6.47 2.87
CA ALA A 83 0.38 -6.39 4.33
C ALA A 83 -0.12 -7.71 4.89
N PHE A 84 0.69 -8.31 5.77
CA PHE A 84 0.34 -9.57 6.39
C PHE A 84 -1.03 -9.50 7.06
N LYS A 85 -1.98 -10.23 6.50
CA LYS A 85 -3.34 -10.25 7.04
C LYS A 85 -3.61 -11.53 7.82
N LYS A 86 -4.36 -11.42 8.90
CA LYS A 86 -4.69 -12.57 9.73
C LYS A 86 -5.40 -13.64 8.92
N ASP A 87 -5.47 -14.85 9.47
CA ASP A 87 -6.13 -15.97 8.79
C ASP A 87 -6.23 -17.18 9.71
N SER A 88 -7.40 -17.80 9.74
CA SER A 88 -7.63 -18.97 10.59
C SER A 88 -7.45 -20.25 9.79
N LYS A 89 -6.34 -20.95 10.05
CA LYS A 89 -6.04 -22.19 9.37
C LYS A 89 -5.24 -23.14 10.26
N GLY A 90 -5.49 -24.43 10.14
CA GLY A 90 -4.78 -25.41 10.93
C GLY A 90 -5.61 -26.65 11.21
N SER A 91 -4.94 -27.79 11.36
CA SER A 91 -5.63 -29.04 11.63
C SER A 91 -5.02 -29.75 12.83
N GLY A 92 -5.87 -30.41 13.62
CA GLY A 92 -5.40 -31.12 14.78
C GLY A 92 -5.71 -32.61 14.73
N PRO A 93 -4.85 -33.37 14.04
CA PRO A 93 -5.01 -34.81 13.89
C PRO A 93 -4.77 -35.56 15.21
N SER A 94 -5.06 -36.86 15.21
CA SER A 94 -4.87 -37.68 16.39
C SER A 94 -4.15 -38.98 16.05
N SER A 95 -2.97 -39.15 16.62
CA SER A 95 -2.17 -40.35 16.37
C SER A 95 -2.34 -41.36 17.49
N GLY A 96 -2.40 -42.64 17.13
CA GLY A 96 -2.56 -43.69 18.11
C GLY A 96 -1.32 -44.53 18.27
N GLY A 1 -18.08 -3.03 -6.32
CA GLY A 1 -17.81 -2.49 -5.00
C GLY A 1 -16.38 -2.76 -4.55
N SER A 2 -16.23 -3.61 -3.55
CA SER A 2 -14.92 -3.95 -3.02
C SER A 2 -14.52 -5.36 -3.42
N SER A 3 -15.36 -6.33 -3.07
CA SER A 3 -15.09 -7.74 -3.40
C SER A 3 -13.81 -8.21 -2.73
N GLY A 4 -13.69 -7.97 -1.42
CA GLY A 4 -12.51 -8.38 -0.69
C GLY A 4 -11.43 -7.31 -0.70
N SER A 5 -11.04 -6.88 0.50
CA SER A 5 -10.00 -5.86 0.63
C SER A 5 -8.65 -6.49 0.91
N SER A 6 -7.70 -6.27 0.00
CA SER A 6 -6.35 -6.81 0.15
C SER A 6 -5.46 -5.86 0.94
N GLY A 7 -5.52 -4.58 0.59
CA GLY A 7 -4.71 -3.59 1.27
C GLY A 7 -3.23 -3.81 1.07
N ILE A 8 -2.49 -2.72 0.84
CA ILE A 8 -1.06 -2.81 0.62
C ILE A 8 -0.30 -1.87 1.56
N PHE A 9 0.87 -2.31 2.02
CA PHE A 9 1.68 -1.50 2.93
C PHE A 9 2.82 -0.82 2.17
N ILE A 10 2.96 0.48 2.38
CA ILE A 10 4.01 1.25 1.73
C ILE A 10 4.88 1.98 2.74
N GLY A 11 6.18 2.04 2.47
CA GLY A 11 7.10 2.71 3.36
C GLY A 11 8.09 3.59 2.64
N ASN A 12 8.90 4.32 3.39
CA ASN A 12 9.90 5.21 2.81
C ASN A 12 9.24 6.25 1.90
N LEU A 13 8.26 6.96 2.44
CA LEU A 13 7.54 7.98 1.69
C LEU A 13 8.05 9.38 2.06
N ASP A 14 8.35 10.17 1.04
CA ASP A 14 8.84 11.53 1.25
C ASP A 14 7.82 12.37 2.02
N PRO A 15 8.31 13.20 2.94
CA PRO A 15 7.45 14.07 3.75
C PRO A 15 6.81 15.19 2.94
N GLU A 16 7.16 15.26 1.66
CA GLU A 16 6.61 16.28 0.77
C GLU A 16 5.39 15.75 0.03
N ILE A 17 5.07 14.48 0.24
CA ILE A 17 3.93 13.86 -0.42
C ILE A 17 2.67 14.00 0.41
N ASP A 18 1.52 13.96 -0.25
CA ASP A 18 0.24 14.08 0.44
C ASP A 18 -0.75 13.03 -0.05
N GLU A 19 -1.81 12.80 0.73
CA GLU A 19 -2.83 11.82 0.36
C GLU A 19 -3.26 12.00 -1.09
N LYS A 20 -3.50 13.25 -1.48
CA LYS A 20 -3.91 13.56 -2.84
C LYS A 20 -2.96 12.95 -3.86
N LEU A 21 -1.67 13.20 -3.67
CA LEU A 21 -0.65 12.67 -4.58
C LEU A 21 -0.66 11.15 -4.57
N LEU A 22 -0.31 10.56 -3.43
CA LEU A 22 -0.28 9.10 -3.30
C LEU A 22 -1.44 8.47 -4.06
N TYR A 23 -2.62 9.06 -3.93
CA TYR A 23 -3.81 8.55 -4.61
C TYR A 23 -3.57 8.41 -6.10
N ASP A 24 -3.26 9.53 -6.75
CA ASP A 24 -3.01 9.53 -8.19
C ASP A 24 -1.80 8.67 -8.52
N THR A 25 -0.70 8.87 -7.81
CA THR A 25 0.52 8.10 -8.05
C THR A 25 0.23 6.62 -8.14
N PHE A 26 -0.67 6.14 -7.28
CA PHE A 26 -1.05 4.73 -7.27
C PHE A 26 -2.33 4.49 -8.07
N SER A 27 -2.97 5.58 -8.47
CA SER A 27 -4.20 5.50 -9.25
C SER A 27 -3.94 4.93 -10.64
N ALA A 28 -2.89 5.43 -11.29
CA ALA A 28 -2.53 4.96 -12.62
C ALA A 28 -2.66 3.45 -12.73
N PHE A 29 -1.95 2.73 -11.87
CA PHE A 29 -1.99 1.28 -11.88
C PHE A 29 -3.42 0.77 -11.80
N GLY A 30 -4.06 0.99 -10.66
CA GLY A 30 -5.43 0.55 -10.48
C GLY A 30 -6.26 1.57 -9.73
N VAL A 31 -7.54 1.24 -9.51
CA VAL A 31 -8.45 2.14 -8.81
C VAL A 31 -8.40 1.91 -7.31
N ILE A 32 -8.34 3.00 -6.54
CA ILE A 32 -8.28 2.91 -5.09
C ILE A 32 -9.67 2.78 -4.49
N LEU A 33 -9.77 2.08 -3.37
CA LEU A 33 -11.05 1.89 -2.70
C LEU A 33 -11.47 3.14 -1.95
N GLN A 34 -10.59 3.64 -1.09
CA GLN A 34 -10.87 4.84 -0.32
C GLN A 34 -9.60 5.64 -0.06
N THR A 35 -9.75 6.91 0.25
CA THR A 35 -8.62 7.79 0.52
C THR A 35 -7.54 7.06 1.33
N PRO A 36 -6.28 7.22 0.91
CA PRO A 36 -5.14 6.60 1.58
C PRO A 36 -4.87 7.19 2.96
N LYS A 37 -4.21 6.42 3.82
CA LYS A 37 -3.89 6.87 5.17
C LYS A 37 -2.38 6.90 5.38
N ILE A 38 -1.90 7.97 6.00
CA ILE A 38 -0.48 8.12 6.28
C ILE A 38 -0.21 8.25 7.78
N MET A 39 0.74 7.46 8.27
CA MET A 39 1.10 7.49 9.69
C MET A 39 1.93 8.73 10.01
N ARG A 40 1.55 9.43 11.08
CA ARG A 40 2.26 10.63 11.51
C ARG A 40 2.82 10.47 12.92
N ASP A 41 4.08 10.83 13.09
CA ASP A 41 4.73 10.73 14.40
C ASP A 41 3.91 11.44 15.47
N PRO A 42 3.58 10.73 16.55
CA PRO A 42 2.81 11.27 17.66
C PRO A 42 3.59 12.31 18.47
N ASP A 43 4.83 12.54 18.07
CA ASP A 43 5.69 13.50 18.75
C ASP A 43 5.73 14.82 17.99
N THR A 44 6.28 14.78 16.78
CA THR A 44 6.39 15.98 15.95
C THR A 44 5.14 16.16 15.09
N GLY A 45 4.41 15.08 14.88
CA GLY A 45 3.19 15.14 14.07
C GLY A 45 3.48 15.08 12.58
N ASN A 46 4.75 15.28 12.23
CA ASN A 46 5.15 15.25 10.82
C ASN A 46 5.00 13.85 10.24
N SER A 47 5.03 13.76 8.93
CA SER A 47 4.90 12.47 8.25
C SER A 47 5.85 11.44 8.85
N LYS A 48 5.27 10.38 9.43
CA LYS A 48 6.06 9.33 10.04
C LYS A 48 7.10 8.78 9.06
N GLY A 49 6.62 8.13 8.00
CA GLY A 49 7.52 7.57 7.01
C GLY A 49 6.84 6.54 6.12
N TYR A 50 5.85 5.86 6.67
CA TYR A 50 5.12 4.84 5.93
C TYR A 50 3.63 5.18 5.84
N ALA A 51 2.93 4.51 4.93
CA ALA A 51 1.51 4.74 4.75
C ALA A 51 0.80 3.48 4.31
N PHE A 52 -0.53 3.53 4.24
CA PHE A 52 -1.33 2.38 3.84
C PHE A 52 -2.34 2.76 2.76
N ILE A 53 -2.53 1.86 1.80
CA ILE A 53 -3.47 2.10 0.70
C ILE A 53 -4.20 0.83 0.31
N ASN A 54 -5.49 0.95 0.01
CA ASN A 54 -6.30 -0.19 -0.39
C ASN A 54 -6.69 -0.10 -1.85
N PHE A 55 -6.71 -1.24 -2.53
CA PHE A 55 -7.07 -1.30 -3.94
C PHE A 55 -8.41 -2.00 -4.14
N ALA A 56 -9.03 -1.76 -5.29
CA ALA A 56 -10.32 -2.37 -5.61
C ALA A 56 -10.20 -3.88 -5.71
N SER A 57 -9.18 -4.34 -6.43
CA SER A 57 -8.95 -5.77 -6.62
C SER A 57 -7.47 -6.10 -6.55
N PHE A 58 -7.16 -7.36 -6.25
CA PHE A 58 -5.78 -7.80 -6.15
C PHE A 58 -5.00 -7.48 -7.42
N ASP A 59 -5.64 -7.73 -8.56
CA ASP A 59 -5.01 -7.46 -9.85
C ASP A 59 -4.27 -6.13 -9.83
N ALA A 60 -4.98 -5.07 -9.44
CA ALA A 60 -4.39 -3.74 -9.38
C ALA A 60 -3.11 -3.74 -8.55
N SER A 61 -3.20 -4.27 -7.34
CA SER A 61 -2.05 -4.33 -6.44
C SER A 61 -0.88 -5.05 -7.10
N ASP A 62 -1.18 -6.14 -7.79
CA ASP A 62 -0.15 -6.92 -8.47
C ASP A 62 0.78 -6.01 -9.27
N ALA A 63 0.19 -5.03 -9.96
CA ALA A 63 0.97 -4.09 -10.76
C ALA A 63 1.93 -3.29 -9.89
N ALA A 64 1.42 -2.78 -8.77
CA ALA A 64 2.23 -1.99 -7.85
C ALA A 64 3.35 -2.83 -7.25
N ILE A 65 2.98 -3.84 -6.47
CA ILE A 65 3.97 -4.71 -5.84
C ILE A 65 5.01 -5.18 -6.86
N GLU A 66 4.65 -5.12 -8.13
CA GLU A 66 5.57 -5.54 -9.20
C GLU A 66 6.46 -4.39 -9.62
N ALA A 67 5.85 -3.25 -9.92
CA ALA A 67 6.59 -2.07 -10.34
C ALA A 67 6.80 -1.11 -9.19
N MET A 68 5.71 -0.65 -8.59
CA MET A 68 5.78 0.28 -7.47
C MET A 68 6.80 -0.19 -6.44
N ASN A 69 6.99 -1.50 -6.35
CA ASN A 69 7.94 -2.08 -5.40
C ASN A 69 9.37 -1.65 -5.75
N GLY A 70 9.68 -0.39 -5.45
CA GLY A 70 11.01 0.12 -5.74
C GLY A 70 10.98 1.45 -6.45
N GLN A 71 9.90 1.71 -7.18
CA GLN A 71 9.76 2.96 -7.92
C GLN A 71 10.40 4.12 -7.15
N TYR A 72 11.27 4.86 -7.84
CA TYR A 72 11.95 5.99 -7.23
C TYR A 72 10.99 7.16 -7.03
N LEU A 73 10.53 7.34 -5.80
CA LEU A 73 9.62 8.42 -5.47
C LEU A 73 10.37 9.68 -5.08
N CYS A 74 9.64 10.77 -4.88
CA CYS A 74 10.25 12.04 -4.51
C CYS A 74 11.49 11.82 -3.66
N ASN A 75 12.64 11.73 -4.32
CA ASN A 75 13.91 11.52 -3.63
C ASN A 75 13.74 10.53 -2.47
N ARG A 76 13.07 9.42 -2.75
CA ARG A 76 12.84 8.40 -1.73
C ARG A 76 12.26 7.13 -2.36
N PRO A 77 13.04 6.05 -2.34
CA PRO A 77 12.62 4.76 -2.91
C PRO A 77 11.52 4.10 -2.08
N ILE A 78 10.32 4.05 -2.64
CA ILE A 78 9.19 3.44 -1.96
C ILE A 78 9.27 1.92 -2.00
N THR A 79 8.47 1.26 -1.16
CA THR A 79 8.46 -0.19 -1.10
C THR A 79 7.05 -0.72 -0.84
N VAL A 80 6.49 -1.41 -1.83
CA VAL A 80 5.15 -1.98 -1.72
C VAL A 80 5.20 -3.45 -1.35
N SER A 81 4.39 -3.84 -0.37
CA SER A 81 4.35 -5.22 0.07
C SER A 81 3.01 -5.55 0.72
N TYR A 82 2.35 -6.59 0.22
CA TYR A 82 1.05 -6.99 0.74
C TYR A 82 0.99 -6.80 2.26
N ALA A 83 -0.04 -6.09 2.72
CA ALA A 83 -0.22 -5.83 4.14
C ALA A 83 -1.00 -6.95 4.81
N PHE A 84 -0.90 -8.15 4.24
CA PHE A 84 -1.58 -9.32 4.79
C PHE A 84 -0.59 -10.39 5.22
N LYS A 85 0.42 -9.99 5.99
CA LYS A 85 1.44 -10.91 6.46
C LYS A 85 2.14 -10.37 7.70
N LYS A 86 1.96 -11.04 8.82
CA LYS A 86 2.58 -10.63 10.08
C LYS A 86 3.63 -11.64 10.52
N ASP A 87 4.60 -11.91 9.66
CA ASP A 87 5.67 -12.85 9.97
C ASP A 87 6.92 -12.54 9.17
N SER A 88 8.03 -12.33 9.87
CA SER A 88 9.30 -12.02 9.22
C SER A 88 9.67 -13.10 8.20
N LYS A 89 9.62 -14.36 8.63
CA LYS A 89 9.95 -15.48 7.77
C LYS A 89 8.88 -16.56 7.86
N GLY A 90 8.52 -17.13 6.72
CA GLY A 90 7.51 -18.17 6.69
C GLY A 90 8.08 -19.54 6.96
N SER A 91 9.00 -19.98 6.11
CA SER A 91 9.62 -21.29 6.28
C SER A 91 10.44 -21.35 7.57
N GLY A 92 10.10 -22.30 8.44
CA GLY A 92 10.80 -22.44 9.70
C GLY A 92 11.75 -23.64 9.70
N PRO A 93 13.01 -23.39 9.35
CA PRO A 93 14.04 -24.43 9.31
C PRO A 93 14.42 -24.94 10.70
N SER A 94 14.18 -26.22 10.94
CA SER A 94 14.49 -26.82 12.24
C SER A 94 15.83 -27.54 12.20
N SER A 95 16.72 -27.17 13.10
CA SER A 95 18.05 -27.78 13.16
C SER A 95 18.42 -28.12 14.60
N GLY A 96 19.09 -29.26 14.79
CA GLY A 96 19.49 -29.68 16.11
C GLY A 96 21.00 -29.63 16.31
N GLY A 1 -16.00 -1.63 -7.33
CA GLY A 1 -16.58 -2.02 -6.05
C GLY A 1 -15.54 -2.49 -5.06
N SER A 2 -15.97 -2.71 -3.81
CA SER A 2 -15.06 -3.16 -2.77
C SER A 2 -15.15 -4.67 -2.59
N SER A 3 -14.11 -5.38 -2.99
CA SER A 3 -14.07 -6.82 -2.88
C SER A 3 -13.03 -7.27 -1.84
N GLY A 4 -13.45 -8.13 -0.93
CA GLY A 4 -12.54 -8.62 0.10
C GLY A 4 -11.70 -7.50 0.70
N SER A 5 -10.67 -7.88 1.45
CA SER A 5 -9.79 -6.91 2.09
C SER A 5 -8.33 -7.18 1.72
N SER A 6 -7.91 -6.64 0.58
CA SER A 6 -6.54 -6.82 0.12
C SER A 6 -5.80 -5.49 0.07
N GLY A 7 -5.32 -5.04 1.23
CA GLY A 7 -4.60 -3.79 1.30
C GLY A 7 -3.10 -3.96 1.09
N ILE A 8 -2.43 -2.88 0.69
CA ILE A 8 -1.00 -2.92 0.46
C ILE A 8 -0.26 -1.93 1.35
N PHE A 9 0.94 -2.32 1.79
CA PHE A 9 1.74 -1.47 2.66
C PHE A 9 2.83 -0.76 1.86
N ILE A 10 3.05 0.52 2.15
CA ILE A 10 4.06 1.30 1.47
C ILE A 10 4.92 2.08 2.46
N GLY A 11 6.23 1.89 2.37
CA GLY A 11 7.15 2.58 3.27
C GLY A 11 8.16 3.42 2.53
N ASN A 12 8.87 4.27 3.26
CA ASN A 12 9.88 5.13 2.66
C ASN A 12 9.23 6.21 1.81
N LEU A 13 8.14 6.78 2.31
CA LEU A 13 7.42 7.83 1.59
C LEU A 13 7.93 9.21 1.99
N ASP A 14 8.23 10.03 1.00
CA ASP A 14 8.71 11.39 1.25
C ASP A 14 7.71 12.19 2.06
N PRO A 15 8.22 12.99 3.02
CA PRO A 15 7.38 13.82 3.88
C PRO A 15 6.73 14.98 3.13
N GLU A 16 7.15 15.16 1.88
CA GLU A 16 6.60 16.23 1.05
C GLU A 16 5.36 15.75 0.30
N ILE A 17 5.17 14.44 0.25
CA ILE A 17 4.03 13.86 -0.44
C ILE A 17 2.76 14.01 0.38
N ASP A 18 1.63 14.17 -0.31
CA ASP A 18 0.34 14.32 0.37
C ASP A 18 -0.63 13.23 -0.06
N GLU A 19 -1.64 12.99 0.76
CA GLU A 19 -2.63 11.96 0.48
C GLU A 19 -3.11 12.05 -0.98
N LYS A 20 -3.32 13.28 -1.44
CA LYS A 20 -3.76 13.50 -2.81
C LYS A 20 -2.82 12.86 -3.81
N LEU A 21 -1.58 13.34 -3.84
CA LEU A 21 -0.57 12.80 -4.75
C LEU A 21 -0.65 11.28 -4.82
N LEU A 22 -0.30 10.63 -3.70
CA LEU A 22 -0.34 9.17 -3.63
C LEU A 22 -1.56 8.62 -4.36
N TYR A 23 -2.73 9.11 -3.99
CA TYR A 23 -3.98 8.67 -4.61
C TYR A 23 -3.83 8.54 -6.12
N ASP A 24 -3.35 9.60 -6.75
CA ASP A 24 -3.14 9.62 -8.19
C ASP A 24 -1.96 8.74 -8.59
N THR A 25 -0.80 9.03 -8.00
CA THR A 25 0.41 8.28 -8.29
C THR A 25 0.12 6.79 -8.40
N PHE A 26 -0.83 6.31 -7.59
CA PHE A 26 -1.21 4.91 -7.59
C PHE A 26 -2.40 4.66 -8.52
N SER A 27 -3.32 5.61 -8.53
CA SER A 27 -4.51 5.50 -9.36
C SER A 27 -4.15 5.02 -10.76
N ALA A 28 -2.89 5.24 -11.15
CA ALA A 28 -2.42 4.83 -12.47
C ALA A 28 -2.52 3.32 -12.64
N PHE A 29 -2.15 2.58 -11.59
CA PHE A 29 -2.19 1.13 -11.64
C PHE A 29 -3.64 0.63 -11.60
N GLY A 30 -4.34 0.93 -10.52
CA GLY A 30 -5.72 0.49 -10.37
C GLY A 30 -6.61 1.58 -9.79
N VAL A 31 -7.72 1.18 -9.20
CA VAL A 31 -8.66 2.11 -8.60
C VAL A 31 -8.65 2.00 -7.08
N ILE A 32 -8.43 3.12 -6.40
CA ILE A 32 -8.40 3.14 -4.95
C ILE A 32 -9.81 3.20 -4.37
N LEU A 33 -10.04 2.45 -3.30
CA LEU A 33 -11.34 2.42 -2.66
C LEU A 33 -11.67 3.75 -2.00
N GLN A 34 -10.72 4.26 -1.22
CA GLN A 34 -10.91 5.54 -0.53
C GLN A 34 -9.56 6.19 -0.23
N THR A 35 -9.59 7.48 0.04
CA THR A 35 -8.37 8.23 0.35
C THR A 35 -7.40 7.37 1.16
N PRO A 36 -6.11 7.43 0.80
CA PRO A 36 -5.06 6.68 1.49
C PRO A 36 -4.79 7.21 2.89
N LYS A 37 -4.33 6.31 3.77
CA LYS A 37 -4.03 6.69 5.15
C LYS A 37 -2.53 6.83 5.36
N ILE A 38 -2.13 7.90 6.04
CA ILE A 38 -0.72 8.14 6.32
C ILE A 38 -0.45 8.23 7.82
N MET A 39 0.60 7.57 8.27
CA MET A 39 0.97 7.58 9.68
C MET A 39 1.67 8.87 10.05
N ARG A 40 1.30 9.45 11.20
CA ARG A 40 1.90 10.68 11.66
C ARG A 40 2.32 10.57 13.13
N ASP A 41 3.53 11.04 13.43
CA ASP A 41 4.04 10.99 14.79
C ASP A 41 3.30 11.97 15.69
N PRO A 42 2.81 11.45 16.84
CA PRO A 42 2.07 12.26 17.81
C PRO A 42 2.96 13.28 18.53
N ASP A 43 4.13 12.83 18.95
CA ASP A 43 5.08 13.70 19.64
C ASP A 43 5.45 14.90 18.78
N THR A 44 6.13 14.64 17.66
CA THR A 44 6.54 15.69 16.74
C THR A 44 5.37 16.18 15.90
N GLY A 45 4.98 15.37 14.92
CA GLY A 45 3.88 15.74 14.05
C GLY A 45 4.25 15.72 12.58
N ASN A 46 4.85 14.62 12.14
CA ASN A 46 5.26 14.49 10.75
C ASN A 46 5.03 13.08 10.24
N SER A 47 4.83 12.95 8.93
CA SER A 47 4.58 11.64 8.33
C SER A 47 5.61 10.62 8.81
N LYS A 48 5.16 9.70 9.65
CA LYS A 48 6.03 8.66 10.19
C LYS A 48 7.00 8.17 9.13
N GLY A 49 6.50 7.94 7.92
CA GLY A 49 7.33 7.47 6.84
C GLY A 49 6.70 6.34 6.05
N TYR A 50 5.63 5.77 6.60
CA TYR A 50 4.93 4.68 5.95
C TYR A 50 3.42 4.92 5.93
N ALA A 51 2.78 4.51 4.84
CA ALA A 51 1.34 4.69 4.70
C ALA A 51 0.67 3.39 4.25
N PHE A 52 -0.66 3.37 4.31
CA PHE A 52 -1.42 2.19 3.92
C PHE A 52 -2.48 2.55 2.88
N ILE A 53 -2.55 1.77 1.81
CA ILE A 53 -3.53 2.01 0.75
C ILE A 53 -4.25 0.72 0.38
N ASN A 54 -5.56 0.83 0.19
CA ASN A 54 -6.39 -0.32 -0.17
C ASN A 54 -6.97 -0.15 -1.56
N PHE A 55 -6.55 -1.03 -2.48
CA PHE A 55 -7.04 -0.98 -3.86
C PHE A 55 -8.42 -1.62 -3.97
N ALA A 56 -9.08 -1.37 -5.09
CA ALA A 56 -10.41 -1.92 -5.33
C ALA A 56 -10.33 -3.27 -6.04
N SER A 57 -9.19 -3.52 -6.68
CA SER A 57 -8.99 -4.77 -7.41
C SER A 57 -7.63 -5.37 -7.09
N PHE A 58 -7.62 -6.66 -6.79
CA PHE A 58 -6.38 -7.36 -6.46
C PHE A 58 -5.30 -7.08 -7.50
N ASP A 59 -5.72 -6.95 -8.76
CA ASP A 59 -4.79 -6.69 -9.85
C ASP A 59 -3.96 -5.43 -9.56
N ALA A 60 -4.62 -4.39 -9.07
CA ALA A 60 -3.94 -3.14 -8.75
C ALA A 60 -2.80 -3.37 -7.76
N SER A 61 -2.96 -4.38 -6.91
CA SER A 61 -1.94 -4.70 -5.92
C SER A 61 -0.76 -5.41 -6.56
N ASP A 62 -1.03 -6.33 -7.47
CA ASP A 62 0.00 -7.07 -8.15
C ASP A 62 0.88 -6.15 -8.99
N ALA A 63 0.24 -5.40 -9.89
CA ALA A 63 0.95 -4.47 -10.76
C ALA A 63 1.91 -3.59 -9.95
N ALA A 64 1.40 -2.99 -8.88
CA ALA A 64 2.21 -2.13 -8.03
C ALA A 64 3.37 -2.90 -7.42
N ILE A 65 3.06 -3.82 -6.52
CA ILE A 65 4.08 -4.64 -5.86
C ILE A 65 5.14 -5.08 -6.86
N GLU A 66 4.75 -5.26 -8.10
CA GLU A 66 5.67 -5.68 -9.15
C GLU A 66 6.58 -4.53 -9.58
N ALA A 67 5.97 -3.40 -9.92
CA ALA A 67 6.72 -2.23 -10.34
C ALA A 67 6.95 -1.27 -9.17
N MET A 68 5.85 -0.77 -8.60
CA MET A 68 5.93 0.16 -7.48
C MET A 68 7.03 -0.26 -6.51
N ASN A 69 7.10 -1.56 -6.23
CA ASN A 69 8.10 -2.09 -5.31
C ASN A 69 9.51 -1.71 -5.77
N GLY A 70 10.04 -0.63 -5.19
CA GLY A 70 11.37 -0.18 -5.54
C GLY A 70 11.35 1.12 -6.31
N GLN A 71 10.20 1.46 -6.87
CA GLN A 71 10.06 2.69 -7.64
C GLN A 71 10.68 3.87 -6.90
N TYR A 72 11.45 4.67 -7.63
CA TYR A 72 12.12 5.83 -7.05
C TYR A 72 11.15 7.01 -6.96
N LEU A 73 10.56 7.20 -5.78
CA LEU A 73 9.62 8.28 -5.55
C LEU A 73 10.35 9.56 -5.13
N CYS A 74 9.61 10.65 -5.02
CA CYS A 74 10.19 11.93 -4.63
C CYS A 74 11.37 11.73 -3.68
N ASN A 75 12.56 11.62 -4.27
CA ASN A 75 13.77 11.41 -3.48
C ASN A 75 13.52 10.46 -2.32
N ARG A 76 12.88 9.33 -2.62
CA ARG A 76 12.58 8.33 -1.61
C ARG A 76 12.05 7.05 -2.24
N PRO A 77 12.90 6.00 -2.26
CA PRO A 77 12.54 4.71 -2.83
C PRO A 77 11.49 3.97 -2.00
N ILE A 78 10.24 4.05 -2.44
CA ILE A 78 9.14 3.40 -1.74
C ILE A 78 9.22 1.88 -1.91
N THR A 79 8.65 1.16 -0.94
CA THR A 79 8.65 -0.29 -0.98
C THR A 79 7.25 -0.85 -0.73
N VAL A 80 6.68 -1.48 -1.75
CA VAL A 80 5.35 -2.06 -1.64
C VAL A 80 5.42 -3.52 -1.22
N SER A 81 4.49 -3.92 -0.36
CA SER A 81 4.44 -5.29 0.14
C SER A 81 3.10 -5.60 0.77
N TYR A 82 2.53 -6.75 0.43
CA TYR A 82 1.23 -7.16 0.96
C TYR A 82 1.22 -7.07 2.48
N ALA A 83 0.62 -6.00 2.99
CA ALA A 83 0.54 -5.78 4.43
C ALA A 83 0.29 -7.10 5.16
N PHE A 84 1.07 -7.35 6.21
CA PHE A 84 0.94 -8.57 6.99
C PHE A 84 -0.11 -8.40 8.09
N LYS A 85 -1.00 -9.38 8.21
CA LYS A 85 -2.05 -9.33 9.22
C LYS A 85 -2.29 -10.72 9.80
N LYS A 86 -3.13 -10.78 10.83
CA LYS A 86 -3.46 -12.05 11.49
C LYS A 86 -4.77 -12.61 10.96
N ASP A 87 -4.70 -13.74 10.27
CA ASP A 87 -5.88 -14.38 9.72
C ASP A 87 -6.37 -15.50 10.63
N SER A 88 -7.54 -16.05 10.32
CA SER A 88 -8.12 -17.12 11.13
C SER A 88 -8.95 -18.06 10.25
N LYS A 89 -9.08 -19.30 10.69
CA LYS A 89 -9.85 -20.31 9.96
C LYS A 89 -11.28 -19.84 9.73
N GLY A 90 -11.67 -19.73 8.46
CA GLY A 90 -13.01 -19.30 8.13
C GLY A 90 -13.66 -20.15 7.05
N SER A 91 -13.57 -21.46 7.22
CA SER A 91 -14.15 -22.39 6.25
C SER A 91 -14.32 -23.78 6.86
N GLY A 92 -15.39 -24.46 6.46
CA GLY A 92 -15.66 -25.79 6.98
C GLY A 92 -16.81 -26.48 6.26
N PRO A 93 -16.79 -27.81 6.25
CA PRO A 93 -17.84 -28.61 5.59
C PRO A 93 -19.16 -28.54 6.35
N SER A 94 -20.25 -28.43 5.59
CA SER A 94 -21.59 -28.35 6.19
C SER A 94 -22.42 -29.58 5.81
N SER A 95 -23.44 -29.85 6.61
CA SER A 95 -24.32 -31.00 6.36
C SER A 95 -25.55 -30.57 5.58
N GLY A 96 -26.11 -31.52 4.82
CA GLY A 96 -27.30 -31.23 4.03
C GLY A 96 -27.55 -32.28 2.96
N GLY A 1 -19.37 -2.97 -5.72
CA GLY A 1 -18.25 -2.06 -5.93
C GLY A 1 -16.93 -2.70 -5.56
N SER A 2 -16.58 -2.65 -4.28
CA SER A 2 -15.33 -3.21 -3.80
C SER A 2 -15.21 -4.68 -4.20
N SER A 3 -14.01 -5.08 -4.63
CA SER A 3 -13.76 -6.45 -5.06
C SER A 3 -12.57 -7.04 -4.31
N GLY A 4 -12.86 -7.68 -3.18
CA GLY A 4 -11.80 -8.29 -2.39
C GLY A 4 -10.73 -7.29 -1.99
N SER A 5 -10.77 -6.86 -0.73
CA SER A 5 -9.80 -5.88 -0.23
C SER A 5 -8.38 -6.42 -0.35
N SER A 6 -7.54 -5.68 -1.04
CA SER A 6 -6.14 -6.08 -1.25
C SER A 6 -5.19 -5.05 -0.63
N GLY A 7 -5.52 -4.62 0.58
CA GLY A 7 -4.68 -3.64 1.27
C GLY A 7 -3.20 -3.86 1.00
N ILE A 8 -2.46 -2.78 0.85
CA ILE A 8 -1.03 -2.86 0.60
C ILE A 8 -0.25 -1.92 1.52
N PHE A 9 0.94 -2.34 1.92
CA PHE A 9 1.78 -1.54 2.79
C PHE A 9 2.85 -0.79 1.99
N ILE A 10 3.06 0.47 2.33
CA ILE A 10 4.05 1.30 1.63
C ILE A 10 4.97 2.01 2.63
N GLY A 11 6.27 1.95 2.38
CA GLY A 11 7.23 2.60 3.24
C GLY A 11 8.21 3.47 2.49
N ASN A 12 8.87 4.37 3.22
CA ASN A 12 9.85 5.27 2.61
C ASN A 12 9.16 6.28 1.70
N LEU A 13 8.18 6.99 2.27
CA LEU A 13 7.44 8.00 1.52
C LEU A 13 7.87 9.40 1.91
N ASP A 14 8.42 10.14 0.96
CA ASP A 14 8.88 11.51 1.21
C ASP A 14 7.87 12.26 2.07
N PRO A 15 8.38 13.07 3.01
CA PRO A 15 7.54 13.86 3.92
C PRO A 15 6.84 15.00 3.20
N GLU A 16 7.08 15.12 1.90
CA GLU A 16 6.46 16.17 1.09
C GLU A 16 5.25 15.63 0.34
N ILE A 17 5.05 14.32 0.39
CA ILE A 17 3.93 13.69 -0.28
C ILE A 17 2.67 13.73 0.58
N ASP A 18 1.52 13.86 -0.08
CA ASP A 18 0.24 13.91 0.63
C ASP A 18 -0.73 12.88 0.07
N GLU A 19 -1.82 12.64 0.79
CA GLU A 19 -2.83 11.68 0.36
C GLU A 19 -3.23 11.92 -1.09
N LYS A 20 -3.47 13.18 -1.44
CA LYS A 20 -3.85 13.54 -2.79
C LYS A 20 -2.89 12.94 -3.81
N LEU A 21 -1.62 13.28 -3.69
CA LEU A 21 -0.59 12.77 -4.60
C LEU A 21 -0.65 11.25 -4.68
N LEU A 22 -0.27 10.59 -3.58
CA LEU A 22 -0.28 9.13 -3.52
C LEU A 22 -1.47 8.57 -4.29
N TYR A 23 -2.65 9.13 -4.07
CA TYR A 23 -3.86 8.70 -4.74
C TYR A 23 -3.65 8.59 -6.24
N ASP A 24 -3.22 9.69 -6.85
CA ASP A 24 -2.95 9.73 -8.29
C ASP A 24 -1.73 8.90 -8.64
N THR A 25 -0.63 9.14 -7.95
CA THR A 25 0.61 8.42 -8.20
C THR A 25 0.35 6.92 -8.35
N PHE A 26 -0.62 6.42 -7.60
CA PHE A 26 -0.96 5.00 -7.65
C PHE A 26 -2.10 4.75 -8.65
N SER A 27 -3.09 5.64 -8.62
CA SER A 27 -4.24 5.52 -9.53
C SER A 27 -3.82 4.92 -10.87
N ALA A 28 -2.79 5.51 -11.48
CA ALA A 28 -2.29 5.03 -12.76
C ALA A 28 -2.32 3.51 -12.83
N PHE A 29 -1.76 2.86 -11.82
CA PHE A 29 -1.72 1.40 -11.77
C PHE A 29 -3.14 0.83 -11.68
N GLY A 30 -3.79 1.06 -10.55
CA GLY A 30 -5.15 0.56 -10.35
C GLY A 30 -6.05 1.56 -9.65
N VAL A 31 -7.31 1.22 -9.52
CA VAL A 31 -8.27 2.10 -8.87
C VAL A 31 -8.23 1.94 -7.35
N ILE A 32 -8.15 3.06 -6.65
CA ILE A 32 -8.10 3.05 -5.19
C ILE A 32 -9.49 2.93 -4.59
N LEU A 33 -9.59 2.25 -3.45
CA LEU A 33 -10.87 2.07 -2.77
C LEU A 33 -11.30 3.35 -2.06
N GLN A 34 -10.38 3.93 -1.30
CA GLN A 34 -10.66 5.16 -0.56
C GLN A 34 -9.37 5.89 -0.22
N THR A 35 -9.52 7.15 0.20
CA THR A 35 -8.36 7.97 0.56
C THR A 35 -7.32 7.16 1.31
N PRO A 36 -6.06 7.28 0.90
CA PRO A 36 -4.94 6.56 1.53
C PRO A 36 -4.63 7.08 2.93
N LYS A 37 -4.29 6.16 3.83
CA LYS A 37 -3.98 6.52 5.21
C LYS A 37 -2.47 6.70 5.39
N ILE A 38 -2.09 7.83 5.99
CA ILE A 38 -0.68 8.12 6.22
C ILE A 38 -0.40 8.29 7.71
N MET A 39 0.55 7.50 8.21
CA MET A 39 0.92 7.54 9.62
C MET A 39 1.78 8.77 9.92
N ARG A 40 1.40 9.52 10.94
CA ARG A 40 2.13 10.72 11.32
C ARG A 40 2.26 10.82 12.84
N ASP A 41 3.35 11.45 13.29
CA ASP A 41 3.60 11.61 14.72
C ASP A 41 2.72 12.72 15.30
N PRO A 42 1.90 12.36 16.29
CA PRO A 42 0.99 13.30 16.96
C PRO A 42 1.75 14.32 17.81
N ASP A 43 3.05 14.09 18.00
CA ASP A 43 3.88 14.98 18.80
C ASP A 43 4.23 16.24 18.00
N THR A 44 4.54 16.06 16.73
CA THR A 44 4.90 17.18 15.86
C THR A 44 4.02 17.22 14.62
N GLY A 45 3.89 16.07 13.95
CA GLY A 45 3.06 16.00 12.76
C GLY A 45 3.87 15.72 11.51
N ASN A 46 4.91 14.89 11.67
CA ASN A 46 5.77 14.53 10.54
C ASN A 46 5.49 13.10 10.07
N SER A 47 5.25 12.95 8.78
CA SER A 47 4.97 11.64 8.20
C SER A 47 5.97 10.60 8.70
N LYS A 48 5.47 9.60 9.41
CA LYS A 48 6.32 8.54 9.94
C LYS A 48 7.21 7.96 8.85
N GLY A 49 6.64 7.77 7.67
CA GLY A 49 7.40 7.23 6.55
C GLY A 49 6.69 6.09 5.86
N TYR A 50 5.69 5.52 6.54
CA TYR A 50 4.93 4.40 5.99
C TYR A 50 3.45 4.75 5.91
N ALA A 51 2.80 4.35 4.82
CA ALA A 51 1.38 4.61 4.62
C ALA A 51 0.65 3.34 4.19
N PHE A 52 -0.66 3.34 4.39
CA PHE A 52 -1.49 2.19 4.03
C PHE A 52 -2.49 2.57 2.93
N ILE A 53 -2.50 1.80 1.85
CA ILE A 53 -3.41 2.05 0.75
C ILE A 53 -4.14 0.78 0.33
N ASN A 54 -5.43 0.90 0.04
CA ASN A 54 -6.24 -0.24 -0.38
C ASN A 54 -6.70 -0.09 -1.81
N PHE A 55 -6.62 -1.17 -2.58
CA PHE A 55 -7.03 -1.15 -3.98
C PHE A 55 -8.39 -1.84 -4.15
N ALA A 56 -9.02 -1.57 -5.29
CA ALA A 56 -10.33 -2.16 -5.59
C ALA A 56 -10.23 -3.68 -5.70
N SER A 57 -9.24 -4.16 -6.44
CA SER A 57 -9.04 -5.59 -6.62
C SER A 57 -7.59 -5.97 -6.41
N PHE A 58 -7.32 -7.27 -6.34
CA PHE A 58 -5.96 -7.77 -6.14
C PHE A 58 -5.08 -7.43 -7.34
N ASP A 59 -5.61 -7.63 -8.54
CA ASP A 59 -4.87 -7.35 -9.77
C ASP A 59 -4.20 -5.99 -9.69
N ALA A 60 -4.95 -4.98 -9.25
CA ALA A 60 -4.42 -3.63 -9.13
C ALA A 60 -3.20 -3.59 -8.23
N SER A 61 -3.32 -4.20 -7.05
CA SER A 61 -2.22 -4.23 -6.09
C SER A 61 -1.01 -4.96 -6.68
N ASP A 62 -1.28 -6.07 -7.35
CA ASP A 62 -0.21 -6.87 -7.97
C ASP A 62 0.67 -6.00 -8.85
N ALA A 63 0.04 -5.17 -9.68
CA ALA A 63 0.78 -4.29 -10.58
C ALA A 63 1.79 -3.45 -9.81
N ALA A 64 1.33 -2.80 -8.75
CA ALA A 64 2.19 -1.95 -7.93
C ALA A 64 3.30 -2.78 -7.28
N ILE A 65 2.91 -3.75 -6.46
CA ILE A 65 3.87 -4.61 -5.78
C ILE A 65 4.99 -5.02 -6.72
N GLU A 66 4.70 -5.05 -8.01
CA GLU A 66 5.69 -5.43 -9.01
C GLU A 66 6.52 -4.23 -9.45
N ALA A 67 5.85 -3.19 -9.92
CA ALA A 67 6.52 -1.98 -10.37
C ALA A 67 6.77 -1.02 -9.20
N MET A 68 5.69 -0.60 -8.55
CA MET A 68 5.79 0.31 -7.42
C MET A 68 6.86 -0.16 -6.44
N ASN A 69 7.03 -1.48 -6.33
CA ASN A 69 8.01 -2.05 -5.43
C ASN A 69 9.42 -1.59 -5.80
N GLY A 70 9.79 -0.41 -5.31
CA GLY A 70 11.11 0.13 -5.60
C GLY A 70 11.05 1.45 -6.35
N GLN A 71 9.90 1.71 -6.99
CA GLN A 71 9.72 2.94 -7.74
C GLN A 71 10.36 4.12 -7.02
N TYR A 72 11.29 4.79 -7.69
CA TYR A 72 11.98 5.94 -7.12
C TYR A 72 11.03 7.13 -6.99
N LEU A 73 10.54 7.36 -5.77
CA LEU A 73 9.63 8.46 -5.52
C LEU A 73 10.40 9.73 -5.15
N CYS A 74 9.68 10.83 -5.01
CA CYS A 74 10.29 12.11 -4.66
C CYS A 74 11.50 11.90 -3.75
N ASN A 75 12.67 11.77 -4.36
CA ASN A 75 13.90 11.57 -3.60
C ASN A 75 13.68 10.60 -2.44
N ARG A 76 13.03 9.48 -2.74
CA ARG A 76 12.76 8.47 -1.72
C ARG A 76 12.23 7.18 -2.35
N PRO A 77 13.06 6.13 -2.33
CA PRO A 77 12.71 4.83 -2.89
C PRO A 77 11.62 4.12 -2.08
N ILE A 78 10.39 4.17 -2.58
CA ILE A 78 9.27 3.53 -1.91
C ILE A 78 9.34 2.01 -2.03
N THR A 79 8.65 1.31 -1.15
CA THR A 79 8.63 -0.15 -1.16
C THR A 79 7.24 -0.69 -0.85
N VAL A 80 6.62 -1.32 -1.83
CA VAL A 80 5.29 -1.88 -1.66
C VAL A 80 5.36 -3.38 -1.35
N SER A 81 4.48 -3.83 -0.46
CA SER A 81 4.45 -5.24 -0.07
C SER A 81 3.13 -5.57 0.64
N TYR A 82 2.50 -6.67 0.22
CA TYR A 82 1.24 -7.09 0.81
C TYR A 82 1.28 -6.96 2.33
N ALA A 83 0.35 -6.17 2.86
CA ALA A 83 0.27 -5.96 4.30
C ALA A 83 0.44 -7.27 5.06
N PHE A 84 -0.34 -8.27 4.71
CA PHE A 84 -0.27 -9.57 5.36
C PHE A 84 0.08 -10.66 4.35
N LYS A 85 1.02 -11.52 4.73
CA LYS A 85 1.46 -12.62 3.86
C LYS A 85 0.27 -13.23 3.12
N LYS A 86 0.32 -13.16 1.79
CA LYS A 86 -0.75 -13.71 0.97
C LYS A 86 -0.24 -14.86 0.10
N ASP A 87 -1.04 -15.92 0.00
CA ASP A 87 -0.67 -17.08 -0.79
C ASP A 87 -1.89 -17.93 -1.12
N SER A 88 -1.77 -18.76 -2.14
CA SER A 88 -2.87 -19.62 -2.57
C SER A 88 -2.41 -21.08 -2.63
N LYS A 89 -1.37 -21.34 -3.41
CA LYS A 89 -0.84 -22.69 -3.57
C LYS A 89 0.64 -22.73 -3.22
N GLY A 90 1.07 -23.84 -2.63
CA GLY A 90 2.47 -23.99 -2.26
C GLY A 90 3.17 -25.09 -3.03
N SER A 91 4.23 -25.64 -2.46
CA SER A 91 4.99 -26.70 -3.10
C SER A 91 5.04 -27.94 -2.21
N GLY A 92 5.20 -29.11 -2.85
CA GLY A 92 5.27 -30.35 -2.09
C GLY A 92 4.87 -31.54 -2.93
N PRO A 93 5.83 -32.08 -3.70
CA PRO A 93 5.61 -33.24 -4.56
C PRO A 93 5.40 -34.53 -3.77
N SER A 94 4.98 -35.58 -4.46
CA SER A 94 4.74 -36.87 -3.80
C SER A 94 5.06 -38.02 -4.75
N SER A 95 5.17 -39.23 -4.20
CA SER A 95 5.47 -40.41 -4.99
C SER A 95 4.71 -41.62 -4.47
N GLY A 96 4.72 -42.70 -5.25
CA GLY A 96 4.03 -43.91 -4.85
C GLY A 96 2.91 -44.29 -5.81
N GLY A 1 -17.52 -1.99 -3.31
CA GLY A 1 -17.23 -3.28 -2.73
C GLY A 1 -15.81 -3.37 -2.18
N SER A 2 -15.62 -2.95 -0.94
CA SER A 2 -14.31 -2.99 -0.32
C SER A 2 -13.73 -4.40 -0.35
N SER A 3 -12.55 -4.56 0.23
CA SER A 3 -11.88 -5.85 0.26
C SER A 3 -11.59 -6.28 1.69
N GLY A 4 -10.95 -7.44 1.85
CA GLY A 4 -10.63 -7.95 3.16
C GLY A 4 -9.14 -7.91 3.45
N SER A 5 -8.43 -8.94 3.01
CA SER A 5 -6.99 -9.03 3.23
C SER A 5 -6.23 -8.80 1.92
N SER A 6 -6.47 -7.64 1.31
CA SER A 6 -5.81 -7.31 0.04
C SER A 6 -5.00 -6.01 0.18
N GLY A 7 -5.41 -5.17 1.13
CA GLY A 7 -4.72 -3.91 1.36
C GLY A 7 -3.22 -4.04 1.24
N ILE A 8 -2.59 -3.05 0.64
CA ILE A 8 -1.14 -3.06 0.46
C ILE A 8 -0.46 -2.07 1.41
N PHE A 9 0.73 -2.43 1.88
CA PHE A 9 1.47 -1.57 2.79
C PHE A 9 2.64 -0.90 2.08
N ILE A 10 2.76 0.41 2.25
CA ILE A 10 3.83 1.18 1.62
C ILE A 10 4.68 1.90 2.66
N GLY A 11 5.99 1.84 2.48
CA GLY A 11 6.90 2.49 3.41
C GLY A 11 7.96 3.31 2.71
N ASN A 12 8.55 4.25 3.44
CA ASN A 12 9.58 5.12 2.88
C ASN A 12 8.97 6.16 1.94
N LEU A 13 8.02 6.92 2.46
CA LEU A 13 7.35 7.95 1.67
C LEU A 13 7.88 9.34 2.04
N ASP A 14 8.24 10.11 1.02
CA ASP A 14 8.75 11.46 1.23
C ASP A 14 7.82 12.26 2.12
N PRO A 15 8.41 13.05 3.04
CA PRO A 15 7.65 13.88 3.97
C PRO A 15 6.95 15.05 3.26
N GLU A 16 7.16 15.16 1.95
CA GLU A 16 6.54 16.22 1.17
C GLU A 16 5.30 15.72 0.44
N ILE A 17 5.19 14.40 0.31
CA ILE A 17 4.04 13.79 -0.36
C ILE A 17 2.77 13.95 0.47
N ASP A 18 1.66 14.16 -0.21
CA ASP A 18 0.37 14.32 0.45
C ASP A 18 -0.63 13.26 -0.02
N GLU A 19 -1.64 13.00 0.80
CA GLU A 19 -2.66 12.02 0.47
C GLU A 19 -3.09 12.15 -0.99
N LYS A 20 -3.31 13.38 -1.43
CA LYS A 20 -3.72 13.64 -2.80
C LYS A 20 -2.74 13.03 -3.79
N LEU A 21 -1.48 13.41 -3.69
CA LEU A 21 -0.44 12.90 -4.58
C LEU A 21 -0.51 11.38 -4.66
N LEU A 22 -0.16 10.72 -3.55
CA LEU A 22 -0.19 9.26 -3.49
C LEU A 22 -1.38 8.70 -4.25
N TYR A 23 -2.58 9.18 -3.92
CA TYR A 23 -3.80 8.73 -4.57
C TYR A 23 -3.59 8.58 -6.07
N ASP A 24 -3.23 9.69 -6.73
CA ASP A 24 -3.00 9.68 -8.17
C ASP A 24 -1.79 8.83 -8.52
N THR A 25 -0.64 9.17 -7.92
CA THR A 25 0.59 8.43 -8.18
C THR A 25 0.33 6.94 -8.32
N PHE A 26 -0.62 6.43 -7.54
CA PHE A 26 -0.96 5.02 -7.56
C PHE A 26 -2.19 4.78 -8.45
N SER A 27 -3.07 5.77 -8.50
CA SER A 27 -4.29 5.68 -9.30
C SER A 27 -3.98 5.23 -10.72
N ALA A 28 -2.80 5.63 -11.21
CA ALA A 28 -2.38 5.28 -12.55
C ALA A 28 -2.47 3.77 -12.78
N PHE A 29 -1.97 3.01 -11.81
CA PHE A 29 -2.00 1.55 -11.91
C PHE A 29 -3.42 1.02 -11.78
N GLY A 30 -3.99 1.13 -10.59
CA GLY A 30 -5.35 0.66 -10.35
C GLY A 30 -6.22 1.71 -9.70
N VAL A 31 -7.46 1.34 -9.38
CA VAL A 31 -8.39 2.25 -8.75
C VAL A 31 -8.39 2.10 -7.23
N ILE A 32 -8.16 3.20 -6.53
CA ILE A 32 -8.13 3.19 -5.08
C ILE A 32 -9.54 3.13 -4.50
N LEU A 33 -9.71 2.33 -3.44
CA LEU A 33 -11.00 2.18 -2.80
C LEU A 33 -11.43 3.48 -2.12
N GLN A 34 -10.55 4.04 -1.31
CA GLN A 34 -10.83 5.29 -0.61
C GLN A 34 -9.54 6.02 -0.24
N THR A 35 -9.66 7.29 0.10
CA THR A 35 -8.51 8.10 0.48
C THR A 35 -7.49 7.27 1.27
N PRO A 36 -6.22 7.36 0.86
CA PRO A 36 -5.14 6.62 1.52
C PRO A 36 -4.83 7.17 2.91
N LYS A 37 -4.38 6.29 3.81
CA LYS A 37 -4.05 6.67 5.17
C LYS A 37 -2.53 6.78 5.36
N ILE A 38 -2.07 7.93 5.86
CA ILE A 38 -0.66 8.15 6.08
C ILE A 38 -0.37 8.32 7.57
N MET A 39 0.39 7.39 8.14
CA MET A 39 0.75 7.45 9.55
C MET A 39 1.68 8.63 9.82
N ARG A 40 1.11 9.74 10.27
CA ARG A 40 1.89 10.93 10.57
C ARG A 40 2.78 10.71 11.79
N ASP A 41 2.18 10.72 12.96
CA ASP A 41 2.93 10.52 14.21
C ASP A 41 1.98 10.44 15.40
N PRO A 42 2.45 9.83 16.50
CA PRO A 42 1.67 9.68 17.72
C PRO A 42 1.45 11.01 18.44
N ASP A 43 2.40 11.92 18.26
CA ASP A 43 2.32 13.24 18.89
C ASP A 43 2.47 14.34 17.85
N THR A 44 3.70 14.56 17.39
CA THR A 44 3.98 15.60 16.41
C THR A 44 3.04 15.48 15.21
N GLY A 45 2.52 14.27 14.99
CA GLY A 45 1.61 14.04 13.87
C GLY A 45 2.08 14.73 12.60
N ASN A 46 3.36 14.60 12.30
CA ASN A 46 3.94 15.22 11.11
C ASN A 46 4.04 14.21 9.98
N SER A 47 4.98 13.27 10.11
CA SER A 47 5.19 12.25 9.09
C SER A 47 6.22 11.22 9.56
N LYS A 48 5.80 9.96 9.61
CA LYS A 48 6.70 8.89 10.04
C LYS A 48 7.57 8.41 8.88
N GLY A 49 6.95 8.19 7.72
CA GLY A 49 7.69 7.75 6.56
C GLY A 49 7.05 6.53 5.90
N TYR A 50 5.85 6.18 6.36
CA TYR A 50 5.14 5.03 5.81
C TYR A 50 3.63 5.28 5.79
N ALA A 51 2.94 4.60 4.88
CA ALA A 51 1.49 4.74 4.77
C ALA A 51 0.85 3.44 4.30
N PHE A 52 -0.48 3.42 4.29
CA PHE A 52 -1.22 2.24 3.87
C PHE A 52 -2.32 2.61 2.88
N ILE A 53 -2.44 1.80 1.83
CA ILE A 53 -3.45 2.04 0.80
C ILE A 53 -4.15 0.75 0.40
N ASN A 54 -5.44 0.85 0.10
CA ASN A 54 -6.22 -0.31 -0.30
C ASN A 54 -6.75 -0.16 -1.72
N PHE A 55 -6.53 -1.17 -2.56
CA PHE A 55 -6.98 -1.14 -3.94
C PHE A 55 -8.34 -1.80 -4.08
N ALA A 56 -8.94 -1.67 -5.26
CA ALA A 56 -10.25 -2.25 -5.52
C ALA A 56 -10.16 -3.77 -5.56
N SER A 57 -9.25 -4.30 -6.37
CA SER A 57 -9.08 -5.75 -6.50
C SER A 57 -7.64 -6.14 -6.19
N PHE A 58 -7.38 -7.45 -6.25
CA PHE A 58 -6.04 -7.96 -5.98
C PHE A 58 -5.09 -7.66 -7.15
N ASP A 59 -5.52 -8.02 -8.35
CA ASP A 59 -4.72 -7.78 -9.55
C ASP A 59 -4.05 -6.42 -9.49
N ALA A 60 -4.84 -5.38 -9.23
CA ALA A 60 -4.32 -4.02 -9.16
C ALA A 60 -3.11 -3.94 -8.23
N SER A 61 -3.22 -4.54 -7.05
CA SER A 61 -2.14 -4.54 -6.08
C SER A 61 -0.89 -5.19 -6.67
N ASP A 62 -1.08 -6.07 -7.64
CA ASP A 62 0.02 -6.76 -8.28
C ASP A 62 0.88 -5.79 -9.09
N ALA A 63 0.23 -4.99 -9.93
CA ALA A 63 0.92 -4.02 -10.76
C ALA A 63 1.89 -3.18 -9.92
N ALA A 64 1.41 -2.72 -8.77
CA ALA A 64 2.23 -1.91 -7.88
C ALA A 64 3.42 -2.69 -7.35
N ILE A 65 3.13 -3.75 -6.59
CA ILE A 65 4.18 -4.58 -6.03
C ILE A 65 5.19 -4.99 -7.09
N GLU A 66 4.79 -4.90 -8.35
CA GLU A 66 5.67 -5.24 -9.46
C GLU A 66 6.55 -4.06 -9.85
N ALA A 67 5.94 -2.89 -10.00
CA ALA A 67 6.66 -1.69 -10.37
C ALA A 67 6.87 -0.78 -9.17
N MET A 68 5.77 -0.33 -8.57
CA MET A 68 5.84 0.55 -7.41
C MET A 68 6.87 0.04 -6.40
N ASN A 69 6.96 -1.28 -6.28
CA ASN A 69 7.92 -1.89 -5.36
C ASN A 69 9.35 -1.48 -5.70
N GLY A 70 9.78 -0.35 -5.14
CA GLY A 70 11.12 0.13 -5.40
C GLY A 70 11.14 1.45 -6.15
N GLN A 71 10.05 1.74 -6.85
CA GLN A 71 9.94 2.97 -7.61
C GLN A 71 10.57 4.14 -6.85
N TYR A 72 11.55 4.79 -7.48
CA TYR A 72 12.24 5.91 -6.87
C TYR A 72 11.31 7.12 -6.76
N LEU A 73 10.78 7.36 -5.57
CA LEU A 73 9.88 8.49 -5.34
C LEU A 73 10.67 9.72 -4.90
N CYS A 74 9.96 10.84 -4.77
CA CYS A 74 10.58 12.10 -4.35
C CYS A 74 11.77 11.82 -3.43
N ASN A 75 12.96 11.70 -4.01
CA ASN A 75 14.17 11.44 -3.25
C ASN A 75 13.89 10.47 -2.10
N ARG A 76 13.22 9.37 -2.41
CA ARG A 76 12.89 8.36 -1.39
C ARG A 76 12.34 7.10 -2.04
N PRO A 77 13.13 6.02 -1.98
CA PRO A 77 12.74 4.73 -2.56
C PRO A 77 11.59 4.07 -1.79
N ILE A 78 10.39 4.13 -2.36
CA ILE A 78 9.22 3.52 -1.72
C ILE A 78 9.19 2.02 -1.94
N THR A 79 8.43 1.33 -1.09
CA THR A 79 8.31 -0.12 -1.18
C THR A 79 6.86 -0.56 -1.06
N VAL A 80 6.50 -1.63 -1.77
CA VAL A 80 5.15 -2.16 -1.74
C VAL A 80 5.14 -3.64 -1.38
N SER A 81 4.35 -3.99 -0.37
CA SER A 81 4.25 -5.38 0.08
C SER A 81 2.91 -5.64 0.76
N TYR A 82 2.23 -6.70 0.33
CA TYR A 82 0.94 -7.04 0.90
C TYR A 82 0.97 -7.00 2.42
N ALA A 83 -0.03 -6.37 3.01
CA ALA A 83 -0.12 -6.26 4.46
C ALA A 83 -0.27 -7.63 5.12
N PHE A 84 -0.07 -7.67 6.43
CA PHE A 84 -0.17 -8.92 7.17
C PHE A 84 -1.38 -9.73 6.71
N LYS A 85 -1.23 -11.06 6.68
CA LYS A 85 -2.30 -11.94 6.26
C LYS A 85 -2.24 -13.27 7.02
N LYS A 86 -3.24 -14.11 6.78
CA LYS A 86 -3.30 -15.42 7.44
C LYS A 86 -3.39 -16.54 6.41
N ASP A 87 -2.82 -17.69 6.75
CA ASP A 87 -2.83 -18.84 5.85
C ASP A 87 -3.91 -19.84 6.28
N SER A 88 -4.63 -20.38 5.31
CA SER A 88 -5.69 -21.34 5.59
C SER A 88 -6.16 -22.02 4.30
N LYS A 89 -6.98 -23.06 4.45
CA LYS A 89 -7.50 -23.79 3.30
C LYS A 89 -9.03 -23.79 3.31
N GLY A 90 -9.61 -24.44 2.31
CA GLY A 90 -11.06 -24.50 2.21
C GLY A 90 -11.53 -24.97 0.85
N SER A 91 -11.93 -26.23 0.76
CA SER A 91 -12.40 -26.81 -0.49
C SER A 91 -13.43 -27.90 -0.24
N GLY A 92 -14.20 -28.23 -1.28
CA GLY A 92 -15.21 -29.26 -1.15
C GLY A 92 -14.94 -30.46 -2.04
N PRO A 93 -14.32 -31.50 -1.47
CA PRO A 93 -13.98 -32.72 -2.20
C PRO A 93 -15.22 -33.54 -2.54
N SER A 94 -15.03 -34.59 -3.33
CA SER A 94 -16.13 -35.46 -3.75
C SER A 94 -15.61 -36.69 -4.47
N SER A 95 -16.41 -37.76 -4.47
CA SER A 95 -16.03 -39.00 -5.12
C SER A 95 -14.61 -39.40 -4.74
N GLY A 96 -14.29 -39.28 -3.46
CA GLY A 96 -12.96 -39.63 -2.99
C GLY A 96 -13.00 -40.68 -1.90
N GLY A 1 -17.75 0.34 4.01
CA GLY A 1 -17.75 1.08 2.76
C GLY A 1 -17.25 0.26 1.60
N SER A 2 -16.22 0.76 0.91
CA SER A 2 -15.66 0.07 -0.23
C SER A 2 -15.32 -1.38 0.11
N SER A 3 -14.25 -1.55 0.88
CA SER A 3 -13.82 -2.88 1.29
C SER A 3 -12.67 -2.81 2.30
N GLY A 4 -12.26 -3.96 2.81
CA GLY A 4 -11.18 -3.99 3.78
C GLY A 4 -10.34 -5.25 3.66
N SER A 5 -9.86 -5.52 2.46
CA SER A 5 -9.04 -6.70 2.21
C SER A 5 -8.10 -6.47 1.03
N SER A 6 -7.17 -7.41 0.84
CA SER A 6 -6.20 -7.31 -0.25
C SER A 6 -5.59 -5.91 -0.30
N GLY A 7 -5.13 -5.42 0.85
CA GLY A 7 -4.53 -4.10 0.90
C GLY A 7 -3.07 -4.11 0.52
N ILE A 8 -2.39 -2.99 0.74
CA ILE A 8 -0.98 -2.86 0.41
C ILE A 8 -0.28 -1.89 1.35
N PHE A 9 0.94 -2.24 1.76
CA PHE A 9 1.72 -1.40 2.66
C PHE A 9 2.80 -0.65 1.90
N ILE A 10 2.91 0.65 2.16
CA ILE A 10 3.91 1.49 1.49
C ILE A 10 4.83 2.16 2.51
N GLY A 11 6.13 1.91 2.38
CA GLY A 11 7.09 2.51 3.29
C GLY A 11 8.11 3.38 2.58
N ASN A 12 8.77 4.24 3.34
CA ASN A 12 9.77 5.15 2.77
C ASN A 12 9.12 6.17 1.85
N LEU A 13 8.14 6.90 2.38
CA LEU A 13 7.44 7.91 1.59
C LEU A 13 7.89 9.32 1.99
N ASP A 14 8.35 10.08 1.01
CA ASP A 14 8.81 11.45 1.25
C ASP A 14 7.75 12.25 2.01
N PRO A 15 8.22 13.07 2.97
CA PRO A 15 7.33 13.90 3.78
C PRO A 15 6.70 15.04 2.98
N GLU A 16 7.19 15.24 1.76
CA GLU A 16 6.68 16.30 0.89
C GLU A 16 5.45 15.81 0.14
N ILE A 17 5.14 14.53 0.26
CA ILE A 17 3.98 13.94 -0.41
C ILE A 17 2.76 13.97 0.49
N ASP A 18 1.60 14.22 -0.11
CA ASP A 18 0.35 14.27 0.65
C ASP A 18 -0.62 13.19 0.15
N GLU A 19 -1.56 12.80 1.02
CA GLU A 19 -2.54 11.78 0.67
C GLU A 19 -3.09 12.01 -0.74
N LYS A 20 -3.29 13.27 -1.09
CA LYS A 20 -3.81 13.62 -2.40
C LYS A 20 -2.92 13.05 -3.51
N LEU A 21 -1.67 13.47 -3.53
CA LEU A 21 -0.72 13.00 -4.54
C LEU A 21 -0.71 11.48 -4.60
N LEU A 22 -0.36 10.84 -3.50
CA LEU A 22 -0.31 9.38 -3.42
C LEU A 22 -1.47 8.77 -4.22
N TYR A 23 -2.68 9.23 -3.94
CA TYR A 23 -3.87 8.73 -4.62
C TYR A 23 -3.62 8.61 -6.12
N ASP A 24 -3.23 9.72 -6.74
CA ASP A 24 -2.96 9.75 -8.18
C ASP A 24 -1.71 8.93 -8.50
N THR A 25 -0.63 9.19 -7.78
CA THR A 25 0.62 8.48 -8.00
C THR A 25 0.38 6.99 -8.22
N PHE A 26 -0.58 6.43 -7.47
CA PHE A 26 -0.91 5.02 -7.58
C PHE A 26 -2.10 4.81 -8.50
N SER A 27 -3.03 5.76 -8.50
CA SER A 27 -4.22 5.68 -9.34
C SER A 27 -3.87 5.16 -10.72
N ALA A 28 -2.68 5.51 -11.20
CA ALA A 28 -2.23 5.08 -12.52
C ALA A 28 -2.34 3.57 -12.67
N PHE A 29 -1.73 2.84 -11.75
CA PHE A 29 -1.76 1.38 -11.78
C PHE A 29 -3.19 0.87 -11.68
N GLY A 30 -3.84 1.16 -10.55
CA GLY A 30 -5.21 0.72 -10.35
C GLY A 30 -6.05 1.77 -9.65
N VAL A 31 -7.31 1.41 -9.35
CA VAL A 31 -8.22 2.33 -8.68
C VAL A 31 -8.18 2.14 -7.17
N ILE A 32 -8.31 3.24 -6.44
CA ILE A 32 -8.29 3.19 -4.98
C ILE A 32 -9.71 3.09 -4.42
N LEU A 33 -9.87 2.25 -3.40
CA LEU A 33 -11.17 2.06 -2.77
C LEU A 33 -11.57 3.29 -1.95
N GLN A 34 -10.67 3.71 -1.07
CA GLN A 34 -10.92 4.88 -0.23
C GLN A 34 -9.64 5.66 0.02
N THR A 35 -9.77 6.98 0.18
CA THR A 35 -8.62 7.84 0.43
C THR A 35 -7.57 7.12 1.26
N PRO A 36 -6.30 7.22 0.82
CA PRO A 36 -5.17 6.59 1.51
C PRO A 36 -4.87 7.26 2.85
N LYS A 37 -4.28 6.49 3.77
CA LYS A 37 -3.94 7.02 5.08
C LYS A 37 -2.43 7.04 5.28
N ILE A 38 -1.93 8.15 5.82
CA ILE A 38 -0.49 8.29 6.06
C ILE A 38 -0.20 8.49 7.54
N MET A 39 0.76 7.72 8.07
CA MET A 39 1.13 7.82 9.47
C MET A 39 1.83 9.13 9.75
N ARG A 40 1.61 9.67 10.95
CA ARG A 40 2.23 10.94 11.36
C ARG A 40 2.68 10.88 12.81
N ASP A 41 3.43 11.90 13.23
CA ASP A 41 3.92 11.97 14.60
C ASP A 41 3.05 12.92 15.44
N PRO A 42 2.32 12.35 16.40
CA PRO A 42 1.44 13.13 17.29
C PRO A 42 2.23 13.99 18.26
N ASP A 43 3.56 13.97 18.14
CA ASP A 43 4.43 14.75 19.01
C ASP A 43 4.78 16.08 18.37
N THR A 44 5.36 16.02 17.17
CA THR A 44 5.76 17.22 16.45
C THR A 44 4.80 17.50 15.28
N GLY A 45 3.94 16.53 14.98
CA GLY A 45 3.00 16.69 13.89
C GLY A 45 3.65 16.62 12.54
N ASN A 46 4.57 15.67 12.38
CA ASN A 46 5.28 15.50 11.11
C ASN A 46 5.02 14.11 10.53
N SER A 47 5.10 14.01 9.20
CA SER A 47 4.86 12.74 8.51
C SER A 47 5.79 11.66 9.05
N LYS A 48 5.22 10.51 9.39
CA LYS A 48 5.99 9.39 9.91
C LYS A 48 6.96 8.87 8.87
N GLY A 49 6.43 8.27 7.81
CA GLY A 49 7.27 7.74 6.76
C GLY A 49 6.57 6.66 5.95
N TYR A 50 5.69 5.92 6.60
CA TYR A 50 4.96 4.84 5.93
C TYR A 50 3.47 5.16 5.88
N ALA A 51 2.80 4.62 4.85
CA ALA A 51 1.38 4.84 4.67
C ALA A 51 0.67 3.56 4.28
N PHE A 52 -0.66 3.56 4.37
CA PHE A 52 -1.45 2.39 4.03
C PHE A 52 -2.44 2.71 2.90
N ILE A 53 -2.58 1.77 1.98
CA ILE A 53 -3.48 1.95 0.84
C ILE A 53 -4.12 0.64 0.44
N ASN A 54 -5.39 0.70 0.02
CA ASN A 54 -6.11 -0.49 -0.40
C ASN A 54 -6.73 -0.29 -1.79
N PHE A 55 -6.49 -1.26 -2.67
CA PHE A 55 -7.01 -1.20 -4.03
C PHE A 55 -8.39 -1.86 -4.12
N ALA A 56 -8.99 -1.81 -5.30
CA ALA A 56 -10.30 -2.40 -5.52
C ALA A 56 -10.19 -3.88 -5.86
N SER A 57 -9.31 -4.19 -6.81
CA SER A 57 -9.10 -5.57 -7.24
C SER A 57 -7.70 -6.05 -6.89
N PHE A 58 -7.57 -7.35 -6.66
CA PHE A 58 -6.27 -7.93 -6.31
C PHE A 58 -5.24 -7.65 -7.39
N ASP A 59 -5.62 -7.90 -8.64
CA ASP A 59 -4.72 -7.66 -9.77
C ASP A 59 -4.01 -6.32 -9.63
N ALA A 60 -4.76 -5.30 -9.25
CA ALA A 60 -4.20 -3.97 -9.07
C ALA A 60 -3.00 -3.99 -8.12
N SER A 61 -3.19 -4.61 -6.96
CA SER A 61 -2.13 -4.70 -5.96
C SER A 61 -0.89 -5.37 -6.54
N ASP A 62 -1.11 -6.33 -7.44
CA ASP A 62 -0.01 -7.05 -8.07
C ASP A 62 0.84 -6.11 -8.92
N ALA A 63 0.18 -5.34 -9.78
CA ALA A 63 0.87 -4.40 -10.64
C ALA A 63 1.87 -3.56 -9.86
N ALA A 64 1.38 -2.89 -8.82
CA ALA A 64 2.23 -2.04 -7.99
C ALA A 64 3.42 -2.83 -7.45
N ILE A 65 3.14 -3.83 -6.61
CA ILE A 65 4.19 -4.65 -6.03
C ILE A 65 5.19 -5.10 -7.10
N GLU A 66 4.75 -5.11 -8.35
CA GLU A 66 5.62 -5.51 -9.45
C GLU A 66 6.55 -4.38 -9.86
N ALA A 67 5.97 -3.19 -10.05
CA ALA A 67 6.75 -2.03 -10.44
C ALA A 67 6.98 -1.10 -9.25
N MET A 68 5.88 -0.62 -8.66
CA MET A 68 5.95 0.28 -7.51
C MET A 68 6.96 -0.24 -6.49
N ASN A 69 7.03 -1.55 -6.34
CA ASN A 69 7.94 -2.18 -5.38
C ASN A 69 9.38 -1.77 -5.68
N GLY A 70 9.75 -0.57 -5.24
CA GLY A 70 11.10 -0.08 -5.46
C GLY A 70 11.13 1.23 -6.20
N GLN A 71 10.01 1.59 -6.82
CA GLN A 71 9.91 2.84 -7.57
C GLN A 71 10.58 3.97 -6.82
N TYR A 72 11.47 4.69 -7.50
CA TYR A 72 12.18 5.81 -6.90
C TYR A 72 11.28 7.04 -6.79
N LEU A 73 10.72 7.26 -5.62
CA LEU A 73 9.84 8.40 -5.38
C LEU A 73 10.64 9.63 -4.96
N CYS A 74 9.96 10.75 -4.83
CA CYS A 74 10.60 11.99 -4.43
C CYS A 74 11.78 11.72 -3.50
N ASN A 75 12.97 11.56 -4.09
CA ASN A 75 14.18 11.29 -3.32
C ASN A 75 13.88 10.34 -2.16
N ARG A 76 13.20 9.24 -2.46
CA ARG A 76 12.86 8.25 -1.45
C ARG A 76 12.27 6.99 -2.09
N PRO A 77 13.07 5.91 -2.10
CA PRO A 77 12.66 4.63 -2.68
C PRO A 77 11.57 3.94 -1.86
N ILE A 78 10.34 4.03 -2.33
CA ILE A 78 9.21 3.42 -1.64
C ILE A 78 9.20 1.91 -1.84
N THR A 79 8.40 1.21 -1.02
CA THR A 79 8.29 -0.24 -1.12
C THR A 79 6.85 -0.70 -0.98
N VAL A 80 6.43 -1.59 -1.87
CA VAL A 80 5.06 -2.11 -1.84
C VAL A 80 5.04 -3.57 -1.41
N SER A 81 4.26 -3.88 -0.39
CA SER A 81 4.15 -5.25 0.12
C SER A 81 2.82 -5.46 0.81
N TYR A 82 2.18 -6.60 0.52
CA TYR A 82 0.89 -6.92 1.13
C TYR A 82 0.95 -6.78 2.64
N ALA A 83 0.15 -5.86 3.18
CA ALA A 83 0.10 -5.63 4.62
C ALA A 83 0.26 -6.94 5.38
N PHE A 84 1.49 -7.23 5.80
CA PHE A 84 1.77 -8.46 6.55
C PHE A 84 0.79 -8.62 7.72
N LYS A 85 0.37 -9.85 7.95
CA LYS A 85 -0.57 -10.15 9.02
C LYS A 85 -0.52 -11.63 9.39
N LYS A 86 -0.16 -11.91 10.64
CA LYS A 86 -0.08 -13.29 11.12
C LYS A 86 -1.36 -13.69 11.84
N ASP A 87 -2.00 -14.76 11.35
CA ASP A 87 -3.23 -15.24 11.95
C ASP A 87 -2.98 -16.51 12.76
N SER A 88 -3.93 -16.86 13.62
CA SER A 88 -3.81 -18.04 14.46
C SER A 88 -4.18 -19.30 13.68
N LYS A 89 -3.85 -20.46 14.23
CA LYS A 89 -4.14 -21.74 13.59
C LYS A 89 -4.73 -22.72 14.60
N GLY A 90 -5.85 -23.34 14.22
CA GLY A 90 -6.50 -24.31 15.10
C GLY A 90 -6.04 -25.73 14.83
N SER A 91 -5.96 -26.09 13.55
CA SER A 91 -5.54 -27.43 13.16
C SER A 91 -6.27 -28.49 13.98
N GLY A 92 -7.60 -28.40 14.01
CA GLY A 92 -8.40 -29.34 14.77
C GLY A 92 -8.78 -30.56 13.95
N PRO A 93 -8.85 -31.73 14.60
CA PRO A 93 -9.21 -32.99 13.94
C PRO A 93 -10.67 -33.03 13.52
N SER A 94 -11.01 -34.01 12.69
CA SER A 94 -12.38 -34.16 12.21
C SER A 94 -12.64 -35.57 11.73
N SER A 95 -13.87 -36.03 11.89
CA SER A 95 -14.26 -37.38 11.48
C SER A 95 -13.71 -37.70 10.09
N GLY A 96 -13.42 -38.98 9.85
CA GLY A 96 -12.89 -39.38 8.57
C GLY A 96 -13.97 -39.44 7.50
N GLY A 1 -19.01 -2.58 -2.00
CA GLY A 1 -18.42 -3.00 -0.74
C GLY A 1 -16.91 -2.78 -0.71
N SER A 2 -16.47 -1.86 0.13
CA SER A 2 -15.05 -1.56 0.24
C SER A 2 -14.38 -2.49 1.26
N SER A 3 -14.78 -2.36 2.52
CA SER A 3 -14.23 -3.18 3.59
C SER A 3 -13.99 -4.61 3.11
N GLY A 4 -12.78 -5.10 3.33
CA GLY A 4 -12.44 -6.45 2.92
C GLY A 4 -11.75 -6.49 1.57
N SER A 5 -10.66 -5.73 1.45
CA SER A 5 -9.90 -5.69 0.20
C SER A 5 -8.40 -5.79 0.46
N SER A 6 -7.74 -6.67 -0.28
CA SER A 6 -6.30 -6.87 -0.12
C SER A 6 -5.57 -5.54 -0.11
N GLY A 7 -5.23 -5.08 1.09
CA GLY A 7 -4.51 -3.81 1.22
C GLY A 7 -3.03 -3.94 0.96
N ILE A 8 -2.38 -2.82 0.71
CA ILE A 8 -0.94 -2.83 0.45
C ILE A 8 -0.19 -1.93 1.43
N PHE A 9 1.01 -2.34 1.80
CA PHE A 9 1.83 -1.57 2.73
C PHE A 9 2.94 -0.81 2.00
N ILE A 10 3.12 0.45 2.35
CA ILE A 10 4.14 1.28 1.73
C ILE A 10 5.03 1.94 2.78
N GLY A 11 6.32 2.04 2.47
CA GLY A 11 7.26 2.64 3.40
C GLY A 11 8.28 3.51 2.70
N ASN A 12 8.91 4.41 3.46
CA ASN A 12 9.92 5.31 2.90
C ASN A 12 9.27 6.36 2.00
N LEU A 13 8.24 7.01 2.51
CA LEU A 13 7.54 8.04 1.76
C LEU A 13 8.06 9.43 2.12
N ASP A 14 8.12 10.31 1.14
CA ASP A 14 8.60 11.67 1.35
C ASP A 14 7.60 12.47 2.18
N PRO A 15 8.11 13.29 3.11
CA PRO A 15 7.29 14.12 3.97
C PRO A 15 6.61 15.26 3.22
N GLU A 16 6.88 15.34 1.92
CA GLU A 16 6.29 16.38 1.09
C GLU A 16 5.06 15.86 0.34
N ILE A 17 4.95 14.54 0.25
CA ILE A 17 3.82 13.91 -0.42
C ILE A 17 2.54 14.05 0.39
N ASP A 18 1.41 14.11 -0.30
CA ASP A 18 0.12 14.24 0.35
C ASP A 18 -0.88 13.24 -0.20
N GLU A 19 -1.89 12.90 0.60
CA GLU A 19 -2.91 11.95 0.17
C GLU A 19 -3.24 12.12 -1.31
N LYS A 20 -3.54 13.35 -1.71
CA LYS A 20 -3.87 13.64 -3.10
C LYS A 20 -2.88 12.97 -4.04
N LEU A 21 -1.61 13.33 -3.92
CA LEU A 21 -0.56 12.76 -4.76
C LEU A 21 -0.61 11.23 -4.73
N LEU A 22 -0.31 10.66 -3.56
CA LEU A 22 -0.32 9.22 -3.39
C LEU A 22 -1.44 8.58 -4.20
N TYR A 23 -2.67 9.05 -3.96
CA TYR A 23 -3.84 8.52 -4.66
C TYR A 23 -3.55 8.39 -6.15
N ASP A 24 -3.25 9.51 -6.80
CA ASP A 24 -2.95 9.50 -8.23
C ASP A 24 -1.76 8.60 -8.54
N THR A 25 -0.65 8.84 -7.86
CA THR A 25 0.57 8.06 -8.05
C THR A 25 0.25 6.57 -8.13
N PHE A 26 -0.68 6.12 -7.30
CA PHE A 26 -1.08 4.72 -7.27
C PHE A 26 -2.34 4.49 -8.10
N SER A 27 -2.97 5.58 -8.51
CA SER A 27 -4.20 5.50 -9.30
C SER A 27 -3.89 4.98 -10.71
N ALA A 28 -2.75 5.41 -11.25
CA ALA A 28 -2.35 4.98 -12.59
C ALA A 28 -2.46 3.47 -12.75
N PHE A 29 -1.89 2.74 -11.80
CA PHE A 29 -1.91 1.28 -11.84
C PHE A 29 -3.35 0.77 -11.71
N GLY A 30 -3.96 1.04 -10.56
CA GLY A 30 -5.33 0.61 -10.33
C GLY A 30 -6.16 1.66 -9.63
N VAL A 31 -7.46 1.38 -9.46
CA VAL A 31 -8.36 2.30 -8.81
C VAL A 31 -8.38 2.09 -7.30
N ILE A 32 -8.19 3.17 -6.55
CA ILE A 32 -8.18 3.11 -5.09
C ILE A 32 -9.61 3.10 -4.54
N LEU A 33 -9.83 2.31 -3.50
CA LEU A 33 -11.14 2.22 -2.87
C LEU A 33 -11.51 3.53 -2.19
N GLN A 34 -10.59 4.07 -1.41
CA GLN A 34 -10.81 5.33 -0.71
C GLN A 34 -9.49 6.00 -0.34
N THR A 35 -9.55 7.31 -0.12
CA THR A 35 -8.35 8.07 0.23
C THR A 35 -7.41 7.24 1.11
N PRO A 36 -6.12 7.30 0.81
CA PRO A 36 -5.09 6.57 1.56
C PRO A 36 -4.89 7.12 2.96
N LYS A 37 -4.25 6.33 3.82
CA LYS A 37 -3.99 6.75 5.20
C LYS A 37 -2.49 6.87 5.47
N ILE A 38 -2.08 8.00 6.02
CA ILE A 38 -0.67 8.24 6.32
C ILE A 38 -0.45 8.39 7.82
N MET A 39 0.34 7.51 8.40
CA MET A 39 0.64 7.55 9.83
C MET A 39 1.63 8.66 10.14
N ARG A 40 1.39 9.39 11.23
CA ARG A 40 2.26 10.48 11.64
C ARG A 40 2.76 10.26 13.06
N ASP A 41 3.97 10.76 13.33
CA ASP A 41 4.56 10.63 14.66
C ASP A 41 3.56 11.01 15.75
N PRO A 42 3.56 10.24 16.85
CA PRO A 42 2.66 10.48 17.98
C PRO A 42 3.01 11.75 18.74
N ASP A 43 4.01 12.46 18.26
CA ASP A 43 4.45 13.70 18.90
C ASP A 43 4.21 14.90 17.99
N THR A 44 5.02 15.02 16.95
CA THR A 44 4.90 16.13 16.00
C THR A 44 3.73 15.91 15.06
N GLY A 45 3.17 14.71 15.08
CA GLY A 45 2.04 14.39 14.22
C GLY A 45 2.17 15.04 12.85
N ASN A 46 3.34 14.89 12.24
CA ASN A 46 3.58 15.46 10.92
C ASN A 46 3.70 14.38 9.86
N SER A 47 4.62 13.44 10.08
CA SER A 47 4.82 12.34 9.15
C SER A 47 5.81 11.32 9.72
N LYS A 48 5.63 10.06 9.36
CA LYS A 48 6.50 8.99 9.83
C LYS A 48 7.34 8.44 8.70
N GLY A 49 6.69 7.99 7.64
CA GLY A 49 7.39 7.43 6.49
C GLY A 49 6.67 6.24 5.88
N TYR A 50 5.73 5.68 6.63
CA TYR A 50 4.97 4.53 6.16
C TYR A 50 3.50 4.87 6.04
N ALA A 51 2.89 4.45 4.92
CA ALA A 51 1.47 4.70 4.69
C ALA A 51 0.77 3.46 4.16
N PHE A 52 -0.51 3.33 4.47
CA PHE A 52 -1.29 2.18 4.04
C PHE A 52 -2.32 2.59 2.98
N ILE A 53 -2.43 1.79 1.93
CA ILE A 53 -3.37 2.06 0.85
C ILE A 53 -4.03 0.78 0.35
N ASN A 54 -5.33 0.86 0.10
CA ASN A 54 -6.09 -0.29 -0.38
C ASN A 54 -6.55 -0.08 -1.81
N PHE A 55 -6.50 -1.14 -2.61
CA PHE A 55 -6.91 -1.07 -4.01
C PHE A 55 -8.28 -1.71 -4.21
N ALA A 56 -8.83 -1.57 -5.40
CA ALA A 56 -10.15 -2.13 -5.72
C ALA A 56 -10.09 -3.65 -5.70
N SER A 57 -9.07 -4.22 -6.33
CA SER A 57 -8.91 -5.67 -6.39
C SER A 57 -7.44 -6.07 -6.31
N PHE A 58 -7.18 -7.37 -6.39
CA PHE A 58 -5.81 -7.87 -6.33
C PHE A 58 -5.02 -7.46 -7.57
N ASP A 59 -5.60 -7.73 -8.74
CA ASP A 59 -4.95 -7.38 -10.00
C ASP A 59 -4.33 -5.99 -9.94
N ALA A 60 -5.10 -5.04 -9.44
CA ALA A 60 -4.62 -3.66 -9.32
C ALA A 60 -3.34 -3.59 -8.50
N SER A 61 -3.39 -4.16 -7.29
CA SER A 61 -2.23 -4.17 -6.40
C SER A 61 -1.04 -4.87 -7.06
N ASP A 62 -1.28 -6.08 -7.54
CA ASP A 62 -0.23 -6.86 -8.19
C ASP A 62 0.62 -5.98 -9.09
N ALA A 63 -0.03 -5.10 -9.84
CA ALA A 63 0.66 -4.20 -10.75
C ALA A 63 1.62 -3.29 -9.99
N ALA A 64 1.16 -2.77 -8.86
CA ALA A 64 1.97 -1.88 -8.03
C ALA A 64 3.06 -2.65 -7.29
N ILE A 65 2.64 -3.64 -6.50
CA ILE A 65 3.58 -4.45 -5.74
C ILE A 65 4.74 -4.91 -6.61
N GLU A 66 4.53 -4.90 -7.92
CA GLU A 66 5.56 -5.31 -8.87
C GLU A 66 6.47 -4.14 -9.23
N ALA A 67 5.88 -3.08 -9.77
CA ALA A 67 6.63 -1.89 -10.15
C ALA A 67 6.91 -1.01 -8.95
N MET A 68 5.85 -0.53 -8.30
CA MET A 68 5.99 0.33 -7.14
C MET A 68 7.02 -0.24 -6.17
N ASN A 69 7.17 -1.56 -6.15
CA ASN A 69 8.12 -2.22 -5.27
C ASN A 69 9.54 -1.72 -5.53
N GLY A 70 9.85 -0.54 -5.01
CA GLY A 70 11.16 0.03 -5.19
C GLY A 70 11.14 1.35 -5.95
N GLN A 71 10.05 1.57 -6.68
CA GLN A 71 9.90 2.80 -7.46
C GLN A 71 10.52 3.99 -6.74
N TYR A 72 11.27 4.79 -7.47
CA TYR A 72 11.93 5.97 -6.89
C TYR A 72 10.94 7.11 -6.73
N LEU A 73 10.51 7.36 -5.50
CA LEU A 73 9.57 8.43 -5.21
C LEU A 73 10.30 9.71 -4.79
N CYS A 74 9.55 10.78 -4.60
CA CYS A 74 10.12 12.05 -4.20
C CYS A 74 11.40 11.85 -3.40
N ASN A 75 12.54 11.82 -4.10
CA ASN A 75 13.83 11.63 -3.46
C ASN A 75 13.71 10.67 -2.28
N ARG A 76 13.09 9.52 -2.52
CA ARG A 76 12.91 8.52 -1.47
C ARG A 76 12.36 7.23 -2.05
N PRO A 77 13.19 6.17 -2.03
CA PRO A 77 12.81 4.85 -2.55
C PRO A 77 11.76 4.17 -1.68
N ILE A 78 10.54 4.04 -2.21
CA ILE A 78 9.46 3.41 -1.48
C ILE A 78 9.49 1.90 -1.65
N THR A 79 8.80 1.19 -0.77
CA THR A 79 8.75 -0.27 -0.81
C THR A 79 7.32 -0.78 -0.63
N VAL A 80 6.79 -1.39 -1.68
CA VAL A 80 5.43 -1.93 -1.62
C VAL A 80 5.44 -3.42 -1.30
N SER A 81 4.51 -3.84 -0.45
CA SER A 81 4.41 -5.24 -0.05
C SER A 81 3.08 -5.52 0.64
N TYR A 82 2.46 -6.64 0.29
CA TYR A 82 1.19 -7.02 0.88
C TYR A 82 1.23 -6.94 2.40
N ALA A 83 0.26 -6.26 2.98
CA ALA A 83 0.19 -6.10 4.42
C ALA A 83 -0.04 -7.45 5.11
N PHE A 84 -0.78 -8.32 4.44
CA PHE A 84 -1.08 -9.64 4.98
C PHE A 84 0.07 -10.61 4.72
N LYS A 85 1.09 -10.54 5.56
CA LYS A 85 2.25 -11.41 5.43
C LYS A 85 1.83 -12.87 5.22
N LYS A 86 0.94 -13.33 6.07
CA LYS A 86 0.44 -14.70 5.98
C LYS A 86 -0.08 -15.01 4.58
N ASP A 87 -0.33 -16.28 4.31
CA ASP A 87 -0.83 -16.70 3.00
C ASP A 87 -2.25 -17.27 3.12
N SER A 88 -2.42 -18.22 4.02
CA SER A 88 -3.72 -18.85 4.23
C SER A 88 -4.19 -19.57 2.97
N LYS A 89 -3.27 -20.30 2.34
CA LYS A 89 -3.58 -21.04 1.13
C LYS A 89 -3.03 -22.46 1.19
N GLY A 90 -3.50 -23.32 0.29
CA GLY A 90 -3.04 -24.70 0.27
C GLY A 90 -4.05 -25.64 -0.37
N SER A 91 -3.70 -26.91 -0.42
CA SER A 91 -4.58 -27.92 -1.03
C SER A 91 -4.22 -29.31 -0.53
N GLY A 92 -5.13 -30.26 -0.72
CA GLY A 92 -4.90 -31.62 -0.29
C GLY A 92 -5.24 -32.64 -1.36
N PRO A 93 -4.70 -33.87 -1.22
CA PRO A 93 -4.94 -34.95 -2.18
C PRO A 93 -6.38 -35.46 -2.13
N SER A 94 -7.06 -35.43 -3.26
CA SER A 94 -8.44 -35.89 -3.35
C SER A 94 -8.52 -37.41 -3.20
N SER A 95 -7.52 -38.11 -3.74
CA SER A 95 -7.49 -39.57 -3.65
C SER A 95 -6.71 -40.01 -2.42
N GLY A 96 -5.54 -39.42 -2.21
CA GLY A 96 -4.72 -39.77 -1.07
C GLY A 96 -5.25 -39.20 0.23
N GLY A 1 -19.87 0.01 1.56
CA GLY A 1 -18.92 0.75 0.75
C GLY A 1 -17.80 -0.13 0.20
N SER A 2 -16.64 -0.06 0.84
CA SER A 2 -15.50 -0.86 0.41
C SER A 2 -15.58 -2.28 0.97
N SER A 3 -15.30 -3.26 0.11
CA SER A 3 -15.35 -4.66 0.52
C SER A 3 -13.96 -5.16 0.89
N GLY A 4 -13.91 -6.21 1.71
CA GLY A 4 -12.64 -6.76 2.14
C GLY A 4 -11.70 -7.01 0.97
N SER A 5 -10.70 -6.14 0.83
CA SER A 5 -9.74 -6.27 -0.26
C SER A 5 -8.33 -6.49 0.29
N SER A 6 -7.40 -6.80 -0.60
CA SER A 6 -6.01 -7.02 -0.21
C SER A 6 -5.22 -5.72 -0.22
N GLY A 7 -5.24 -5.01 0.90
CA GLY A 7 -4.52 -3.76 1.00
C GLY A 7 -3.04 -3.90 0.68
N ILE A 8 -2.31 -2.79 0.72
CA ILE A 8 -0.89 -2.80 0.44
C ILE A 8 -0.13 -1.89 1.40
N PHE A 9 1.03 -2.36 1.86
CA PHE A 9 1.85 -1.58 2.78
C PHE A 9 2.93 -0.81 2.02
N ILE A 10 3.12 0.45 2.40
CA ILE A 10 4.11 1.30 1.76
C ILE A 10 4.96 2.04 2.79
N GLY A 11 6.25 2.19 2.51
CA GLY A 11 7.13 2.87 3.41
C GLY A 11 8.18 3.71 2.69
N ASN A 12 8.84 4.60 3.44
CA ASN A 12 9.86 5.45 2.85
C ASN A 12 9.24 6.51 1.93
N LEU A 13 8.18 7.16 2.42
CA LEU A 13 7.50 8.19 1.64
C LEU A 13 8.01 9.57 2.02
N ASP A 14 8.33 10.37 1.01
CA ASP A 14 8.81 11.73 1.24
C ASP A 14 7.83 12.53 2.10
N PRO A 15 8.37 13.34 3.02
CA PRO A 15 7.57 14.16 3.93
C PRO A 15 6.88 15.31 3.19
N GLU A 16 7.07 15.36 1.87
CA GLU A 16 6.47 16.42 1.07
C GLU A 16 5.27 15.88 0.29
N ILE A 17 5.05 14.57 0.36
CA ILE A 17 3.94 13.94 -0.33
C ILE A 17 2.67 14.01 0.51
N ASP A 18 1.53 14.16 -0.16
CA ASP A 18 0.24 14.23 0.52
C ASP A 18 -0.74 13.23 -0.07
N GLU A 19 -1.80 12.93 0.68
CA GLU A 19 -2.81 11.99 0.23
C GLU A 19 -3.14 12.19 -1.24
N LYS A 20 -3.23 13.46 -1.65
CA LYS A 20 -3.53 13.80 -3.04
C LYS A 20 -2.60 13.05 -3.99
N LEU A 21 -1.32 13.37 -3.93
CA LEU A 21 -0.32 12.74 -4.78
C LEU A 21 -0.48 11.22 -4.77
N LEU A 22 -0.17 10.61 -3.63
CA LEU A 22 -0.28 9.17 -3.49
C LEU A 22 -1.49 8.63 -4.23
N TYR A 23 -2.65 9.22 -3.98
CA TYR A 23 -3.88 8.81 -4.64
C TYR A 23 -3.67 8.60 -6.13
N ASP A 24 -3.22 9.65 -6.80
CA ASP A 24 -2.96 9.59 -8.24
C ASP A 24 -1.76 8.70 -8.54
N THR A 25 -0.61 9.05 -7.96
CA THR A 25 0.62 8.29 -8.17
C THR A 25 0.33 6.79 -8.25
N PHE A 26 -0.65 6.34 -7.48
CA PHE A 26 -1.03 4.93 -7.47
C PHE A 26 -2.21 4.68 -8.38
N SER A 27 -3.15 5.62 -8.41
CA SER A 27 -4.34 5.50 -9.24
C SER A 27 -3.99 4.93 -10.61
N ALA A 28 -2.90 5.43 -11.19
CA ALA A 28 -2.45 4.96 -12.50
C ALA A 28 -2.59 3.44 -12.62
N PHE A 29 -1.90 2.72 -11.74
CA PHE A 29 -1.95 1.27 -11.76
C PHE A 29 -3.39 0.76 -11.63
N GLY A 30 -4.03 1.08 -10.51
CA GLY A 30 -5.40 0.65 -10.30
C GLY A 30 -6.23 1.71 -9.61
N VAL A 31 -7.48 1.38 -9.31
CA VAL A 31 -8.39 2.31 -8.65
C VAL A 31 -8.38 2.10 -7.13
N ILE A 32 -8.14 3.18 -6.40
CA ILE A 32 -8.11 3.12 -4.94
C ILE A 32 -9.50 2.94 -4.36
N LEU A 33 -9.62 2.09 -3.34
CA LEU A 33 -10.91 1.84 -2.70
C LEU A 33 -11.38 3.06 -1.92
N GLN A 34 -10.45 3.73 -1.26
CA GLN A 34 -10.78 4.92 -0.49
C GLN A 34 -9.51 5.69 -0.10
N THR A 35 -9.67 6.97 0.22
CA THR A 35 -8.55 7.81 0.60
C THR A 35 -7.52 7.02 1.41
N PRO A 36 -6.24 7.15 1.03
CA PRO A 36 -5.14 6.45 1.71
C PRO A 36 -4.88 7.00 3.11
N LYS A 37 -4.49 6.12 4.02
CA LYS A 37 -4.22 6.51 5.39
C LYS A 37 -2.71 6.66 5.63
N ILE A 38 -2.30 7.83 6.10
CA ILE A 38 -0.89 8.09 6.37
C ILE A 38 -0.65 8.33 7.85
N MET A 39 0.25 7.54 8.43
CA MET A 39 0.58 7.67 9.85
C MET A 39 1.49 8.86 10.09
N ARG A 40 1.22 9.61 11.14
CA ARG A 40 2.02 10.79 11.48
C ARG A 40 2.31 10.84 12.98
N ASP A 41 3.25 11.69 13.37
CA ASP A 41 3.62 11.83 14.77
C ASP A 41 2.86 12.98 15.42
N PRO A 42 2.13 12.67 16.50
CA PRO A 42 1.35 13.66 17.24
C PRO A 42 2.22 14.66 18.00
N ASP A 43 3.49 14.32 18.13
CA ASP A 43 4.44 15.19 18.83
C ASP A 43 5.11 16.15 17.86
N THR A 44 5.87 15.60 16.91
CA THR A 44 6.56 16.42 15.92
C THR A 44 5.60 16.92 14.85
N GLY A 45 4.73 16.04 14.38
CA GLY A 45 3.77 16.41 13.35
C GLY A 45 4.32 16.25 11.95
N ASN A 46 5.01 15.13 11.72
CA ASN A 46 5.60 14.86 10.42
C ASN A 46 5.21 13.47 9.93
N SER A 47 5.22 13.27 8.62
CA SER A 47 4.88 11.99 8.03
C SER A 47 5.79 10.88 8.54
N LYS A 48 5.28 10.07 9.46
CA LYS A 48 6.05 8.97 10.03
C LYS A 48 6.98 8.35 8.99
N GLY A 49 6.47 8.20 7.77
CA GLY A 49 7.27 7.62 6.71
C GLY A 49 6.62 6.40 6.09
N TYR A 50 5.60 5.86 6.76
CA TYR A 50 4.90 4.69 6.27
C TYR A 50 3.40 4.97 6.14
N ALA A 51 2.81 4.49 5.05
CA ALA A 51 1.39 4.68 4.80
C ALA A 51 0.74 3.38 4.34
N PHE A 52 -0.59 3.37 4.32
CA PHE A 52 -1.34 2.19 3.90
C PHE A 52 -2.39 2.56 2.85
N ILE A 53 -2.43 1.79 1.78
CA ILE A 53 -3.38 2.04 0.70
C ILE A 53 -4.08 0.75 0.27
N ASN A 54 -5.36 0.86 -0.05
CA ASN A 54 -6.14 -0.30 -0.48
C ASN A 54 -6.63 -0.14 -1.91
N PHE A 55 -6.48 -1.21 -2.70
CA PHE A 55 -6.90 -1.18 -4.10
C PHE A 55 -8.22 -1.91 -4.28
N ALA A 56 -8.86 -1.69 -5.43
CA ALA A 56 -10.14 -2.32 -5.73
C ALA A 56 -10.04 -3.84 -5.60
N SER A 57 -9.10 -4.44 -6.30
CA SER A 57 -8.91 -5.88 -6.27
C SER A 57 -7.42 -6.24 -6.26
N PHE A 58 -7.13 -7.52 -6.08
CA PHE A 58 -5.75 -8.00 -6.04
C PHE A 58 -5.01 -7.62 -7.33
N ASP A 59 -5.68 -7.83 -8.47
CA ASP A 59 -5.09 -7.52 -9.76
C ASP A 59 -4.43 -6.15 -9.75
N ALA A 60 -5.12 -5.18 -9.17
CA ALA A 60 -4.61 -3.82 -9.09
C ALA A 60 -3.34 -3.76 -8.24
N SER A 61 -3.40 -4.39 -7.06
CA SER A 61 -2.26 -4.39 -6.15
C SER A 61 -1.05 -5.04 -6.81
N ASP A 62 -1.29 -6.11 -7.57
CA ASP A 62 -0.21 -6.81 -8.26
C ASP A 62 0.66 -5.84 -9.04
N ALA A 63 0.02 -5.02 -9.88
CA ALA A 63 0.74 -4.05 -10.69
C ALA A 63 1.74 -3.26 -9.84
N ALA A 64 1.26 -2.70 -8.74
CA ALA A 64 2.12 -1.93 -7.84
C ALA A 64 3.28 -2.77 -7.31
N ILE A 65 2.96 -3.70 -6.43
CA ILE A 65 3.97 -4.58 -5.85
C ILE A 65 4.99 -5.01 -6.90
N GLU A 66 4.56 -5.03 -8.16
CA GLU A 66 5.44 -5.43 -9.25
C GLU A 66 6.37 -4.28 -9.64
N ALA A 67 5.78 -3.15 -10.01
CA ALA A 67 6.56 -1.97 -10.40
C ALA A 67 6.78 -1.04 -9.22
N MET A 68 5.69 -0.57 -8.64
CA MET A 68 5.77 0.34 -7.50
C MET A 68 6.82 -0.12 -6.51
N ASN A 69 6.96 -1.44 -6.37
CA ASN A 69 7.93 -2.01 -5.45
C ASN A 69 9.35 -1.55 -5.79
N GLY A 70 9.74 -0.42 -5.22
CA GLY A 70 11.06 0.12 -5.48
C GLY A 70 11.02 1.44 -6.23
N GLN A 71 9.96 1.65 -6.99
CA GLN A 71 9.80 2.87 -7.77
C GLN A 71 10.41 4.07 -7.03
N TYR A 72 11.36 4.72 -7.67
CA TYR A 72 12.02 5.88 -7.07
C TYR A 72 11.06 7.05 -6.94
N LEU A 73 10.55 7.25 -5.73
CA LEU A 73 9.61 8.34 -5.47
C LEU A 73 10.35 9.62 -5.13
N CYS A 74 9.61 10.71 -4.98
CA CYS A 74 10.19 12.00 -4.65
C CYS A 74 11.41 11.84 -3.75
N ASN A 75 12.59 11.71 -4.37
CA ASN A 75 13.83 11.53 -3.62
C ASN A 75 13.62 10.59 -2.44
N ARG A 76 12.97 9.46 -2.69
CA ARG A 76 12.71 8.47 -1.66
C ARG A 76 12.17 7.18 -2.26
N PRO A 77 12.99 6.12 -2.20
CA PRO A 77 12.62 4.81 -2.74
C PRO A 77 11.53 4.13 -1.92
N ILE A 78 10.33 4.03 -2.49
CA ILE A 78 9.20 3.41 -1.81
C ILE A 78 9.28 1.90 -1.89
N THR A 79 8.55 1.22 -1.02
CA THR A 79 8.53 -0.24 -0.99
C THR A 79 7.11 -0.77 -0.80
N VAL A 80 6.59 -1.45 -1.82
CA VAL A 80 5.24 -2.01 -1.77
C VAL A 80 5.29 -3.50 -1.45
N SER A 81 4.54 -3.90 -0.42
CA SER A 81 4.49 -5.30 -0.01
C SER A 81 3.15 -5.62 0.64
N TYR A 82 2.54 -6.73 0.21
CA TYR A 82 1.26 -7.16 0.73
C TYR A 82 1.23 -7.05 2.26
N ALA A 83 0.23 -6.36 2.78
CA ALA A 83 0.09 -6.18 4.23
C ALA A 83 -0.12 -7.52 4.93
N PHE A 84 0.33 -7.60 6.17
CA PHE A 84 0.20 -8.83 6.94
C PHE A 84 -0.68 -8.60 8.17
N LYS A 85 -1.77 -7.86 7.98
CA LYS A 85 -2.69 -7.57 9.07
C LYS A 85 -2.94 -8.81 9.92
N LYS A 86 -2.90 -9.98 9.28
CA LYS A 86 -3.11 -11.24 9.98
C LYS A 86 -1.88 -12.13 9.88
N ASP A 87 -1.64 -12.91 10.93
CA ASP A 87 -0.49 -13.82 10.96
C ASP A 87 -0.77 -15.05 10.12
N SER A 88 0.28 -15.84 9.87
CA SER A 88 0.16 -17.05 9.07
C SER A 88 0.52 -18.28 9.90
N LYS A 89 -0.05 -19.42 9.52
CA LYS A 89 0.20 -20.67 10.22
C LYS A 89 -0.26 -21.86 9.39
N GLY A 90 0.22 -23.05 9.75
CA GLY A 90 -0.14 -24.25 9.03
C GLY A 90 0.11 -25.52 9.82
N SER A 91 0.24 -26.64 9.13
CA SER A 91 0.48 -27.93 9.78
C SER A 91 1.40 -28.80 8.93
N GLY A 92 1.84 -29.92 9.50
CA GLY A 92 2.71 -30.82 8.79
C GLY A 92 2.05 -32.16 8.49
N PRO A 93 2.07 -32.57 7.22
CA PRO A 93 1.48 -33.83 6.77
C PRO A 93 2.25 -35.04 7.28
N SER A 94 3.33 -34.79 8.01
CA SER A 94 4.16 -35.85 8.55
C SER A 94 3.31 -36.89 9.29
N SER A 95 3.81 -38.12 9.36
CA SER A 95 3.10 -39.19 10.04
C SER A 95 4.08 -40.13 10.75
N GLY A 96 3.66 -40.63 11.90
CA GLY A 96 4.51 -41.52 12.67
C GLY A 96 3.73 -42.65 13.33
N GLY A 1 -20.10 -0.82 -3.28
CA GLY A 1 -19.09 -1.15 -2.29
C GLY A 1 -17.74 -1.46 -2.91
N SER A 2 -16.91 -2.19 -2.17
CA SER A 2 -15.58 -2.53 -2.65
C SER A 2 -15.52 -4.00 -3.08
N SER A 3 -14.89 -4.26 -4.22
CA SER A 3 -14.76 -5.61 -4.73
C SER A 3 -13.87 -6.46 -3.83
N GLY A 4 -12.59 -6.14 -3.82
CA GLY A 4 -11.64 -6.89 -3.00
C GLY A 4 -10.85 -5.99 -2.06
N SER A 5 -10.99 -6.20 -0.76
CA SER A 5 -10.28 -5.41 0.22
C SER A 5 -8.80 -5.79 0.28
N SER A 6 -8.04 -5.30 -0.68
CA SER A 6 -6.60 -5.59 -0.74
C SER A 6 -5.79 -4.36 -0.36
N GLY A 7 -5.32 -4.33 0.88
CA GLY A 7 -4.52 -3.21 1.35
C GLY A 7 -3.04 -3.48 1.25
N ILE A 8 -2.32 -2.57 0.61
CA ILE A 8 -0.88 -2.71 0.44
C ILE A 8 -0.12 -1.80 1.40
N PHE A 9 1.06 -2.24 1.82
CA PHE A 9 1.88 -1.47 2.74
C PHE A 9 3.01 -0.77 2.01
N ILE A 10 3.19 0.52 2.29
CA ILE A 10 4.23 1.31 1.64
C ILE A 10 5.07 2.05 2.68
N GLY A 11 6.38 2.09 2.46
CA GLY A 11 7.27 2.78 3.38
C GLY A 11 8.30 3.63 2.67
N ASN A 12 8.90 4.56 3.40
CA ASN A 12 9.91 5.45 2.82
C ASN A 12 9.27 6.47 1.89
N LEU A 13 8.23 7.14 2.37
CA LEU A 13 7.53 8.14 1.58
C LEU A 13 8.02 9.54 1.91
N ASP A 14 8.26 10.34 0.87
CA ASP A 14 8.73 11.71 1.05
C ASP A 14 7.76 12.51 1.91
N PRO A 15 8.30 13.34 2.81
CA PRO A 15 7.50 14.18 3.71
C PRO A 15 6.77 15.30 2.96
N GLU A 16 7.07 15.43 1.67
CA GLU A 16 6.45 16.46 0.85
C GLU A 16 5.22 15.92 0.13
N ILE A 17 5.00 14.62 0.25
CA ILE A 17 3.86 13.97 -0.38
C ILE A 17 2.65 13.94 0.54
N ASP A 18 1.46 13.95 -0.04
CA ASP A 18 0.23 13.92 0.73
C ASP A 18 -0.68 12.79 0.27
N GLU A 19 -1.85 12.68 0.89
CA GLU A 19 -2.80 11.64 0.55
C GLU A 19 -3.37 11.84 -0.86
N LYS A 20 -3.37 13.10 -1.31
CA LYS A 20 -3.87 13.44 -2.63
C LYS A 20 -2.97 12.88 -3.71
N LEU A 21 -1.69 13.22 -3.66
CA LEU A 21 -0.72 12.76 -4.63
C LEU A 21 -0.72 11.23 -4.71
N LEU A 22 -0.37 10.58 -3.61
CA LEU A 22 -0.34 9.13 -3.55
C LEU A 22 -1.55 8.53 -4.26
N TYR A 23 -2.73 9.02 -3.93
CA TYR A 23 -3.96 8.53 -4.54
C TYR A 23 -3.83 8.47 -6.06
N ASP A 24 -3.13 9.45 -6.62
CA ASP A 24 -2.92 9.52 -8.06
C ASP A 24 -1.73 8.67 -8.49
N THR A 25 -0.56 8.97 -7.91
CA THR A 25 0.65 8.23 -8.22
C THR A 25 0.38 6.74 -8.38
N PHE A 26 -0.60 6.24 -7.63
CA PHE A 26 -0.96 4.83 -7.68
C PHE A 26 -2.17 4.62 -8.60
N SER A 27 -3.11 5.55 -8.57
CA SER A 27 -4.31 5.47 -9.39
C SER A 27 -3.96 4.94 -10.79
N ALA A 28 -2.74 5.23 -11.24
CA ALA A 28 -2.30 4.78 -12.55
C ALA A 28 -2.45 3.28 -12.71
N PHE A 29 -1.94 2.54 -11.73
CA PHE A 29 -2.01 1.08 -11.76
C PHE A 29 -3.47 0.61 -11.68
N GLY A 30 -4.16 1.03 -10.63
CA GLY A 30 -5.55 0.64 -10.46
C GLY A 30 -6.34 1.65 -9.65
N VAL A 31 -7.66 1.49 -9.63
CA VAL A 31 -8.53 2.40 -8.89
C VAL A 31 -8.46 2.12 -7.40
N ILE A 32 -8.39 3.19 -6.60
CA ILE A 32 -8.33 3.07 -5.16
C ILE A 32 -9.72 2.98 -4.55
N LEU A 33 -9.89 2.08 -3.58
CA LEU A 33 -11.17 1.90 -2.92
C LEU A 33 -11.55 3.13 -2.13
N GLN A 34 -10.58 3.71 -1.43
CA GLN A 34 -10.82 4.90 -0.62
C GLN A 34 -9.52 5.66 -0.37
N THR A 35 -9.63 6.96 -0.13
CA THR A 35 -8.46 7.79 0.13
C THR A 35 -7.45 7.06 0.99
N PRO A 36 -6.16 7.19 0.64
CA PRO A 36 -5.06 6.55 1.38
C PRO A 36 -4.85 7.17 2.76
N LYS A 37 -4.39 6.36 3.71
CA LYS A 37 -4.15 6.82 5.06
C LYS A 37 -2.66 6.80 5.38
N ILE A 38 -2.15 7.88 5.96
CA ILE A 38 -0.75 7.98 6.32
C ILE A 38 -0.57 8.06 7.83
N MET A 39 0.06 7.04 8.40
CA MET A 39 0.30 6.99 9.83
C MET A 39 1.50 7.85 10.22
N ARG A 40 1.24 9.13 10.52
CA ARG A 40 2.29 10.06 10.91
C ARG A 40 2.02 10.64 12.29
N ASP A 41 3.07 11.21 12.89
CA ASP A 41 2.94 11.80 14.22
C ASP A 41 1.76 12.76 14.28
N PRO A 42 0.70 12.35 15.00
CA PRO A 42 -0.51 13.15 15.16
C PRO A 42 -0.27 14.40 16.02
N ASP A 43 0.91 14.49 16.61
CA ASP A 43 1.26 15.63 17.44
C ASP A 43 2.03 16.68 16.65
N THR A 44 3.27 16.36 16.30
CA THR A 44 4.12 17.27 15.54
C THR A 44 3.53 17.53 14.16
N GLY A 45 3.34 16.46 13.39
CA GLY A 45 2.79 16.59 12.05
C GLY A 45 3.85 16.39 10.97
N ASN A 46 4.63 15.32 11.10
CA ASN A 46 5.67 15.03 10.13
C ASN A 46 5.52 13.60 9.60
N SER A 47 5.20 13.49 8.31
CA SER A 47 5.03 12.19 7.67
C SER A 47 6.06 11.20 8.18
N LYS A 48 5.62 10.26 9.01
CA LYS A 48 6.51 9.24 9.57
C LYS A 48 7.36 8.61 8.47
N GLY A 49 6.70 7.98 7.50
CA GLY A 49 7.42 7.34 6.41
C GLY A 49 6.68 6.15 5.85
N TYR A 50 5.69 5.66 6.60
CA TYR A 50 4.90 4.51 6.17
C TYR A 50 3.43 4.88 6.04
N ALA A 51 2.79 4.35 5.01
CA ALA A 51 1.38 4.62 4.77
C ALA A 51 0.66 3.38 4.22
N PHE A 52 -0.66 3.36 4.36
CA PHE A 52 -1.46 2.23 3.87
C PHE A 52 -2.39 2.67 2.74
N ILE A 53 -2.39 1.90 1.66
CA ILE A 53 -3.23 2.21 0.51
C ILE A 53 -4.01 0.97 0.06
N ASN A 54 -5.32 1.13 -0.11
CA ASN A 54 -6.17 0.03 -0.53
C ASN A 54 -6.50 0.14 -2.01
N PHE A 55 -6.62 -1.00 -2.68
CA PHE A 55 -6.92 -1.04 -4.11
C PHE A 55 -8.29 -1.65 -4.36
N ALA A 56 -8.86 -1.37 -5.52
CA ALA A 56 -10.17 -1.89 -5.89
C ALA A 56 -10.17 -3.42 -5.91
N SER A 57 -9.19 -4.00 -6.61
CA SER A 57 -9.07 -5.44 -6.70
C SER A 57 -7.65 -5.90 -6.45
N PHE A 58 -7.42 -7.21 -6.50
CA PHE A 58 -6.10 -7.77 -6.28
C PHE A 58 -5.17 -7.47 -7.45
N ASP A 59 -5.65 -7.74 -8.66
CA ASP A 59 -4.85 -7.50 -9.86
C ASP A 59 -4.21 -6.12 -9.81
N ALA A 60 -4.96 -5.13 -9.35
CA ALA A 60 -4.47 -3.77 -9.26
C ALA A 60 -3.33 -3.67 -8.24
N SER A 61 -3.48 -4.37 -7.12
CA SER A 61 -2.49 -4.35 -6.06
C SER A 61 -1.17 -4.95 -6.55
N ASP A 62 -1.26 -6.03 -7.33
CA ASP A 62 -0.08 -6.69 -7.86
C ASP A 62 0.73 -5.73 -8.71
N ALA A 63 0.08 -5.10 -9.68
CA ALA A 63 0.76 -4.16 -10.56
C ALA A 63 1.78 -3.32 -9.81
N ALA A 64 1.41 -2.88 -8.62
CA ALA A 64 2.30 -2.07 -7.79
C ALA A 64 3.47 -2.89 -7.28
N ILE A 65 3.17 -3.91 -6.48
CA ILE A 65 4.21 -4.78 -5.93
C ILE A 65 5.18 -5.24 -7.01
N GLU A 66 4.75 -5.13 -8.27
CA GLU A 66 5.59 -5.52 -9.40
C GLU A 66 6.46 -4.37 -9.86
N ALA A 67 5.82 -3.23 -10.12
CA ALA A 67 6.55 -2.03 -10.57
C ALA A 67 6.82 -1.09 -9.41
N MET A 68 5.75 -0.67 -8.74
CA MET A 68 5.89 0.25 -7.61
C MET A 68 6.91 -0.28 -6.60
N ASN A 69 6.92 -1.60 -6.41
CA ASN A 69 7.84 -2.22 -5.47
C ASN A 69 9.27 -1.76 -5.73
N GLY A 70 9.71 -0.78 -4.97
CA GLY A 70 11.07 -0.26 -5.12
C GLY A 70 11.10 1.04 -5.90
N GLN A 71 10.06 1.29 -6.68
CA GLN A 71 9.97 2.51 -7.48
C GLN A 71 10.62 3.69 -6.74
N TYR A 72 11.32 4.53 -7.48
CA TYR A 72 11.98 5.70 -6.89
C TYR A 72 11.01 6.89 -6.81
N LEU A 73 10.71 7.32 -5.59
CA LEU A 73 9.80 8.43 -5.38
C LEU A 73 10.58 9.69 -5.00
N CYS A 74 9.87 10.80 -4.87
CA CYS A 74 10.49 12.07 -4.50
C CYS A 74 11.72 11.84 -3.64
N ASN A 75 12.88 11.74 -4.29
CA ASN A 75 14.15 11.52 -3.59
C ASN A 75 13.94 10.61 -2.39
N ARG A 76 13.26 9.49 -2.61
CA ARG A 76 12.99 8.53 -1.54
C ARG A 76 12.36 7.26 -2.10
N PRO A 77 13.15 6.19 -2.17
CA PRO A 77 12.70 4.89 -2.68
C PRO A 77 11.70 4.21 -1.75
N ILE A 78 10.50 3.97 -2.25
CA ILE A 78 9.46 3.33 -1.46
C ILE A 78 9.45 1.82 -1.67
N THR A 79 8.67 1.11 -0.86
CA THR A 79 8.58 -0.34 -0.96
C THR A 79 7.14 -0.81 -0.80
N VAL A 80 6.61 -1.44 -1.85
CA VAL A 80 5.24 -1.94 -1.83
C VAL A 80 5.21 -3.43 -1.54
N SER A 81 4.41 -3.82 -0.54
CA SER A 81 4.30 -5.22 -0.16
C SER A 81 2.98 -5.48 0.57
N TYR A 82 2.39 -6.63 0.31
CA TYR A 82 1.11 -7.00 0.92
C TYR A 82 1.18 -6.84 2.45
N ALA A 83 0.13 -6.27 3.02
CA ALA A 83 0.08 -6.06 4.46
C ALA A 83 -0.06 -7.39 5.20
N PHE A 84 -0.94 -8.25 4.72
CA PHE A 84 -1.16 -9.55 5.34
C PHE A 84 -0.23 -10.61 4.73
N LYS A 85 0.69 -11.11 5.55
CA LYS A 85 1.63 -12.12 5.09
C LYS A 85 0.97 -13.08 4.11
N LYS A 86 -0.31 -13.33 4.31
CA LYS A 86 -1.07 -14.23 3.44
C LYS A 86 -2.19 -13.49 2.73
N ASP A 87 -2.15 -13.49 1.40
CA ASP A 87 -3.17 -12.82 0.60
C ASP A 87 -4.21 -13.82 0.11
N SER A 88 -3.74 -14.94 -0.43
CA SER A 88 -4.64 -15.97 -0.96
C SER A 88 -4.79 -17.10 0.05
N LYS A 89 -6.01 -17.62 0.16
CA LYS A 89 -6.31 -18.71 1.09
C LYS A 89 -5.89 -20.06 0.49
N GLY A 90 -4.65 -20.47 0.78
CA GLY A 90 -4.15 -21.72 0.27
C GLY A 90 -2.83 -21.57 -0.45
N SER A 91 -1.90 -22.48 -0.19
CA SER A 91 -0.58 -22.44 -0.82
C SER A 91 -0.21 -23.81 -1.38
N GLY A 92 -0.63 -24.85 -0.69
CA GLY A 92 -0.33 -26.21 -1.13
C GLY A 92 0.05 -27.13 0.01
N PRO A 93 -0.95 -27.54 0.80
CA PRO A 93 -0.74 -28.42 1.95
C PRO A 93 -0.36 -29.84 1.52
N SER A 94 -0.47 -30.12 0.23
CA SER A 94 -0.14 -31.44 -0.31
C SER A 94 -1.03 -32.51 0.31
N SER A 95 -2.30 -32.16 0.53
CA SER A 95 -3.26 -33.10 1.11
C SER A 95 -3.36 -34.37 0.27
N GLY A 96 -3.47 -34.19 -1.04
CA GLY A 96 -3.58 -35.33 -1.94
C GLY A 96 -3.20 -34.98 -3.37
N GLY A 1 -19.61 0.16 0.11
CA GLY A 1 -19.13 -1.20 -0.07
C GLY A 1 -17.67 -1.25 -0.48
N SER A 2 -16.88 -2.01 0.26
CA SER A 2 -15.46 -2.13 -0.03
C SER A 2 -15.15 -3.48 -0.69
N SER A 3 -14.96 -3.45 -2.00
CA SER A 3 -14.67 -4.67 -2.75
C SER A 3 -13.16 -4.91 -2.84
N GLY A 4 -12.78 -6.04 -3.43
CA GLY A 4 -11.37 -6.37 -3.55
C GLY A 4 -10.56 -5.93 -2.35
N SER A 5 -10.90 -6.46 -1.18
CA SER A 5 -10.20 -6.11 0.05
C SER A 5 -8.83 -6.78 0.11
N SER A 6 -7.81 -6.06 -0.33
CA SER A 6 -6.45 -6.58 -0.33
C SER A 6 -5.54 -5.75 0.56
N GLY A 7 -5.43 -4.46 0.24
CA GLY A 7 -4.58 -3.57 1.02
C GLY A 7 -3.11 -3.79 0.75
N ILE A 8 -2.33 -2.70 0.80
CA ILE A 8 -0.90 -2.78 0.56
C ILE A 8 -0.13 -1.87 1.52
N PHE A 9 1.05 -2.31 1.92
CA PHE A 9 1.88 -1.54 2.83
C PHE A 9 2.99 -0.82 2.07
N ILE A 10 3.19 0.46 2.40
CA ILE A 10 4.21 1.27 1.76
C ILE A 10 5.04 2.03 2.78
N GLY A 11 6.34 2.12 2.53
CA GLY A 11 7.23 2.83 3.44
C GLY A 11 8.24 3.69 2.72
N ASN A 12 8.83 4.64 3.43
CA ASN A 12 9.83 5.53 2.85
C ASN A 12 9.16 6.57 1.93
N LEU A 13 8.10 7.18 2.42
CA LEU A 13 7.38 8.19 1.65
C LEU A 13 7.84 9.59 2.01
N ASP A 14 8.25 10.35 1.00
CA ASP A 14 8.72 11.71 1.22
C ASP A 14 7.69 12.53 1.98
N PRO A 15 8.17 13.37 2.91
CA PRO A 15 7.30 14.22 3.73
C PRO A 15 6.66 15.34 2.91
N GLU A 16 7.03 15.42 1.64
CA GLU A 16 6.48 16.45 0.76
C GLU A 16 5.26 15.93 0.01
N ILE A 17 5.04 14.62 0.07
CA ILE A 17 3.92 13.99 -0.61
C ILE A 17 2.69 13.96 0.30
N ASP A 18 1.53 14.22 -0.28
CA ASP A 18 0.27 14.22 0.47
C ASP A 18 -0.66 13.12 -0.04
N GLU A 19 -1.53 12.64 0.85
CA GLU A 19 -2.47 11.58 0.50
C GLU A 19 -3.01 11.79 -0.92
N LYS A 20 -3.42 13.01 -1.23
CA LYS A 20 -3.94 13.33 -2.55
C LYS A 20 -3.05 12.76 -3.65
N LEU A 21 -1.79 13.19 -3.67
CA LEU A 21 -0.84 12.73 -4.66
C LEU A 21 -0.79 11.20 -4.69
N LEU A 22 -0.47 10.60 -3.55
CA LEU A 22 -0.38 9.14 -3.46
C LEU A 22 -1.51 8.48 -4.25
N TYR A 23 -2.74 8.94 -4.03
CA TYR A 23 -3.89 8.40 -4.72
C TYR A 23 -3.63 8.29 -6.22
N ASP A 24 -3.30 9.41 -6.84
CA ASP A 24 -3.02 9.44 -8.27
C ASP A 24 -1.77 8.64 -8.60
N THR A 25 -0.66 9.00 -7.97
CA THR A 25 0.61 8.31 -8.20
C THR A 25 0.40 6.81 -8.33
N PHE A 26 -0.54 6.28 -7.55
CA PHE A 26 -0.83 4.85 -7.57
C PHE A 26 -2.03 4.56 -8.48
N SER A 27 -2.87 5.57 -8.69
CA SER A 27 -4.04 5.43 -9.53
C SER A 27 -3.65 4.93 -10.92
N ALA A 28 -2.55 5.46 -11.45
CA ALA A 28 -2.08 5.09 -12.78
C ALA A 28 -2.16 3.58 -12.98
N PHE A 29 -1.67 2.83 -11.99
CA PHE A 29 -1.69 1.37 -12.07
C PHE A 29 -3.13 0.84 -12.00
N GLY A 30 -3.76 1.03 -10.85
CA GLY A 30 -5.13 0.56 -10.68
C GLY A 30 -5.99 1.57 -9.94
N VAL A 31 -7.26 1.21 -9.71
CA VAL A 31 -8.18 2.08 -9.01
C VAL A 31 -8.06 1.92 -7.51
N ILE A 32 -8.36 2.99 -6.77
CA ILE A 32 -8.28 2.96 -5.31
C ILE A 32 -9.67 2.93 -4.69
N LEU A 33 -9.83 2.12 -3.65
CA LEU A 33 -11.10 2.01 -2.95
C LEU A 33 -11.48 3.32 -2.26
N GLN A 34 -10.53 3.86 -1.49
CA GLN A 34 -10.75 5.12 -0.78
C GLN A 34 -9.44 5.80 -0.46
N THR A 35 -9.49 7.12 -0.28
CA THR A 35 -8.30 7.90 0.03
C THR A 35 -7.33 7.11 0.90
N PRO A 36 -6.03 7.19 0.58
CA PRO A 36 -4.98 6.50 1.33
C PRO A 36 -4.78 7.07 2.72
N LYS A 37 -4.36 6.23 3.65
CA LYS A 37 -4.12 6.65 5.02
C LYS A 37 -2.63 6.80 5.31
N ILE A 38 -2.22 8.00 5.72
CA ILE A 38 -0.83 8.27 6.01
C ILE A 38 -0.62 8.54 7.50
N MET A 39 0.02 7.59 8.19
CA MET A 39 0.28 7.72 9.62
C MET A 39 1.28 8.85 9.89
N ARG A 40 0.95 9.70 10.85
CA ARG A 40 1.82 10.82 11.20
C ARG A 40 2.11 10.82 12.70
N ASP A 41 3.36 11.13 13.06
CA ASP A 41 3.77 11.18 14.45
C ASP A 41 2.95 12.20 15.23
N PRO A 42 2.09 11.71 16.13
CA PRO A 42 1.23 12.56 16.95
C PRO A 42 2.02 13.35 17.99
N ASP A 43 3.32 13.10 18.04
CA ASP A 43 4.19 13.79 19.00
C ASP A 43 4.81 15.04 18.37
N THR A 44 5.50 14.85 17.26
CA THR A 44 6.14 15.96 16.57
C THR A 44 5.17 16.65 15.61
N GLY A 45 4.45 15.85 14.84
CA GLY A 45 3.49 16.40 13.89
C GLY A 45 4.02 16.42 12.48
N ASN A 46 4.69 15.35 12.08
CA ASN A 46 5.25 15.26 10.74
C ASN A 46 4.96 13.89 10.11
N SER A 47 5.14 13.79 8.80
CA SER A 47 4.88 12.54 8.09
C SER A 47 5.85 11.45 8.54
N LYS A 48 5.32 10.49 9.29
CA LYS A 48 6.14 9.39 9.79
C LYS A 48 7.03 8.82 8.69
N GLY A 49 6.41 8.32 7.63
CA GLY A 49 7.16 7.76 6.52
C GLY A 49 6.47 6.56 5.90
N TYR A 50 5.67 5.87 6.69
CA TYR A 50 4.95 4.68 6.21
C TYR A 50 3.45 4.97 6.11
N ALA A 51 2.85 4.52 5.01
CA ALA A 51 1.42 4.72 4.79
C ALA A 51 0.76 3.44 4.30
N PHE A 52 -0.57 3.37 4.45
CA PHE A 52 -1.32 2.20 4.01
C PHE A 52 -2.34 2.57 2.95
N ILE A 53 -2.30 1.85 1.83
CA ILE A 53 -3.22 2.11 0.73
C ILE A 53 -3.91 0.82 0.27
N ASN A 54 -5.19 0.93 -0.07
CA ASN A 54 -5.95 -0.22 -0.52
C ASN A 54 -6.46 -0.03 -1.95
N PHE A 55 -6.46 -1.09 -2.73
CA PHE A 55 -6.92 -1.03 -4.11
C PHE A 55 -8.32 -1.63 -4.25
N ALA A 56 -8.93 -1.41 -5.40
CA ALA A 56 -10.27 -1.92 -5.66
C ALA A 56 -10.21 -3.32 -6.25
N SER A 57 -9.30 -3.54 -7.19
CA SER A 57 -9.14 -4.83 -7.83
C SER A 57 -7.85 -5.51 -7.39
N PHE A 58 -7.96 -6.77 -6.98
CA PHE A 58 -6.80 -7.53 -6.52
C PHE A 58 -5.63 -7.35 -7.48
N ASP A 59 -5.90 -7.46 -8.77
CA ASP A 59 -4.87 -7.32 -9.79
C ASP A 59 -4.05 -6.05 -9.56
N ALA A 60 -4.74 -4.93 -9.42
CA ALA A 60 -4.08 -3.65 -9.19
C ALA A 60 -3.00 -3.77 -8.13
N SER A 61 -3.38 -4.31 -6.97
CA SER A 61 -2.44 -4.49 -5.86
C SER A 61 -1.14 -5.14 -6.34
N ASP A 62 -1.27 -6.07 -7.29
CA ASP A 62 -0.11 -6.76 -7.83
C ASP A 62 0.71 -5.84 -8.72
N ALA A 63 0.04 -5.06 -9.55
CA ALA A 63 0.70 -4.12 -10.44
C ALA A 63 1.74 -3.31 -9.70
N ALA A 64 1.33 -2.69 -8.59
CA ALA A 64 2.23 -1.87 -7.79
C ALA A 64 3.39 -2.70 -7.26
N ILE A 65 3.08 -3.75 -6.51
CA ILE A 65 4.10 -4.62 -5.94
C ILE A 65 5.11 -5.05 -7.00
N GLU A 66 4.72 -4.92 -8.27
CA GLU A 66 5.59 -5.30 -9.38
C GLU A 66 6.46 -4.12 -9.79
N ALA A 67 5.85 -2.94 -9.91
CA ALA A 67 6.57 -1.74 -10.30
C ALA A 67 6.80 -0.82 -9.11
N MET A 68 5.71 -0.37 -8.50
CA MET A 68 5.78 0.52 -7.34
C MET A 68 6.80 0.00 -6.33
N ASN A 69 6.93 -1.33 -6.26
CA ASN A 69 7.87 -1.94 -5.32
C ASN A 69 9.30 -1.53 -5.63
N GLY A 70 9.64 -0.30 -5.27
CA GLY A 70 10.99 0.20 -5.52
C GLY A 70 10.99 1.52 -6.27
N GLN A 71 9.88 1.81 -6.94
CA GLN A 71 9.76 3.06 -7.70
C GLN A 71 10.43 4.22 -6.96
N TYR A 72 11.26 4.96 -7.67
CA TYR A 72 11.97 6.09 -7.08
C TYR A 72 11.02 7.28 -6.91
N LEU A 73 10.60 7.51 -5.66
CA LEU A 73 9.70 8.62 -5.36
C LEU A 73 10.48 9.87 -4.94
N CYS A 74 9.78 10.96 -4.74
CA CYS A 74 10.41 12.22 -4.35
C CYS A 74 11.66 11.97 -3.53
N ASN A 75 12.80 11.88 -4.21
CA ASN A 75 14.07 11.63 -3.54
C ASN A 75 13.90 10.67 -2.38
N ARG A 76 13.22 9.55 -2.64
CA ARG A 76 12.99 8.54 -1.61
C ARG A 76 12.39 7.27 -2.23
N PRO A 77 13.19 6.20 -2.25
CA PRO A 77 12.77 4.91 -2.80
C PRO A 77 11.72 4.22 -1.94
N ILE A 78 10.48 4.20 -2.43
CA ILE A 78 9.38 3.58 -1.70
C ILE A 78 9.34 2.07 -1.95
N THR A 79 8.51 1.37 -1.19
CA THR A 79 8.37 -0.07 -1.32
C THR A 79 6.91 -0.50 -1.21
N VAL A 80 6.58 -1.62 -1.85
CA VAL A 80 5.21 -2.13 -1.81
C VAL A 80 5.20 -3.62 -1.47
N SER A 81 4.48 -3.96 -0.40
CA SER A 81 4.39 -5.36 0.03
C SER A 81 3.06 -5.61 0.74
N TYR A 82 2.42 -6.72 0.39
CA TYR A 82 1.15 -7.08 0.99
C TYR A 82 1.20 -6.97 2.50
N ALA A 83 0.18 -6.34 3.09
CA ALA A 83 0.10 -6.15 4.53
C ALA A 83 0.04 -7.49 5.25
N PHE A 84 1.01 -7.76 6.11
CA PHE A 84 1.05 -9.01 6.85
C PHE A 84 -0.33 -9.38 7.38
N LYS A 85 -0.61 -10.67 7.42
CA LYS A 85 -1.91 -11.16 7.90
C LYS A 85 -1.72 -12.32 8.87
N LYS A 86 -2.06 -12.09 10.14
CA LYS A 86 -1.92 -13.13 11.16
C LYS A 86 -3.10 -14.10 11.11
N ASP A 87 -2.85 -15.34 11.49
CA ASP A 87 -3.88 -16.37 11.47
C ASP A 87 -4.34 -16.67 10.06
N SER A 88 -3.39 -16.84 9.16
CA SER A 88 -3.69 -17.13 7.76
C SER A 88 -2.89 -18.31 7.25
N LYS A 89 -3.52 -19.47 7.19
CA LYS A 89 -2.85 -20.68 6.71
C LYS A 89 -3.05 -20.86 5.21
N GLY A 90 -3.53 -19.81 4.55
CA GLY A 90 -3.75 -19.87 3.12
C GLY A 90 -4.75 -20.94 2.73
N SER A 91 -4.25 -22.13 2.41
CA SER A 91 -5.12 -23.24 2.02
C SER A 91 -4.32 -24.53 1.90
N GLY A 92 -4.87 -25.62 2.44
CA GLY A 92 -4.20 -26.89 2.39
C GLY A 92 -4.93 -27.97 3.16
N PRO A 93 -5.06 -29.16 2.56
CA PRO A 93 -5.75 -30.30 3.18
C PRO A 93 -4.97 -30.87 4.36
N SER A 94 -5.53 -31.89 5.00
CA SER A 94 -4.90 -32.52 6.14
C SER A 94 -4.92 -34.04 6.01
N SER A 95 -4.26 -34.73 6.94
CA SER A 95 -4.21 -36.18 6.92
C SER A 95 -5.07 -36.77 8.04
N GLY A 96 -4.87 -36.28 9.26
CA GLY A 96 -5.62 -36.77 10.39
C GLY A 96 -5.12 -38.11 10.89
N GLY A 1 -16.59 2.21 -0.38
CA GLY A 1 -16.81 0.92 0.27
C GLY A 1 -15.73 -0.08 -0.04
N SER A 2 -15.19 -0.71 1.00
CA SER A 2 -14.13 -1.70 0.82
C SER A 2 -14.69 -3.11 0.96
N SER A 3 -14.48 -3.93 -0.07
CA SER A 3 -14.96 -5.31 -0.07
C SER A 3 -13.85 -6.27 0.34
N GLY A 4 -12.77 -6.26 -0.43
CA GLY A 4 -11.65 -7.14 -0.14
C GLY A 4 -10.62 -6.49 0.77
N SER A 5 -9.85 -7.30 1.47
CA SER A 5 -8.83 -6.80 2.39
C SER A 5 -7.44 -6.96 1.79
N SER A 6 -7.31 -6.62 0.51
CA SER A 6 -6.03 -6.74 -0.19
C SER A 6 -5.24 -5.43 -0.09
N GLY A 7 -5.23 -4.84 1.10
CA GLY A 7 -4.52 -3.59 1.30
C GLY A 7 -3.02 -3.74 1.11
N ILE A 8 -2.40 -2.72 0.55
CA ILE A 8 -0.95 -2.74 0.31
C ILE A 8 -0.22 -1.82 1.27
N PHE A 9 0.97 -2.23 1.70
CA PHE A 9 1.77 -1.43 2.62
C PHE A 9 2.88 -0.69 1.87
N ILE A 10 2.95 0.61 2.11
CA ILE A 10 3.96 1.44 1.46
C ILE A 10 4.89 2.08 2.49
N GLY A 11 6.19 1.87 2.32
CA GLY A 11 7.16 2.42 3.23
C GLY A 11 8.19 3.30 2.53
N ASN A 12 8.78 4.24 3.28
CA ASN A 12 9.77 5.14 2.72
C ASN A 12 9.11 6.20 1.84
N LEU A 13 8.14 6.90 2.40
CA LEU A 13 7.42 7.95 1.67
C LEU A 13 7.90 9.32 2.09
N ASP A 14 8.39 10.11 1.13
CA ASP A 14 8.88 11.45 1.39
C ASP A 14 7.85 12.25 2.19
N PRO A 15 8.33 13.04 3.16
CA PRO A 15 7.47 13.88 4.01
C PRO A 15 6.84 15.03 3.24
N GLU A 16 7.16 15.13 1.95
CA GLU A 16 6.63 16.19 1.11
C GLU A 16 5.42 15.71 0.32
N ILE A 17 5.11 14.41 0.46
CA ILE A 17 3.98 13.82 -0.24
C ILE A 17 2.70 13.93 0.58
N ASP A 18 1.57 14.09 -0.10
CA ASP A 18 0.29 14.20 0.57
C ASP A 18 -0.72 13.22 -0.02
N GLU A 19 -1.68 12.79 0.80
CA GLU A 19 -2.70 11.85 0.37
C GLU A 19 -3.09 12.10 -1.08
N LYS A 20 -3.42 13.35 -1.39
CA LYS A 20 -3.81 13.73 -2.74
C LYS A 20 -2.87 13.12 -3.78
N LEU A 21 -1.58 13.38 -3.61
CA LEU A 21 -0.57 12.86 -4.53
C LEU A 21 -0.64 11.33 -4.61
N LEU A 22 -0.30 10.68 -3.50
CA LEU A 22 -0.32 9.22 -3.45
C LEU A 22 -1.51 8.67 -4.23
N TYR A 23 -2.71 9.13 -3.87
CA TYR A 23 -3.92 8.67 -4.55
C TYR A 23 -3.70 8.54 -6.05
N ASP A 24 -3.36 9.65 -6.70
CA ASP A 24 -3.11 9.65 -8.13
C ASP A 24 -1.90 8.80 -8.49
N THR A 25 -0.77 9.11 -7.87
CA THR A 25 0.47 8.37 -8.12
C THR A 25 0.19 6.88 -8.26
N PHE A 26 -0.72 6.37 -7.45
CA PHE A 26 -1.08 4.95 -7.49
C PHE A 26 -2.33 4.74 -8.34
N SER A 27 -3.12 5.80 -8.51
CA SER A 27 -4.34 5.72 -9.29
C SER A 27 -4.07 5.18 -10.70
N ALA A 28 -2.87 5.45 -11.19
CA ALA A 28 -2.47 5.00 -12.52
C ALA A 28 -2.58 3.48 -12.63
N PHE A 29 -1.92 2.77 -11.72
CA PHE A 29 -1.93 1.32 -11.72
C PHE A 29 -3.35 0.78 -11.59
N GLY A 30 -4.03 1.18 -10.52
CA GLY A 30 -5.40 0.74 -10.30
C GLY A 30 -6.21 1.74 -9.50
N VAL A 31 -7.49 1.43 -9.30
CA VAL A 31 -8.37 2.32 -8.55
C VAL A 31 -8.32 2.01 -7.05
N ILE A 32 -8.20 3.05 -6.24
CA ILE A 32 -8.14 2.90 -4.80
C ILE A 32 -9.54 2.75 -4.21
N LEU A 33 -9.66 1.87 -3.21
CA LEU A 33 -10.93 1.61 -2.56
C LEU A 33 -11.38 2.83 -1.75
N GLN A 34 -10.49 3.31 -0.88
CA GLN A 34 -10.78 4.48 -0.05
C GLN A 34 -9.54 5.31 0.18
N THR A 35 -9.72 6.61 0.39
CA THR A 35 -8.62 7.52 0.62
C THR A 35 -7.52 6.86 1.45
N PRO A 36 -6.27 7.00 1.00
CA PRO A 36 -5.11 6.42 1.69
C PRO A 36 -4.82 7.12 3.01
N LYS A 37 -4.24 6.37 3.94
CA LYS A 37 -3.91 6.90 5.26
C LYS A 37 -2.39 6.94 5.47
N ILE A 38 -1.88 8.11 5.83
CA ILE A 38 -0.45 8.27 6.06
C ILE A 38 -0.15 8.47 7.54
N MET A 39 0.69 7.60 8.09
CA MET A 39 1.06 7.68 9.50
C MET A 39 1.97 8.88 9.76
N ARG A 40 1.56 9.72 10.72
CA ARG A 40 2.34 10.90 11.06
C ARG A 40 2.72 10.89 12.54
N ASP A 41 4.02 11.05 12.82
CA ASP A 41 4.51 11.07 14.19
C ASP A 41 3.66 11.97 15.06
N PRO A 42 2.88 11.36 15.97
CA PRO A 42 2.00 12.10 16.88
C PRO A 42 2.78 12.88 17.94
N ASP A 43 4.09 12.65 17.98
CA ASP A 43 4.95 13.33 18.94
C ASP A 43 5.45 14.66 18.37
N THR A 44 6.09 14.59 17.21
CA THR A 44 6.63 15.78 16.56
C THR A 44 5.62 16.35 15.55
N GLY A 45 4.94 15.47 14.84
CA GLY A 45 3.97 15.89 13.85
C GLY A 45 4.53 15.85 12.44
N ASN A 46 5.34 14.84 12.16
CA ASN A 46 5.94 14.69 10.84
C ASN A 46 5.62 13.32 10.24
N SER A 47 5.54 13.26 8.92
CA SER A 47 5.23 12.02 8.23
C SER A 47 6.17 10.90 8.69
N LYS A 48 5.60 9.89 9.33
CA LYS A 48 6.38 8.76 9.82
C LYS A 48 7.26 8.18 8.72
N GLY A 49 6.64 7.77 7.62
CA GLY A 49 7.39 7.21 6.51
C GLY A 49 6.67 6.05 5.85
N TYR A 50 5.66 5.52 6.53
CA TYR A 50 4.89 4.40 6.01
C TYR A 50 3.40 4.74 5.95
N ALA A 51 2.75 4.34 4.87
CA ALA A 51 1.32 4.59 4.70
C ALA A 51 0.58 3.33 4.30
N PHE A 52 -0.74 3.40 4.29
CA PHE A 52 -1.58 2.25 3.92
C PHE A 52 -2.57 2.62 2.82
N ILE A 53 -2.61 1.81 1.78
CA ILE A 53 -3.51 2.05 0.66
C ILE A 53 -4.17 0.76 0.19
N ASN A 54 -5.50 0.79 0.03
CA ASN A 54 -6.23 -0.38 -0.41
C ASN A 54 -6.70 -0.22 -1.86
N PHE A 55 -6.68 -1.32 -2.61
CA PHE A 55 -7.09 -1.30 -4.01
C PHE A 55 -8.44 -1.98 -4.19
N ALA A 56 -9.11 -1.67 -5.29
CA ALA A 56 -10.41 -2.26 -5.58
C ALA A 56 -10.27 -3.70 -6.08
N SER A 57 -9.28 -3.93 -6.94
CA SER A 57 -9.05 -5.26 -7.48
C SER A 57 -7.73 -5.83 -6.96
N PHE A 58 -7.69 -7.15 -6.80
CA PHE A 58 -6.49 -7.82 -6.32
C PHE A 58 -5.33 -7.65 -7.29
N ASP A 59 -5.63 -7.73 -8.58
CA ASP A 59 -4.62 -7.58 -9.62
C ASP A 59 -3.99 -6.18 -9.57
N ALA A 60 -4.82 -5.19 -9.28
CA ALA A 60 -4.34 -3.81 -9.20
C ALA A 60 -3.23 -3.67 -8.17
N SER A 61 -3.29 -4.49 -7.12
CA SER A 61 -2.29 -4.45 -6.06
C SER A 61 -0.98 -5.10 -6.52
N ASP A 62 -1.11 -6.13 -7.36
CA ASP A 62 0.06 -6.83 -7.89
C ASP A 62 0.93 -5.90 -8.72
N ALA A 63 0.29 -5.17 -9.64
CA ALA A 63 1.00 -4.24 -10.50
C ALA A 63 2.02 -3.42 -9.71
N ALA A 64 1.56 -2.83 -8.61
CA ALA A 64 2.43 -2.02 -7.76
C ALA A 64 3.60 -2.84 -7.23
N ILE A 65 3.29 -3.89 -6.49
CA ILE A 65 4.32 -4.75 -5.92
C ILE A 65 5.34 -5.15 -6.97
N GLU A 66 4.95 -5.07 -8.23
CA GLU A 66 5.84 -5.42 -9.34
C GLU A 66 6.68 -4.23 -9.77
N ALA A 67 6.00 -3.11 -10.04
CA ALA A 67 6.67 -1.90 -10.46
C ALA A 67 6.91 -0.95 -9.28
N MET A 68 5.83 -0.53 -8.64
CA MET A 68 5.91 0.37 -7.50
C MET A 68 6.96 -0.12 -6.51
N ASN A 69 7.01 -1.43 -6.31
CA ASN A 69 7.97 -2.02 -5.37
C ASN A 69 9.40 -1.64 -5.75
N GLY A 70 9.81 -0.45 -5.33
CA GLY A 70 11.16 0.01 -5.63
C GLY A 70 11.16 1.34 -6.37
N GLN A 71 10.00 1.70 -6.93
CA GLN A 71 9.88 2.95 -7.68
C GLN A 71 10.54 4.10 -6.92
N TYR A 72 11.48 4.78 -7.57
CA TYR A 72 12.19 5.90 -6.96
C TYR A 72 11.26 7.11 -6.83
N LEU A 73 10.69 7.29 -5.65
CA LEU A 73 9.80 8.41 -5.39
C LEU A 73 10.58 9.64 -4.94
N CYS A 74 9.88 10.75 -4.79
CA CYS A 74 10.51 12.00 -4.36
C CYS A 74 11.69 11.72 -3.44
N ASN A 75 12.87 11.58 -4.03
CA ASN A 75 14.09 11.31 -3.27
C ASN A 75 13.80 10.33 -2.13
N ARG A 76 13.14 9.23 -2.46
CA ARG A 76 12.80 8.22 -1.45
C ARG A 76 12.23 6.97 -2.11
N PRO A 77 13.03 5.90 -2.14
CA PRO A 77 12.64 4.62 -2.74
C PRO A 77 11.55 3.91 -1.93
N ILE A 78 10.30 4.06 -2.37
CA ILE A 78 9.18 3.43 -1.69
C ILE A 78 9.18 1.92 -1.91
N THR A 79 8.45 1.20 -1.05
CA THR A 79 8.36 -0.24 -1.15
C THR A 79 6.91 -0.72 -1.02
N VAL A 80 6.51 -1.60 -1.92
CA VAL A 80 5.15 -2.13 -1.90
C VAL A 80 5.14 -3.60 -1.49
N SER A 81 4.38 -3.91 -0.44
CA SER A 81 4.29 -5.27 0.07
C SER A 81 2.90 -5.53 0.66
N TYR A 82 2.40 -6.74 0.45
CA TYR A 82 1.08 -7.12 0.96
C TYR A 82 1.04 -7.02 2.48
N ALA A 83 -0.06 -6.49 3.00
CA ALA A 83 -0.23 -6.34 4.44
C ALA A 83 -0.59 -7.68 5.09
N PHE A 84 -0.32 -7.79 6.39
CA PHE A 84 -0.61 -9.01 7.13
C PHE A 84 -1.94 -9.60 6.69
N LYS A 85 -1.90 -10.79 6.09
CA LYS A 85 -3.10 -11.46 5.62
C LYS A 85 -3.25 -12.83 6.28
N LYS A 86 -4.42 -13.43 6.14
CA LYS A 86 -4.69 -14.75 6.71
C LYS A 86 -4.37 -15.85 5.71
N ASP A 87 -3.79 -16.94 6.21
CA ASP A 87 -3.43 -18.07 5.36
C ASP A 87 -3.90 -19.38 5.97
N SER A 88 -4.88 -20.02 5.34
CA SER A 88 -5.41 -21.29 5.84
C SER A 88 -4.28 -22.25 6.19
N LYS A 89 -4.48 -23.00 7.27
CA LYS A 89 -3.47 -23.96 7.72
C LYS A 89 -3.66 -25.31 7.01
N GLY A 90 -2.74 -25.63 6.11
CA GLY A 90 -2.82 -26.88 5.38
C GLY A 90 -1.47 -27.51 5.17
N SER A 91 -0.79 -27.12 4.09
CA SER A 91 0.52 -27.66 3.76
C SER A 91 0.43 -29.13 3.40
N GLY A 92 -0.56 -29.48 2.58
CA GLY A 92 -0.75 -30.85 2.17
C GLY A 92 -0.77 -31.82 3.34
N PRO A 93 -1.95 -31.97 3.96
CA PRO A 93 -2.12 -32.86 5.12
C PRO A 93 -2.03 -34.33 4.72
N SER A 94 -0.91 -34.95 5.05
CA SER A 94 -0.69 -36.36 4.73
C SER A 94 -1.40 -37.26 5.75
N SER A 95 -1.31 -38.57 5.53
CA SER A 95 -1.94 -39.54 6.42
C SER A 95 -1.33 -40.92 6.24
N GLY A 96 -1.62 -41.81 7.18
CA GLY A 96 -1.09 -43.17 7.11
C GLY A 96 0.42 -43.19 7.21
N GLY A 1 -19.85 -1.66 0.84
CA GLY A 1 -19.02 -0.61 0.29
C GLY A 1 -17.58 -1.06 0.10
N SER A 2 -16.63 -0.18 0.45
CA SER A 2 -15.22 -0.49 0.32
C SER A 2 -14.84 -1.71 1.16
N SER A 3 -14.94 -2.89 0.56
CA SER A 3 -14.62 -4.12 1.25
C SER A 3 -13.12 -4.40 1.21
N GLY A 4 -12.33 -3.50 1.80
CA GLY A 4 -10.89 -3.66 1.81
C GLY A 4 -10.47 -4.98 2.43
N SER A 5 -9.90 -5.86 1.60
CA SER A 5 -9.45 -7.16 2.07
C SER A 5 -8.00 -7.41 1.66
N SER A 6 -7.63 -6.89 0.50
CA SER A 6 -6.27 -7.06 -0.01
C SER A 6 -5.60 -5.71 -0.25
N GLY A 7 -5.24 -5.04 0.83
CA GLY A 7 -4.60 -3.74 0.72
C GLY A 7 -3.12 -3.84 0.42
N ILE A 8 -2.37 -2.80 0.74
CA ILE A 8 -0.94 -2.78 0.50
C ILE A 8 -0.23 -1.86 1.49
N PHE A 9 1.02 -2.21 1.82
CA PHE A 9 1.81 -1.42 2.76
C PHE A 9 2.96 -0.72 2.05
N ILE A 10 3.03 0.60 2.20
CA ILE A 10 4.08 1.39 1.57
C ILE A 10 4.93 2.11 2.62
N GLY A 11 6.24 2.05 2.44
CA GLY A 11 7.15 2.70 3.38
C GLY A 11 8.19 3.56 2.67
N ASN A 12 8.91 4.36 3.45
CA ASN A 12 9.94 5.23 2.90
C ASN A 12 9.32 6.29 2.00
N LEU A 13 8.18 6.82 2.42
CA LEU A 13 7.48 7.85 1.65
C LEU A 13 8.02 9.24 1.99
N ASP A 14 8.26 10.05 0.96
CA ASP A 14 8.76 11.40 1.16
C ASP A 14 7.79 12.24 1.99
N PRO A 15 8.34 13.04 2.91
CA PRO A 15 7.54 13.89 3.79
C PRO A 15 6.88 15.05 3.03
N GLU A 16 7.23 15.18 1.76
CA GLU A 16 6.68 16.25 0.92
C GLU A 16 5.43 15.76 0.18
N ILE A 17 5.16 14.46 0.28
CA ILE A 17 3.99 13.89 -0.38
C ILE A 17 2.75 14.02 0.48
N ASP A 18 1.59 14.06 -0.17
CA ASP A 18 0.32 14.19 0.54
C ASP A 18 -0.68 13.14 0.08
N GLU A 19 -1.67 12.85 0.91
CA GLU A 19 -2.69 11.86 0.57
C GLU A 19 -3.15 12.03 -0.87
N LYS A 20 -3.35 13.27 -1.28
CA LYS A 20 -3.78 13.56 -2.64
C LYS A 20 -2.86 12.91 -3.67
N LEU A 21 -1.62 13.37 -3.70
CA LEU A 21 -0.63 12.83 -4.63
C LEU A 21 -0.64 11.31 -4.62
N LEU A 22 -0.28 10.74 -3.47
CA LEU A 22 -0.25 9.28 -3.31
C LEU A 22 -1.40 8.63 -4.09
N TYR A 23 -2.60 9.15 -3.90
CA TYR A 23 -3.78 8.61 -4.58
C TYR A 23 -3.52 8.46 -6.08
N ASP A 24 -3.21 9.57 -6.73
CA ASP A 24 -2.94 9.56 -8.16
C ASP A 24 -1.73 8.70 -8.48
N THR A 25 -0.62 8.98 -7.80
CA THR A 25 0.62 8.24 -8.01
C THR A 25 0.34 6.75 -8.19
N PHE A 26 -0.58 6.22 -7.40
CA PHE A 26 -0.94 4.82 -7.48
C PHE A 26 -2.19 4.62 -8.34
N SER A 27 -2.90 5.71 -8.59
CA SER A 27 -4.12 5.66 -9.38
C SER A 27 -3.82 5.21 -10.81
N ALA A 28 -2.63 5.54 -11.30
CA ALA A 28 -2.22 5.16 -12.64
C ALA A 28 -2.31 3.65 -12.84
N PHE A 29 -1.85 2.91 -11.84
CA PHE A 29 -1.87 1.45 -11.91
C PHE A 29 -3.31 0.93 -11.85
N GLY A 30 -3.96 1.12 -10.70
CA GLY A 30 -5.31 0.66 -10.52
C GLY A 30 -6.21 1.73 -9.92
N VAL A 31 -7.39 1.32 -9.45
CA VAL A 31 -8.34 2.24 -8.85
C VAL A 31 -8.39 2.07 -7.34
N ILE A 32 -8.19 3.17 -6.62
CA ILE A 32 -8.22 3.14 -5.15
C ILE A 32 -9.65 3.12 -4.63
N LEU A 33 -9.90 2.29 -3.62
CA LEU A 33 -11.22 2.18 -3.03
C LEU A 33 -11.61 3.49 -2.33
N GLN A 34 -10.68 4.04 -1.56
CA GLN A 34 -10.93 5.28 -0.83
C GLN A 34 -9.62 5.98 -0.50
N THR A 35 -9.69 7.29 -0.25
CA THR A 35 -8.51 8.08 0.07
C THR A 35 -7.53 7.27 0.92
N PRO A 36 -6.25 7.32 0.54
CA PRO A 36 -5.19 6.60 1.26
C PRO A 36 -4.90 7.20 2.63
N LYS A 37 -4.39 6.37 3.54
CA LYS A 37 -4.07 6.81 4.89
C LYS A 37 -2.57 6.81 5.13
N ILE A 38 -2.09 7.81 5.84
CA ILE A 38 -0.66 7.92 6.14
C ILE A 38 -0.43 8.02 7.65
N MET A 39 0.40 7.12 8.17
CA MET A 39 0.72 7.12 9.59
C MET A 39 1.52 8.35 9.98
N ARG A 40 1.10 9.02 11.05
CA ARG A 40 1.78 10.23 11.52
C ARG A 40 1.94 10.19 13.04
N ASP A 41 3.04 10.75 13.52
CA ASP A 41 3.32 10.79 14.95
C ASP A 41 2.50 11.88 15.63
N PRO A 42 1.60 11.47 16.54
CA PRO A 42 0.74 12.40 17.28
C PRO A 42 1.52 13.24 18.29
N ASP A 43 2.69 12.74 18.69
CA ASP A 43 3.52 13.44 19.65
C ASP A 43 4.23 14.63 18.99
N THR A 44 5.03 14.34 17.97
CA THR A 44 5.75 15.39 17.25
C THR A 44 4.88 16.03 16.18
N GLY A 45 4.17 15.20 15.43
CA GLY A 45 3.31 15.71 14.37
C GLY A 45 4.01 15.79 13.04
N ASN A 46 4.58 14.67 12.61
CA ASN A 46 5.29 14.62 11.33
C ASN A 46 5.14 13.25 10.68
N SER A 47 4.98 13.26 9.36
CA SER A 47 4.80 12.01 8.61
C SER A 47 5.81 10.95 9.07
N LYS A 48 5.31 9.96 9.81
CA LYS A 48 6.16 8.90 10.32
C LYS A 48 7.15 8.44 9.26
N GLY A 49 6.62 7.99 8.12
CA GLY A 49 7.48 7.53 7.03
C GLY A 49 6.79 6.50 6.16
N TYR A 50 5.78 5.84 6.71
CA TYR A 50 5.04 4.82 5.97
C TYR A 50 3.56 5.18 5.86
N ALA A 51 2.84 4.45 5.01
CA ALA A 51 1.42 4.70 4.82
C ALA A 51 0.70 3.43 4.37
N PHE A 52 -0.63 3.47 4.41
CA PHE A 52 -1.43 2.32 4.01
C PHE A 52 -2.37 2.68 2.86
N ILE A 53 -2.46 1.81 1.87
CA ILE A 53 -3.33 2.04 0.71
C ILE A 53 -4.03 0.75 0.29
N ASN A 54 -5.32 0.87 -0.03
CA ASN A 54 -6.10 -0.28 -0.46
C ASN A 54 -6.62 -0.09 -1.88
N PHE A 55 -6.52 -1.15 -2.67
CA PHE A 55 -6.97 -1.12 -4.06
C PHE A 55 -8.35 -1.75 -4.21
N ALA A 56 -8.90 -1.67 -5.41
CA ALA A 56 -10.22 -2.24 -5.68
C ALA A 56 -10.17 -3.76 -5.67
N SER A 57 -9.12 -4.32 -6.26
CA SER A 57 -8.96 -5.76 -6.32
C SER A 57 -7.49 -6.16 -6.14
N PHE A 58 -7.22 -7.45 -6.25
CA PHE A 58 -5.85 -7.96 -6.10
C PHE A 58 -5.01 -7.60 -7.31
N ASP A 59 -5.49 -7.95 -8.50
CA ASP A 59 -4.78 -7.66 -9.73
C ASP A 59 -4.15 -6.27 -9.69
N ALA A 60 -4.94 -5.29 -9.26
CA ALA A 60 -4.46 -3.92 -9.18
C ALA A 60 -3.27 -3.81 -8.22
N SER A 61 -3.38 -4.47 -7.08
CA SER A 61 -2.32 -4.45 -6.08
C SER A 61 -1.04 -5.08 -6.62
N ASP A 62 -1.21 -6.11 -7.44
CA ASP A 62 -0.07 -6.82 -8.03
C ASP A 62 0.76 -5.87 -8.90
N ALA A 63 0.10 -5.21 -9.85
CA ALA A 63 0.78 -4.28 -10.74
C ALA A 63 1.71 -3.35 -9.96
N ALA A 64 1.20 -2.82 -8.85
CA ALA A 64 1.98 -1.90 -8.02
C ALA A 64 3.15 -2.64 -7.36
N ILE A 65 2.83 -3.70 -6.62
CA ILE A 65 3.85 -4.48 -5.94
C ILE A 65 4.93 -4.95 -6.90
N GLU A 66 4.60 -4.93 -8.19
CA GLU A 66 5.55 -5.35 -9.22
C GLU A 66 6.46 -4.19 -9.63
N ALA A 67 5.87 -3.01 -9.78
CA ALA A 67 6.63 -1.82 -10.17
C ALA A 67 6.89 -0.92 -8.96
N MET A 68 5.81 -0.45 -8.34
CA MET A 68 5.93 0.42 -7.17
C MET A 68 6.91 -0.16 -6.16
N ASN A 69 7.07 -1.47 -6.18
CA ASN A 69 7.98 -2.15 -5.26
C ASN A 69 9.42 -1.73 -5.52
N GLY A 70 9.75 -0.50 -5.10
CA GLY A 70 11.10 0.01 -5.29
C GLY A 70 11.12 1.30 -6.10
N GLN A 71 10.02 1.59 -6.77
CA GLN A 71 9.92 2.80 -7.58
C GLN A 71 10.55 3.99 -6.86
N TYR A 72 11.40 4.72 -7.58
CA TYR A 72 12.08 5.88 -7.01
C TYR A 72 11.11 7.05 -6.85
N LEU A 73 10.70 7.31 -5.60
CA LEU A 73 9.79 8.40 -5.31
C LEU A 73 10.53 9.67 -4.91
N CYS A 74 9.80 10.74 -4.71
CA CYS A 74 10.40 12.02 -4.32
C CYS A 74 11.68 11.79 -3.52
N ASN A 75 12.81 11.74 -4.21
CA ASN A 75 14.10 11.53 -3.57
C ASN A 75 13.96 10.57 -2.39
N ARG A 76 13.32 9.43 -2.63
CA ARG A 76 13.12 8.43 -1.59
C ARG A 76 12.53 7.15 -2.17
N PRO A 77 13.34 6.08 -2.14
CA PRO A 77 12.93 4.77 -2.66
C PRO A 77 11.85 4.11 -1.80
N ILE A 78 10.63 4.09 -2.31
CA ILE A 78 9.52 3.48 -1.59
C ILE A 78 9.38 2.01 -1.92
N THR A 79 8.64 1.28 -1.08
CA THR A 79 8.43 -0.14 -1.29
C THR A 79 6.96 -0.51 -1.15
N VAL A 80 6.58 -1.66 -1.71
CA VAL A 80 5.20 -2.12 -1.65
C VAL A 80 5.13 -3.61 -1.32
N SER A 81 4.39 -3.94 -0.27
CA SER A 81 4.26 -5.33 0.15
C SER A 81 2.89 -5.57 0.80
N TYR A 82 2.25 -6.66 0.42
CA TYR A 82 0.94 -7.00 0.97
C TYR A 82 0.92 -6.84 2.49
N ALA A 83 0.01 -6.00 2.98
CA ALA A 83 -0.11 -5.77 4.41
C ALA A 83 -0.77 -6.96 5.10
N PHE A 84 -0.12 -8.11 5.07
CA PHE A 84 -0.65 -9.31 5.69
C PHE A 84 0.38 -10.44 5.68
N LYS A 85 0.25 -11.37 6.62
CA LYS A 85 1.17 -12.49 6.72
C LYS A 85 0.56 -13.74 6.11
N LYS A 86 0.97 -14.06 4.89
CA LYS A 86 0.46 -15.25 4.20
C LYS A 86 1.45 -16.39 4.29
N ASP A 87 0.96 -17.57 4.68
CA ASP A 87 1.80 -18.75 4.82
C ASP A 87 1.35 -19.84 3.84
N SER A 88 2.25 -20.78 3.57
CA SER A 88 1.95 -21.88 2.66
C SER A 88 2.22 -23.22 3.32
N LYS A 89 1.20 -24.07 3.35
CA LYS A 89 1.31 -25.40 3.96
C LYS A 89 0.75 -26.47 3.03
N GLY A 90 1.62 -27.39 2.61
CA GLY A 90 1.20 -28.46 1.73
C GLY A 90 2.36 -29.06 0.95
N SER A 91 2.19 -30.30 0.50
CA SER A 91 3.23 -31.00 -0.24
C SER A 91 2.63 -32.15 -1.06
N GLY A 92 2.72 -32.05 -2.38
CA GLY A 92 2.20 -33.08 -3.24
C GLY A 92 3.26 -33.69 -4.14
N PRO A 93 4.12 -34.53 -3.56
CA PRO A 93 5.20 -35.19 -4.29
C PRO A 93 4.69 -36.24 -5.27
N SER A 94 5.37 -36.39 -6.40
CA SER A 94 4.98 -37.35 -7.41
C SER A 94 5.81 -38.63 -7.31
N SER A 95 5.18 -39.77 -7.56
CA SER A 95 5.87 -41.05 -7.49
C SER A 95 7.10 -41.06 -8.39
N GLY A 96 6.94 -40.53 -9.60
CA GLY A 96 8.05 -40.49 -10.54
C GLY A 96 7.68 -41.08 -11.88
N GLY A 1 -16.54 -3.46 -6.73
CA GLY A 1 -16.47 -2.42 -5.72
C GLY A 1 -15.31 -2.60 -4.78
N SER A 2 -15.45 -3.51 -3.82
CA SER A 2 -14.40 -3.77 -2.85
C SER A 2 -14.15 -5.27 -2.70
N SER A 3 -14.10 -5.97 -3.83
CA SER A 3 -13.88 -7.42 -3.83
C SER A 3 -12.56 -7.75 -3.15
N GLY A 4 -12.64 -8.40 -1.99
CA GLY A 4 -11.44 -8.77 -1.25
C GLY A 4 -10.37 -7.69 -1.31
N SER A 5 -10.39 -6.80 -0.33
CA SER A 5 -9.42 -5.71 -0.27
C SER A 5 -8.00 -6.26 -0.16
N SER A 6 -7.14 -5.84 -1.07
CA SER A 6 -5.75 -6.29 -1.08
C SER A 6 -4.95 -5.60 0.03
N GLY A 7 -5.27 -4.34 0.28
CA GLY A 7 -4.56 -3.61 1.32
C GLY A 7 -3.06 -3.76 1.24
N ILE A 8 -2.40 -2.78 0.63
CA ILE A 8 -0.95 -2.82 0.47
C ILE A 8 -0.27 -1.84 1.44
N PHE A 9 0.93 -2.18 1.87
CA PHE A 9 1.68 -1.35 2.79
C PHE A 9 2.87 -0.69 2.09
N ILE A 10 2.99 0.63 2.26
CA ILE A 10 4.08 1.38 1.64
C ILE A 10 4.92 2.09 2.68
N GLY A 11 6.25 2.01 2.52
CA GLY A 11 7.15 2.65 3.46
C GLY A 11 8.21 3.48 2.77
N ASN A 12 8.85 4.37 3.52
CA ASN A 12 9.90 5.22 2.98
C ASN A 12 9.30 6.30 2.07
N LEU A 13 8.12 6.78 2.43
CA LEU A 13 7.44 7.81 1.65
C LEU A 13 8.00 9.20 1.98
N ASP A 14 8.09 10.05 0.97
CA ASP A 14 8.60 11.41 1.16
C ASP A 14 7.61 12.25 1.95
N PRO A 15 8.13 13.08 2.87
CA PRO A 15 7.31 13.95 3.71
C PRO A 15 6.67 15.08 2.91
N GLU A 16 7.14 15.27 1.68
CA GLU A 16 6.61 16.32 0.81
C GLU A 16 5.35 15.84 0.09
N ILE A 17 5.08 14.55 0.19
CA ILE A 17 3.90 13.96 -0.47
C ILE A 17 2.65 14.20 0.36
N ASP A 18 1.49 14.09 -0.29
CA ASP A 18 0.21 14.29 0.38
C ASP A 18 -0.79 13.21 -0.02
N GLU A 19 -1.76 12.96 0.85
CA GLU A 19 -2.78 11.95 0.58
C GLU A 19 -3.23 12.00 -0.87
N LYS A 20 -3.53 13.21 -1.35
CA LYS A 20 -3.97 13.40 -2.73
C LYS A 20 -2.97 12.82 -3.71
N LEU A 21 -1.74 13.34 -3.66
CA LEU A 21 -0.68 12.88 -4.55
C LEU A 21 -0.66 11.35 -4.63
N LEU A 22 -0.34 10.71 -3.50
CA LEU A 22 -0.29 9.26 -3.45
C LEU A 22 -1.42 8.63 -4.26
N TYR A 23 -2.64 9.06 -3.97
CA TYR A 23 -3.81 8.54 -4.69
C TYR A 23 -3.53 8.42 -6.17
N ASP A 24 -3.23 9.53 -6.81
CA ASP A 24 -2.95 9.55 -8.24
C ASP A 24 -1.70 8.72 -8.55
N THR A 25 -0.66 8.89 -7.75
CA THR A 25 0.58 8.14 -7.93
C THR A 25 0.31 6.67 -8.13
N PHE A 26 -0.59 6.11 -7.32
CA PHE A 26 -0.93 4.70 -7.41
C PHE A 26 -2.20 4.50 -8.24
N SER A 27 -2.84 5.60 -8.60
CA SER A 27 -4.06 5.54 -9.39
C SER A 27 -3.79 4.98 -10.78
N ALA A 28 -2.73 5.45 -11.40
CA ALA A 28 -2.35 4.99 -12.74
C ALA A 28 -2.48 3.48 -12.85
N PHE A 29 -1.82 2.76 -11.95
CA PHE A 29 -1.87 1.30 -11.94
C PHE A 29 -3.31 0.81 -11.89
N GLY A 30 -3.97 1.03 -10.76
CA GLY A 30 -5.35 0.60 -10.61
C GLY A 30 -6.21 1.63 -9.91
N VAL A 31 -7.42 1.24 -9.55
CA VAL A 31 -8.35 2.14 -8.87
C VAL A 31 -8.28 1.97 -7.36
N ILE A 32 -8.18 3.08 -6.65
CA ILE A 32 -8.09 3.05 -5.18
C ILE A 32 -9.49 3.00 -4.56
N LEU A 33 -9.63 2.20 -3.52
CA LEU A 33 -10.91 2.06 -2.83
C LEU A 33 -11.30 3.37 -2.14
N GLN A 34 -10.35 3.98 -1.45
CA GLN A 34 -10.59 5.23 -0.76
C GLN A 34 -9.28 5.97 -0.47
N THR A 35 -9.37 7.26 -0.23
CA THR A 35 -8.20 8.07 0.08
C THR A 35 -7.20 7.31 0.93
N PRO A 36 -5.91 7.40 0.56
CA PRO A 36 -4.84 6.71 1.29
C PRO A 36 -4.59 7.32 2.66
N LYS A 37 -4.13 6.50 3.60
CA LYS A 37 -3.86 6.95 4.96
C LYS A 37 -2.35 7.04 5.21
N ILE A 38 -1.92 8.14 5.82
CA ILE A 38 -0.51 8.34 6.11
C ILE A 38 -0.28 8.58 7.61
N MET A 39 0.71 7.91 8.16
CA MET A 39 1.03 8.05 9.57
C MET A 39 1.93 9.26 9.81
N ARG A 40 1.58 10.06 10.82
CA ARG A 40 2.35 11.26 11.15
C ARG A 40 2.59 11.35 12.65
N ASP A 41 3.85 11.30 13.05
CA ASP A 41 4.21 11.39 14.46
C ASP A 41 3.27 12.33 15.21
N PRO A 42 2.31 11.74 15.92
CA PRO A 42 1.32 12.51 16.70
C PRO A 42 1.94 13.19 17.91
N ASP A 43 3.19 12.83 18.22
CA ASP A 43 3.90 13.40 19.35
C ASP A 43 4.62 14.68 18.95
N THR A 44 5.43 14.59 17.90
CA THR A 44 6.18 15.73 17.41
C THR A 44 5.43 16.46 16.31
N GLY A 45 4.81 15.70 15.42
CA GLY A 45 4.05 16.29 14.33
C GLY A 45 4.80 16.26 13.02
N ASN A 46 5.33 15.09 12.67
CA ASN A 46 6.09 14.92 11.44
C ASN A 46 5.80 13.56 10.80
N SER A 47 5.71 13.54 9.48
CA SER A 47 5.43 12.30 8.75
C SER A 47 6.26 11.15 9.31
N LYS A 48 5.58 10.09 9.74
CA LYS A 48 6.25 8.92 10.29
C LYS A 48 7.25 8.35 9.30
N GLY A 49 6.76 7.96 8.13
CA GLY A 49 7.63 7.41 7.11
C GLY A 49 6.98 6.26 6.36
N TYR A 50 5.77 5.89 6.78
CA TYR A 50 5.05 4.80 6.14
C TYR A 50 3.56 5.12 6.05
N ALA A 51 2.91 4.59 5.02
CA ALA A 51 1.48 4.81 4.82
C ALA A 51 0.78 3.53 4.39
N PHE A 52 -0.55 3.56 4.41
CA PHE A 52 -1.34 2.39 4.02
C PHE A 52 -2.34 2.75 2.93
N ILE A 53 -2.51 1.83 1.98
CA ILE A 53 -3.44 2.05 0.88
C ILE A 53 -4.12 0.74 0.47
N ASN A 54 -5.43 0.82 0.23
CA ASN A 54 -6.19 -0.36 -0.17
C ASN A 54 -6.67 -0.22 -1.61
N PHE A 55 -6.44 -1.26 -2.40
CA PHE A 55 -6.85 -1.27 -3.80
C PHE A 55 -8.22 -1.92 -3.98
N ALA A 56 -8.79 -1.79 -5.16
CA ALA A 56 -10.10 -2.37 -5.45
C ALA A 56 -10.03 -3.88 -5.53
N SER A 57 -9.08 -4.39 -6.31
CA SER A 57 -8.90 -5.82 -6.47
C SER A 57 -7.43 -6.21 -6.40
N PHE A 58 -7.15 -7.49 -6.56
CA PHE A 58 -5.78 -7.99 -6.52
C PHE A 58 -5.02 -7.62 -7.79
N ASP A 59 -5.64 -7.87 -8.93
CA ASP A 59 -5.04 -7.57 -10.22
C ASP A 59 -4.36 -6.20 -10.19
N ALA A 60 -4.96 -5.27 -9.48
CA ALA A 60 -4.42 -3.92 -9.36
C ALA A 60 -3.25 -3.87 -8.38
N SER A 61 -3.41 -4.54 -7.24
CA SER A 61 -2.37 -4.57 -6.22
C SER A 61 -1.09 -5.17 -6.78
N ASP A 62 -1.23 -6.17 -7.64
CA ASP A 62 -0.08 -6.82 -8.25
C ASP A 62 0.75 -5.83 -9.07
N ALA A 63 0.06 -5.00 -9.84
CA ALA A 63 0.72 -3.99 -10.67
C ALA A 63 1.74 -3.21 -9.86
N ALA A 64 1.32 -2.73 -8.70
CA ALA A 64 2.20 -1.96 -7.83
C ALA A 64 3.35 -2.82 -7.30
N ILE A 65 3.01 -3.83 -6.52
CA ILE A 65 4.01 -4.73 -5.95
C ILE A 65 5.01 -5.18 -7.01
N GLU A 66 4.62 -5.06 -8.29
CA GLU A 66 5.47 -5.46 -9.39
C GLU A 66 6.36 -4.30 -9.82
N ALA A 67 5.77 -3.13 -10.00
CA ALA A 67 6.51 -1.94 -10.41
C ALA A 67 6.78 -1.02 -9.22
N MET A 68 5.70 -0.55 -8.60
CA MET A 68 5.82 0.33 -7.45
C MET A 68 6.77 -0.24 -6.41
N ASN A 69 6.87 -1.56 -6.37
CA ASN A 69 7.76 -2.23 -5.43
C ASN A 69 9.20 -1.79 -5.62
N GLY A 70 9.68 -0.92 -4.74
CA GLY A 70 11.04 -0.43 -4.82
C GLY A 70 11.15 0.83 -5.67
N GLN A 71 10.07 1.16 -6.36
CA GLN A 71 10.06 2.34 -7.22
C GLN A 71 10.67 3.54 -6.50
N TYR A 72 11.33 4.41 -7.26
CA TYR A 72 11.96 5.60 -6.70
C TYR A 72 10.98 6.76 -6.62
N LEU A 73 10.73 7.22 -5.40
CA LEU A 73 9.80 8.33 -5.18
C LEU A 73 10.55 9.61 -4.83
N CYS A 74 9.82 10.70 -4.69
CA CYS A 74 10.42 11.99 -4.35
C CYS A 74 11.66 11.80 -3.48
N ASN A 75 12.81 11.71 -4.13
CA ASN A 75 14.08 11.52 -3.42
C ASN A 75 13.90 10.59 -2.23
N ARG A 76 13.21 9.46 -2.47
CA ARG A 76 12.98 8.49 -1.41
C ARG A 76 12.37 7.21 -1.99
N PRO A 77 13.17 6.13 -2.01
CA PRO A 77 12.73 4.83 -2.53
C PRO A 77 11.69 4.17 -1.63
N ILE A 78 10.49 3.96 -2.19
CA ILE A 78 9.41 3.34 -1.44
C ILE A 78 9.36 1.83 -1.69
N THR A 79 8.57 1.12 -0.88
CA THR A 79 8.44 -0.32 -1.02
C THR A 79 6.99 -0.75 -0.84
N VAL A 80 6.48 -1.51 -1.82
CA VAL A 80 5.11 -1.98 -1.77
C VAL A 80 5.06 -3.48 -1.45
N SER A 81 4.35 -3.82 -0.39
CA SER A 81 4.22 -5.23 0.02
C SER A 81 2.82 -5.51 0.56
N TYR A 82 2.46 -6.78 0.60
CA TYR A 82 1.15 -7.19 1.10
C TYR A 82 1.11 -7.16 2.62
N ALA A 83 0.56 -6.08 3.17
CA ALA A 83 0.45 -5.92 4.61
C ALA A 83 -0.17 -7.15 5.25
N PHE A 84 0.66 -8.12 5.62
CA PHE A 84 0.17 -9.35 6.24
C PHE A 84 1.01 -9.71 7.46
N LYS A 85 0.51 -10.63 8.27
CA LYS A 85 1.21 -11.06 9.48
C LYS A 85 1.33 -12.59 9.52
N LYS A 86 0.22 -13.25 9.81
CA LYS A 86 0.20 -14.71 9.88
C LYS A 86 0.91 -15.32 8.68
N ASP A 87 1.56 -16.46 8.89
CA ASP A 87 2.28 -17.16 7.83
C ASP A 87 2.48 -18.62 8.18
N SER A 88 2.21 -19.50 7.22
CA SER A 88 2.37 -20.94 7.43
C SER A 88 3.09 -21.58 6.24
N LYS A 89 3.63 -22.77 6.46
CA LYS A 89 4.34 -23.50 5.42
C LYS A 89 3.58 -24.76 5.02
N GLY A 90 3.20 -25.55 6.03
CA GLY A 90 2.47 -26.78 5.75
C GLY A 90 1.12 -26.80 6.43
N SER A 91 0.06 -26.93 5.63
CA SER A 91 -1.30 -26.96 6.16
C SER A 91 -1.50 -28.17 7.06
N GLY A 92 -2.63 -28.18 7.78
CA GLY A 92 -2.92 -29.29 8.68
C GLY A 92 -3.93 -30.25 8.10
N PRO A 93 -4.48 -31.13 8.95
CA PRO A 93 -5.48 -32.12 8.54
C PRO A 93 -6.82 -31.49 8.20
N SER A 94 -7.25 -30.54 9.02
CA SER A 94 -8.52 -29.86 8.81
C SER A 94 -8.64 -29.37 7.37
N SER A 95 -9.35 -30.12 6.55
CA SER A 95 -9.53 -29.76 5.15
C SER A 95 -10.23 -28.42 5.01
N GLY A 96 -11.37 -28.28 5.69
CA GLY A 96 -12.11 -27.03 5.64
C GLY A 96 -12.55 -26.67 4.23
N GLY A 1 -15.16 -2.26 5.35
CA GLY A 1 -14.43 -1.07 4.94
C GLY A 1 -14.34 -0.93 3.44
N SER A 2 -13.16 -1.16 2.89
CA SER A 2 -12.95 -1.04 1.44
C SER A 2 -12.96 -2.42 0.79
N SER A 3 -12.06 -3.29 1.23
CA SER A 3 -11.96 -4.64 0.69
C SER A 3 -12.00 -5.68 1.80
N GLY A 4 -11.00 -5.64 2.67
CA GLY A 4 -10.94 -6.59 3.77
C GLY A 4 -9.54 -6.76 4.32
N SER A 5 -8.81 -7.73 3.76
CA SER A 5 -7.45 -8.00 4.20
C SER A 5 -6.52 -8.19 3.01
N SER A 6 -6.81 -7.48 1.92
CA SER A 6 -6.00 -7.56 0.70
C SER A 6 -5.39 -6.22 0.36
N GLY A 7 -5.07 -5.44 1.40
CA GLY A 7 -4.48 -4.13 1.18
C GLY A 7 -2.98 -4.20 0.90
N ILE A 8 -2.35 -3.04 0.74
CA ILE A 8 -0.93 -2.99 0.47
C ILE A 8 -0.22 -2.05 1.44
N PHE A 9 0.96 -2.47 1.90
CA PHE A 9 1.73 -1.67 2.84
C PHE A 9 2.86 -0.93 2.10
N ILE A 10 3.04 0.34 2.42
CA ILE A 10 4.07 1.16 1.81
C ILE A 10 4.95 1.82 2.87
N GLY A 11 6.22 2.04 2.52
CA GLY A 11 7.14 2.67 3.44
C GLY A 11 8.18 3.51 2.74
N ASN A 12 8.74 4.48 3.47
CA ASN A 12 9.76 5.36 2.90
C ASN A 12 9.12 6.39 1.97
N LEU A 13 8.15 7.12 2.48
CA LEU A 13 7.46 8.14 1.70
C LEU A 13 7.90 9.54 2.12
N ASP A 14 8.34 10.33 1.14
CA ASP A 14 8.79 11.70 1.41
C ASP A 14 7.77 12.45 2.25
N PRO A 15 8.25 13.25 3.20
CA PRO A 15 7.40 14.05 4.09
C PRO A 15 6.71 15.18 3.36
N GLU A 16 7.05 15.37 2.09
CA GLU A 16 6.46 16.43 1.28
C GLU A 16 5.22 15.92 0.54
N ILE A 17 5.15 14.60 0.35
CA ILE A 17 4.03 13.99 -0.34
C ILE A 17 2.74 14.15 0.46
N ASP A 18 1.61 14.12 -0.23
CA ASP A 18 0.31 14.26 0.41
C ASP A 18 -0.69 13.24 -0.14
N GLU A 19 -1.70 12.93 0.66
CA GLU A 19 -2.72 11.96 0.25
C GLU A 19 -3.10 12.17 -1.21
N LYS A 20 -3.27 13.42 -1.60
CA LYS A 20 -3.64 13.76 -2.97
C LYS A 20 -2.71 13.09 -3.97
N LEU A 21 -1.43 13.46 -3.92
CA LEU A 21 -0.43 12.89 -4.81
C LEU A 21 -0.50 11.37 -4.82
N LEU A 22 -0.25 10.77 -3.67
CA LEU A 22 -0.29 9.31 -3.54
C LEU A 22 -1.47 8.73 -4.32
N TYR A 23 -2.65 9.28 -4.09
CA TYR A 23 -3.86 8.82 -4.77
C TYR A 23 -3.65 8.75 -6.27
N ASP A 24 -3.10 9.81 -6.83
CA ASP A 24 -2.83 9.87 -8.27
C ASP A 24 -1.67 8.96 -8.64
N THR A 25 -0.50 9.23 -8.07
CA THR A 25 0.69 8.44 -8.35
C THR A 25 0.34 6.96 -8.49
N PHE A 26 -0.54 6.48 -7.63
CA PHE A 26 -0.96 5.08 -7.65
C PHE A 26 -2.15 4.89 -8.58
N SER A 27 -3.14 5.77 -8.47
CA SER A 27 -4.33 5.69 -9.30
C SER A 27 -3.99 5.17 -10.69
N ALA A 28 -2.86 5.62 -11.23
CA ALA A 28 -2.41 5.20 -12.54
C ALA A 28 -2.50 3.68 -12.71
N PHE A 29 -1.83 2.96 -11.81
CA PHE A 29 -1.83 1.51 -11.85
C PHE A 29 -3.25 0.96 -11.73
N GLY A 30 -3.94 1.33 -10.66
CA GLY A 30 -5.30 0.87 -10.45
C GLY A 30 -6.13 1.84 -9.64
N VAL A 31 -7.43 1.62 -9.59
CA VAL A 31 -8.33 2.48 -8.84
C VAL A 31 -8.20 2.25 -7.34
N ILE A 32 -8.37 3.31 -6.56
CA ILE A 32 -8.26 3.22 -5.11
C ILE A 32 -9.64 3.05 -4.46
N LEU A 33 -9.73 2.10 -3.54
CA LEU A 33 -10.99 1.84 -2.84
C LEU A 33 -11.38 3.02 -1.97
N GLN A 34 -10.47 3.45 -1.11
CA GLN A 34 -10.73 4.58 -0.22
C GLN A 34 -9.44 5.35 0.06
N THR A 35 -9.57 6.68 0.20
CA THR A 35 -8.43 7.53 0.46
C THR A 35 -7.39 6.81 1.31
N PRO A 36 -6.11 6.98 0.95
CA PRO A 36 -4.99 6.35 1.66
C PRO A 36 -4.77 6.96 3.04
N LYS A 37 -4.38 6.12 3.99
CA LYS A 37 -4.13 6.58 5.36
C LYS A 37 -2.64 6.78 5.60
N ILE A 38 -2.31 7.90 6.24
CA ILE A 38 -0.91 8.20 6.55
C ILE A 38 -0.71 8.44 8.03
N MET A 39 0.01 7.52 8.68
CA MET A 39 0.28 7.63 10.11
C MET A 39 1.18 8.83 10.40
N ARG A 40 0.86 9.56 11.47
CA ARG A 40 1.64 10.73 11.85
C ARG A 40 2.34 10.50 13.19
N ASP A 41 3.42 11.23 13.43
CA ASP A 41 4.18 11.11 14.67
C ASP A 41 3.49 11.87 15.79
N PRO A 42 3.26 11.18 16.92
CA PRO A 42 2.61 11.78 18.09
C PRO A 42 3.50 12.81 18.79
N ASP A 43 4.69 13.03 18.24
CA ASP A 43 5.63 13.98 18.81
C ASP A 43 5.54 15.32 18.09
N THR A 44 5.61 15.28 16.76
CA THR A 44 5.53 16.50 15.95
C THR A 44 4.22 16.56 15.18
N GLY A 45 3.91 15.49 14.46
CA GLY A 45 2.69 15.44 13.68
C GLY A 45 2.86 16.04 12.30
N ASN A 46 3.64 15.35 11.45
CA ASN A 46 3.89 15.81 10.10
C ASN A 46 3.75 14.66 9.10
N SER A 47 4.62 13.66 9.23
CA SER A 47 4.60 12.51 8.35
C SER A 47 5.57 11.44 8.83
N LYS A 48 5.02 10.36 9.40
CA LYS A 48 5.84 9.27 9.91
C LYS A 48 6.77 8.73 8.82
N GLY A 49 6.18 8.31 7.71
CA GLY A 49 6.97 7.77 6.61
C GLY A 49 6.26 6.67 5.87
N TYR A 50 5.59 5.78 6.61
CA TYR A 50 4.86 4.67 6.02
C TYR A 50 3.38 5.00 5.88
N ALA A 51 2.73 4.38 4.89
CA ALA A 51 1.32 4.61 4.65
C ALA A 51 0.64 3.34 4.13
N PHE A 52 -0.67 3.25 4.33
CA PHE A 52 -1.43 2.08 3.89
C PHE A 52 -2.44 2.46 2.81
N ILE A 53 -2.50 1.66 1.75
CA ILE A 53 -3.42 1.92 0.66
C ILE A 53 -4.14 0.64 0.22
N ASN A 54 -5.42 0.77 -0.13
CA ASN A 54 -6.20 -0.37 -0.56
C ASN A 54 -6.69 -0.19 -1.99
N PHE A 55 -6.38 -1.16 -2.85
CA PHE A 55 -6.78 -1.10 -4.25
C PHE A 55 -8.14 -1.77 -4.46
N ALA A 56 -8.76 -1.49 -5.60
CA ALA A 56 -10.07 -2.07 -5.91
C ALA A 56 -10.04 -3.59 -5.77
N SER A 57 -9.13 -4.23 -6.49
CA SER A 57 -9.01 -5.68 -6.45
C SER A 57 -7.57 -6.11 -6.20
N PHE A 58 -7.34 -7.41 -6.12
CA PHE A 58 -6.01 -7.95 -5.88
C PHE A 58 -5.09 -7.63 -7.05
N ASP A 59 -5.61 -7.74 -8.26
CA ASP A 59 -4.84 -7.46 -9.46
C ASP A 59 -4.12 -6.11 -9.36
N ALA A 60 -4.91 -5.06 -9.15
CA ALA A 60 -4.37 -3.71 -9.03
C ALA A 60 -3.20 -3.68 -8.05
N SER A 61 -3.36 -4.36 -6.92
CA SER A 61 -2.32 -4.40 -5.89
C SER A 61 -1.04 -5.02 -6.45
N ASP A 62 -1.19 -6.05 -7.27
CA ASP A 62 -0.05 -6.72 -7.87
C ASP A 62 0.75 -5.77 -8.74
N ALA A 63 0.05 -5.03 -9.59
CA ALA A 63 0.69 -4.07 -10.48
C ALA A 63 1.74 -3.24 -9.75
N ALA A 64 1.36 -2.71 -8.60
CA ALA A 64 2.27 -1.90 -7.80
C ALA A 64 3.47 -2.72 -7.33
N ILE A 65 3.19 -3.80 -6.61
CA ILE A 65 4.24 -4.67 -6.10
C ILE A 65 5.23 -5.04 -7.21
N GLU A 66 4.79 -4.90 -8.46
CA GLU A 66 5.62 -5.22 -9.60
C GLU A 66 6.49 -4.02 -9.99
N ALA A 67 5.86 -2.88 -10.20
CA ALA A 67 6.58 -1.66 -10.57
C ALA A 67 6.80 -0.76 -9.36
N MET A 68 5.71 -0.32 -8.74
CA MET A 68 5.79 0.54 -7.58
C MET A 68 6.84 0.04 -6.59
N ASN A 69 6.90 -1.29 -6.43
CA ASN A 69 7.86 -1.90 -5.52
C ASN A 69 9.28 -1.46 -5.84
N GLY A 70 9.72 -0.39 -5.21
CA GLY A 70 11.06 0.13 -5.45
C GLY A 70 11.06 1.46 -6.15
N GLN A 71 10.01 1.72 -6.92
CA GLN A 71 9.89 2.98 -7.65
C GLN A 71 10.52 4.13 -6.88
N TYR A 72 11.34 4.92 -7.55
CA TYR A 72 12.01 6.05 -6.92
C TYR A 72 11.07 7.25 -6.82
N LEU A 73 10.63 7.54 -5.59
CA LEU A 73 9.74 8.67 -5.35
C LEU A 73 10.50 9.89 -4.87
N CYS A 74 9.80 11.01 -4.74
CA CYS A 74 10.41 12.25 -4.28
C CYS A 74 11.62 11.96 -3.38
N ASN A 75 12.79 11.89 -3.98
CA ASN A 75 14.02 11.62 -3.24
C ASN A 75 13.76 10.64 -2.10
N ARG A 76 13.10 9.52 -2.42
CA ARG A 76 12.79 8.50 -1.43
C ARG A 76 12.23 7.25 -2.09
N PRO A 77 12.99 6.15 -2.04
CA PRO A 77 12.58 4.87 -2.63
C PRO A 77 11.43 4.23 -1.86
N ILE A 78 10.27 4.14 -2.51
CA ILE A 78 9.10 3.54 -1.89
C ILE A 78 9.06 2.03 -2.11
N THR A 79 8.33 1.32 -1.27
CA THR A 79 8.22 -0.12 -1.36
C THR A 79 6.76 -0.57 -1.22
N VAL A 80 6.41 -1.65 -1.92
CA VAL A 80 5.06 -2.18 -1.87
C VAL A 80 5.06 -3.67 -1.55
N SER A 81 4.45 -4.04 -0.44
CA SER A 81 4.39 -5.45 -0.02
C SER A 81 3.10 -5.73 0.75
N TYR A 82 2.43 -6.81 0.39
CA TYR A 82 1.19 -7.20 1.04
C TYR A 82 1.29 -7.04 2.55
N ALA A 83 0.25 -6.48 3.16
CA ALA A 83 0.23 -6.27 4.61
C ALA A 83 0.26 -7.60 5.35
N PHE A 84 -0.65 -8.50 5.00
CA PHE A 84 -0.73 -9.81 5.63
C PHE A 84 -0.35 -10.91 4.65
N LYS A 85 0.92 -11.31 4.68
CA LYS A 85 1.41 -12.37 3.80
C LYS A 85 1.33 -13.73 4.47
N LYS A 86 0.36 -14.54 4.04
CA LYS A 86 0.17 -15.87 4.60
C LYS A 86 -0.56 -16.78 3.61
N ASP A 87 -0.83 -18.01 4.03
CA ASP A 87 -1.53 -18.97 3.19
C ASP A 87 -2.12 -20.10 4.03
N SER A 88 -3.15 -20.74 3.51
CA SER A 88 -3.80 -21.84 4.21
C SER A 88 -2.84 -23.00 4.42
N LYS A 89 -2.19 -23.03 5.57
CA LYS A 89 -1.23 -24.08 5.90
C LYS A 89 -1.31 -24.45 7.37
N GLY A 90 -0.74 -25.59 7.72
CA GLY A 90 -0.75 -26.04 9.10
C GLY A 90 -0.57 -27.54 9.23
N SER A 91 0.64 -28.02 8.96
CA SER A 91 0.94 -29.44 9.03
C SER A 91 2.35 -29.67 9.56
N GLY A 92 2.71 -30.94 9.73
CA GLY A 92 4.04 -31.27 10.23
C GLY A 92 4.39 -32.73 10.01
N PRO A 93 4.75 -33.08 8.76
CA PRO A 93 5.12 -34.44 8.39
C PRO A 93 6.45 -34.87 8.99
N SER A 94 6.39 -35.83 9.91
CA SER A 94 7.60 -36.33 10.57
C SER A 94 7.58 -37.85 10.65
N SER A 95 8.65 -38.47 10.15
CA SER A 95 8.75 -39.93 10.17
C SER A 95 9.67 -40.40 11.28
N GLY A 96 9.68 -41.71 11.54
CA GLY A 96 10.51 -42.25 12.58
C GLY A 96 9.82 -43.34 13.38
N GLY A 1 -18.66 0.82 -2.57
CA GLY A 1 -18.44 -0.56 -2.20
C GLY A 1 -16.97 -0.87 -1.98
N SER A 2 -16.66 -1.53 -0.88
CA SER A 2 -15.29 -1.89 -0.55
C SER A 2 -14.92 -3.25 -1.16
N SER A 3 -15.37 -3.48 -2.39
CA SER A 3 -15.09 -4.73 -3.07
C SER A 3 -13.62 -5.11 -2.94
N GLY A 4 -13.36 -6.35 -2.54
CA GLY A 4 -12.00 -6.82 -2.37
C GLY A 4 -11.35 -6.29 -1.12
N SER A 5 -11.26 -7.13 -0.10
CA SER A 5 -10.66 -6.73 1.17
C SER A 5 -9.14 -6.92 1.14
N SER A 6 -8.52 -6.42 0.08
CA SER A 6 -7.07 -6.54 -0.08
C SER A 6 -6.40 -5.18 0.04
N GLY A 7 -5.37 -5.11 0.88
CA GLY A 7 -4.65 -3.85 1.07
C GLY A 7 -3.17 -3.98 0.78
N ILE A 8 -2.48 -2.86 0.74
CA ILE A 8 -1.05 -2.85 0.46
C ILE A 8 -0.31 -1.92 1.44
N PHE A 9 0.92 -2.30 1.79
CA PHE A 9 1.73 -1.51 2.71
C PHE A 9 2.85 -0.79 1.96
N ILE A 10 3.05 0.48 2.31
CA ILE A 10 4.09 1.28 1.67
C ILE A 10 4.97 1.97 2.71
N GLY A 11 6.29 1.83 2.54
CA GLY A 11 7.22 2.44 3.47
C GLY A 11 8.26 3.29 2.77
N ASN A 12 8.84 4.23 3.51
CA ASN A 12 9.85 5.11 2.96
C ASN A 12 9.23 6.14 2.02
N LEU A 13 8.12 6.74 2.45
CA LEU A 13 7.43 7.73 1.64
C LEU A 13 7.86 9.14 2.03
N ASP A 14 8.27 9.91 1.03
CA ASP A 14 8.72 11.29 1.25
C ASP A 14 7.67 12.08 2.03
N PRO A 15 8.13 12.94 2.95
CA PRO A 15 7.24 13.76 3.77
C PRO A 15 6.55 14.85 2.96
N GLU A 16 7.15 15.22 1.83
CA GLU A 16 6.58 16.25 0.97
C GLU A 16 5.28 15.76 0.32
N ILE A 17 5.26 14.49 -0.06
CA ILE A 17 4.08 13.90 -0.69
C ILE A 17 2.84 14.14 0.15
N ASP A 18 1.67 13.97 -0.46
CA ASP A 18 0.40 14.16 0.23
C ASP A 18 -0.61 13.09 -0.19
N GLU A 19 -1.76 13.08 0.48
CA GLU A 19 -2.81 12.11 0.17
C GLU A 19 -3.20 12.18 -1.30
N LYS A 20 -3.63 13.35 -1.73
CA LYS A 20 -4.04 13.56 -3.12
C LYS A 20 -3.03 12.93 -4.08
N LEU A 21 -1.79 13.37 -4.00
CA LEU A 21 -0.73 12.84 -4.86
C LEU A 21 -0.75 11.31 -4.87
N LEU A 22 -0.41 10.72 -3.73
CA LEU A 22 -0.38 9.27 -3.59
C LEU A 22 -1.59 8.64 -4.28
N TYR A 23 -2.78 9.16 -3.97
CA TYR A 23 -4.01 8.64 -4.55
C TYR A 23 -3.91 8.58 -6.07
N ASP A 24 -3.21 9.55 -6.65
CA ASP A 24 -3.03 9.62 -8.09
C ASP A 24 -1.90 8.70 -8.54
N THR A 25 -0.73 8.87 -7.92
CA THR A 25 0.44 8.06 -8.25
C THR A 25 0.09 6.57 -8.23
N PHE A 26 -0.86 6.20 -7.39
CA PHE A 26 -1.28 4.80 -7.26
C PHE A 26 -2.52 4.53 -8.11
N SER A 27 -3.46 5.48 -8.09
CA SER A 27 -4.70 5.33 -8.83
C SER A 27 -4.43 4.85 -10.25
N ALA A 28 -3.20 5.06 -10.71
CA ALA A 28 -2.80 4.62 -12.04
C ALA A 28 -3.00 3.12 -12.23
N PHE A 29 -2.43 2.34 -11.33
CA PHE A 29 -2.54 0.89 -11.39
C PHE A 29 -4.01 0.46 -11.29
N GLY A 30 -4.75 1.12 -10.41
CA GLY A 30 -6.16 0.78 -10.24
C GLY A 30 -6.88 1.80 -9.38
N VAL A 31 -8.21 1.68 -9.32
CA VAL A 31 -9.02 2.60 -8.52
C VAL A 31 -8.90 2.29 -7.04
N ILE A 32 -8.69 3.33 -6.23
CA ILE A 32 -8.55 3.17 -4.79
C ILE A 32 -9.92 3.02 -4.13
N LEU A 33 -10.00 2.12 -3.15
CA LEU A 33 -11.25 1.87 -2.44
C LEU A 33 -11.66 3.10 -1.63
N GLN A 34 -10.73 3.64 -0.85
CA GLN A 34 -11.00 4.81 -0.04
C GLN A 34 -9.72 5.61 0.22
N THR A 35 -9.87 6.87 0.58
CA THR A 35 -8.73 7.74 0.85
C THR A 35 -7.64 6.99 1.59
N PRO A 36 -6.39 7.17 1.13
CA PRO A 36 -5.22 6.52 1.75
C PRO A 36 -4.91 7.08 3.13
N LYS A 37 -4.25 6.26 3.96
CA LYS A 37 -3.89 6.67 5.31
C LYS A 37 -2.37 6.85 5.43
N ILE A 38 -1.97 7.92 6.10
CA ILE A 38 -0.56 8.19 6.30
C ILE A 38 -0.22 8.36 7.78
N MET A 39 0.77 7.60 8.24
CA MET A 39 1.19 7.66 9.63
C MET A 39 1.93 8.95 9.93
N ARG A 40 1.56 9.62 11.03
CA ARG A 40 2.20 10.87 11.42
C ARG A 40 2.84 10.75 12.79
N ASP A 41 3.68 11.71 13.13
CA ASP A 41 4.38 11.72 14.41
C ASP A 41 3.68 12.65 15.40
N PRO A 42 3.33 12.11 16.58
CA PRO A 42 2.65 12.88 17.63
C PRO A 42 3.57 13.92 18.27
N ASP A 43 4.87 13.66 18.20
CA ASP A 43 5.85 14.58 18.76
C ASP A 43 5.75 15.96 18.12
N THR A 44 6.12 16.04 16.84
CA THR A 44 6.08 17.29 16.11
C THR A 44 4.94 17.30 15.10
N GLY A 45 4.79 16.19 14.37
CA GLY A 45 3.73 16.09 13.38
C GLY A 45 4.21 15.47 12.09
N ASN A 46 5.47 15.70 11.74
CA ASN A 46 6.05 15.16 10.52
C ASN A 46 5.60 13.72 10.30
N SER A 47 5.40 13.35 9.04
CA SER A 47 4.98 12.00 8.70
C SER A 47 5.96 10.96 9.23
N LYS A 48 5.42 9.90 9.81
CA LYS A 48 6.25 8.83 10.36
C LYS A 48 7.27 8.35 9.33
N GLY A 49 6.76 7.85 8.20
CA GLY A 49 7.64 7.37 7.15
C GLY A 49 6.99 6.30 6.30
N TYR A 50 5.93 5.69 6.82
CA TYR A 50 5.21 4.65 6.09
C TYR A 50 3.72 4.96 6.04
N ALA A 51 3.07 4.53 4.95
CA ALA A 51 1.65 4.75 4.78
C ALA A 51 0.93 3.46 4.39
N PHE A 52 -0.40 3.52 4.30
CA PHE A 52 -1.19 2.36 3.95
C PHE A 52 -2.25 2.72 2.91
N ILE A 53 -2.44 1.84 1.93
CA ILE A 53 -3.43 2.07 0.88
C ILE A 53 -4.06 0.76 0.42
N ASN A 54 -5.33 0.81 0.06
CA ASN A 54 -6.04 -0.38 -0.41
C ASN A 54 -6.64 -0.14 -1.79
N PHE A 55 -6.40 -1.07 -2.71
CA PHE A 55 -6.92 -0.96 -4.07
C PHE A 55 -8.28 -1.63 -4.18
N ALA A 56 -8.94 -1.42 -5.31
CA ALA A 56 -10.26 -2.00 -5.55
C ALA A 56 -10.14 -3.31 -6.31
N SER A 57 -9.09 -3.45 -7.11
CA SER A 57 -8.87 -4.65 -7.90
C SER A 57 -7.57 -5.34 -7.48
N PHE A 58 -7.66 -6.64 -7.22
CA PHE A 58 -6.50 -7.42 -6.81
C PHE A 58 -5.34 -7.22 -7.78
N ASP A 59 -5.65 -7.22 -9.08
CA ASP A 59 -4.64 -7.04 -10.10
C ASP A 59 -3.86 -5.75 -9.87
N ALA A 60 -4.58 -4.68 -9.52
CA ALA A 60 -3.95 -3.39 -9.27
C ALA A 60 -2.84 -3.51 -8.22
N SER A 61 -3.16 -4.14 -7.10
CA SER A 61 -2.20 -4.32 -6.02
C SER A 61 -0.96 -5.06 -6.52
N ASP A 62 -1.17 -6.12 -7.29
CA ASP A 62 -0.06 -6.90 -7.82
C ASP A 62 0.83 -6.05 -8.72
N ALA A 63 0.20 -5.18 -9.52
CA ALA A 63 0.94 -4.31 -10.42
C ALA A 63 1.99 -3.50 -9.66
N ALA A 64 1.58 -2.87 -8.58
CA ALA A 64 2.50 -2.07 -7.76
C ALA A 64 3.58 -2.93 -7.15
N ILE A 65 3.18 -3.86 -6.29
CA ILE A 65 4.13 -4.76 -5.63
C ILE A 65 5.18 -5.26 -6.61
N GLU A 66 4.83 -5.26 -7.89
CA GLU A 66 5.75 -5.72 -8.94
C GLU A 66 6.57 -4.55 -9.47
N ALA A 67 5.92 -3.42 -9.71
CA ALA A 67 6.59 -2.24 -10.22
C ALA A 67 6.92 -1.27 -9.10
N MET A 68 5.89 -0.78 -8.43
CA MET A 68 6.07 0.16 -7.32
C MET A 68 7.08 -0.38 -6.31
N ASN A 69 7.27 -1.69 -6.30
CA ASN A 69 8.19 -2.33 -5.38
C ASN A 69 9.63 -1.89 -5.65
N GLY A 70 10.01 -0.77 -5.06
CA GLY A 70 11.36 -0.24 -5.25
C GLY A 70 11.38 1.03 -6.07
N GLN A 71 10.21 1.42 -6.58
CA GLN A 71 10.10 2.63 -7.39
C GLN A 71 10.76 3.82 -6.69
N TYR A 72 11.48 4.62 -7.45
CA TYR A 72 12.17 5.78 -6.91
C TYR A 72 11.22 6.97 -6.82
N LEU A 73 10.67 7.20 -5.62
CA LEU A 73 9.74 8.30 -5.40
C LEU A 73 10.48 9.55 -4.93
N CYS A 74 9.75 10.65 -4.80
CA CYS A 74 10.34 11.91 -4.35
C CYS A 74 11.58 11.66 -3.49
N ASN A 75 12.74 11.58 -4.13
CA ASN A 75 13.99 11.34 -3.43
C ASN A 75 13.78 10.39 -2.25
N ARG A 76 13.16 9.25 -2.52
CA ARG A 76 12.89 8.26 -1.49
C ARG A 76 12.39 6.96 -2.09
N PRO A 77 13.22 5.91 -2.06
CA PRO A 77 12.88 4.60 -2.60
C PRO A 77 11.81 3.90 -1.78
N ILE A 78 10.56 4.03 -2.20
CA ILE A 78 9.44 3.41 -1.50
C ILE A 78 9.35 1.91 -1.82
N THR A 79 8.61 1.18 -1.00
CA THR A 79 8.45 -0.26 -1.19
C THR A 79 6.97 -0.66 -1.12
N VAL A 80 6.59 -1.61 -1.96
CA VAL A 80 5.21 -2.09 -1.99
C VAL A 80 5.13 -3.57 -1.64
N SER A 81 4.38 -3.89 -0.59
CA SER A 81 4.22 -5.27 -0.14
C SER A 81 2.85 -5.49 0.47
N TYR A 82 2.29 -6.67 0.24
CA TYR A 82 0.97 -7.01 0.77
C TYR A 82 0.95 -6.91 2.30
N ALA A 83 0.28 -5.88 2.80
CA ALA A 83 0.18 -5.67 4.24
C ALA A 83 -0.30 -6.92 4.95
N PHE A 84 0.47 -7.38 5.93
CA PHE A 84 0.12 -8.58 6.69
C PHE A 84 -1.06 -8.31 7.61
N LYS A 85 -2.27 -8.48 7.07
CA LYS A 85 -3.49 -8.27 7.85
C LYS A 85 -4.10 -9.59 8.30
N LYS A 86 -4.72 -9.58 9.47
CA LYS A 86 -5.35 -10.78 10.01
C LYS A 86 -6.47 -11.27 9.10
N ASP A 87 -6.10 -12.04 8.08
CA ASP A 87 -7.07 -12.58 7.14
C ASP A 87 -7.28 -14.07 7.35
N SER A 88 -7.37 -14.47 8.62
CA SER A 88 -7.56 -15.87 8.97
C SER A 88 -8.92 -16.37 8.48
N LYS A 89 -8.91 -17.07 7.36
CA LYS A 89 -10.14 -17.61 6.79
C LYS A 89 -10.92 -18.41 7.82
N GLY A 90 -12.17 -18.73 7.49
CA GLY A 90 -13.01 -19.48 8.40
C GLY A 90 -13.00 -20.97 8.10
N SER A 91 -14.15 -21.61 8.32
CA SER A 91 -14.27 -23.05 8.07
C SER A 91 -15.51 -23.34 7.21
N GLY A 92 -16.67 -22.90 7.68
CA GLY A 92 -17.90 -23.14 6.95
C GLY A 92 -18.77 -24.19 7.61
N PRO A 93 -20.09 -23.94 7.63
CA PRO A 93 -21.05 -24.86 8.22
C PRO A 93 -21.21 -26.14 7.41
N SER A 94 -20.47 -27.17 7.79
CA SER A 94 -20.54 -28.45 7.08
C SER A 94 -21.97 -28.78 6.66
N SER A 95 -22.22 -28.72 5.36
CA SER A 95 -23.54 -28.99 4.82
C SER A 95 -24.16 -30.21 5.50
N GLY A 96 -25.47 -30.39 5.32
CA GLY A 96 -26.15 -31.52 5.92
C GLY A 96 -25.47 -32.84 5.62
N GLY A 1 -19.15 0.17 -2.86
CA GLY A 1 -18.81 -0.89 -1.93
C GLY A 1 -17.35 -1.29 -2.01
N SER A 2 -16.86 -1.96 -0.98
CA SER A 2 -15.47 -2.40 -0.94
C SER A 2 -15.34 -3.84 -1.41
N SER A 3 -15.23 -4.02 -2.73
CA SER A 3 -15.10 -5.35 -3.31
C SER A 3 -13.64 -5.74 -3.43
N GLY A 4 -13.21 -6.67 -2.57
CA GLY A 4 -11.83 -7.12 -2.59
C GLY A 4 -10.99 -6.48 -1.52
N SER A 5 -10.95 -7.10 -0.35
CA SER A 5 -10.18 -6.58 0.78
C SER A 5 -8.70 -6.93 0.63
N SER A 6 -7.98 -6.12 -0.15
CA SER A 6 -6.56 -6.35 -0.37
C SER A 6 -5.77 -5.05 -0.21
N GLY A 7 -5.35 -4.78 1.03
CA GLY A 7 -4.59 -3.58 1.29
C GLY A 7 -3.09 -3.78 1.13
N ILE A 8 -2.41 -2.78 0.58
CA ILE A 8 -0.98 -2.85 0.37
C ILE A 8 -0.23 -1.92 1.32
N PHE A 9 0.93 -2.37 1.80
CA PHE A 9 1.75 -1.59 2.72
C PHE A 9 2.83 -0.83 1.97
N ILE A 10 2.98 0.44 2.28
CA ILE A 10 3.99 1.28 1.65
C ILE A 10 4.84 2.02 2.67
N GLY A 11 6.16 2.02 2.47
CA GLY A 11 7.05 2.70 3.38
C GLY A 11 8.09 3.55 2.67
N ASN A 12 8.72 4.45 3.42
CA ASN A 12 9.73 5.32 2.84
C ASN A 12 9.10 6.37 1.93
N LEU A 13 8.01 6.97 2.40
CA LEU A 13 7.31 7.99 1.63
C LEU A 13 7.77 9.39 2.03
N ASP A 14 8.16 10.19 1.05
CA ASP A 14 8.62 11.55 1.30
C ASP A 14 7.58 12.32 2.09
N PRO A 15 8.06 13.13 3.06
CA PRO A 15 7.18 13.94 3.92
C PRO A 15 6.53 15.08 3.15
N GLU A 16 6.88 15.22 1.87
CA GLU A 16 6.32 16.28 1.04
C GLU A 16 5.12 15.77 0.26
N ILE A 17 4.87 14.46 0.34
CA ILE A 17 3.75 13.86 -0.37
C ILE A 17 2.44 14.07 0.40
N ASP A 18 1.38 14.38 -0.33
CA ASP A 18 0.07 14.60 0.27
C ASP A 18 -0.92 13.53 -0.17
N GLU A 19 -1.83 13.16 0.73
CA GLU A 19 -2.84 12.15 0.43
C GLU A 19 -3.26 12.21 -1.04
N LYS A 20 -3.66 13.39 -1.48
CA LYS A 20 -4.08 13.59 -2.86
C LYS A 20 -3.07 12.98 -3.83
N LEU A 21 -1.82 13.39 -3.69
CA LEU A 21 -0.76 12.89 -4.56
C LEU A 21 -0.76 11.36 -4.59
N LEU A 22 -0.38 10.75 -3.49
CA LEU A 22 -0.34 9.29 -3.39
C LEU A 22 -1.51 8.66 -4.16
N TYR A 23 -2.71 9.11 -3.83
CA TYR A 23 -3.91 8.59 -4.48
C TYR A 23 -3.73 8.54 -6.00
N ASP A 24 -3.15 9.59 -6.56
CA ASP A 24 -2.91 9.67 -7.99
C ASP A 24 -1.69 8.84 -8.38
N THR A 25 -0.56 9.08 -7.72
CA THR A 25 0.66 8.36 -8.01
C THR A 25 0.39 6.87 -8.21
N PHE A 26 -0.59 6.35 -7.47
CA PHE A 26 -0.94 4.95 -7.56
C PHE A 26 -2.13 4.74 -8.51
N SER A 27 -3.12 5.63 -8.41
CA SER A 27 -4.31 5.54 -9.24
C SER A 27 -3.96 5.03 -10.64
N ALA A 28 -2.84 5.52 -11.18
CA ALA A 28 -2.40 5.12 -12.50
C ALA A 28 -2.51 3.60 -12.68
N PHE A 29 -1.87 2.87 -11.77
CA PHE A 29 -1.89 1.41 -11.83
C PHE A 29 -3.32 0.88 -11.74
N GLY A 30 -4.00 1.21 -10.65
CA GLY A 30 -5.37 0.76 -10.47
C GLY A 30 -6.22 1.77 -9.72
N VAL A 31 -7.41 1.35 -9.31
CA VAL A 31 -8.32 2.24 -8.59
C VAL A 31 -8.17 2.05 -7.07
N ILE A 32 -8.55 3.08 -6.33
CA ILE A 32 -8.46 3.02 -4.87
C ILE A 32 -9.85 2.97 -4.24
N LEU A 33 -10.00 2.09 -3.24
CA LEU A 33 -11.28 1.93 -2.55
C LEU A 33 -11.64 3.20 -1.78
N GLN A 34 -10.65 3.81 -1.15
CA GLN A 34 -10.86 5.03 -0.38
C GLN A 34 -9.55 5.75 -0.12
N THR A 35 -9.63 7.06 0.07
CA THR A 35 -8.44 7.87 0.33
C THR A 35 -7.44 7.12 1.19
N PRO A 36 -6.15 7.23 0.84
CA PRO A 36 -5.06 6.58 1.57
C PRO A 36 -4.84 7.18 2.95
N LYS A 37 -4.23 6.40 3.84
CA LYS A 37 -3.96 6.85 5.19
C LYS A 37 -2.46 6.96 5.44
N ILE A 38 -2.02 8.10 5.94
CA ILE A 38 -0.60 8.32 6.22
C ILE A 38 -0.35 8.41 7.74
N MET A 39 0.47 7.50 8.24
CA MET A 39 0.79 7.48 9.67
C MET A 39 1.65 8.69 10.04
N ARG A 40 1.47 9.18 11.26
CA ARG A 40 2.22 10.32 11.75
C ARG A 40 2.70 10.11 13.19
N ASP A 41 3.88 10.61 13.50
CA ASP A 41 4.44 10.48 14.84
C ASP A 41 3.66 11.32 15.85
N PRO A 42 3.16 10.67 16.91
CA PRO A 42 2.39 11.34 17.95
C PRO A 42 3.26 12.26 18.81
N ASP A 43 4.57 12.16 18.63
CA ASP A 43 5.50 12.99 19.38
C ASP A 43 5.57 14.40 18.80
N THR A 44 5.87 14.50 17.51
CA THR A 44 5.96 15.78 16.84
C THR A 44 4.77 16.03 15.94
N GLY A 45 4.16 14.93 15.47
CA GLY A 45 3.00 15.06 14.60
C GLY A 45 3.38 15.25 13.15
N ASN A 46 4.40 14.52 12.70
CA ASN A 46 4.87 14.62 11.32
C ASN A 46 4.75 13.28 10.61
N SER A 47 4.96 13.29 9.30
CA SER A 47 4.87 12.07 8.49
C SER A 47 5.74 10.97 9.08
N LYS A 48 5.09 9.93 9.60
CA LYS A 48 5.80 8.80 10.21
C LYS A 48 6.83 8.24 9.24
N GLY A 49 6.46 8.13 7.96
CA GLY A 49 7.36 7.60 6.96
C GLY A 49 6.72 6.52 6.11
N TYR A 50 5.71 5.86 6.67
CA TYR A 50 5.02 4.79 5.96
C TYR A 50 3.52 5.06 5.90
N ALA A 51 2.88 4.59 4.84
CA ALA A 51 1.44 4.78 4.67
C ALA A 51 0.78 3.49 4.21
N PHE A 52 -0.55 3.44 4.29
CA PHE A 52 -1.31 2.26 3.90
C PHE A 52 -2.34 2.63 2.83
N ILE A 53 -2.34 1.87 1.73
CA ILE A 53 -3.28 2.10 0.64
C ILE A 53 -3.97 0.81 0.22
N ASN A 54 -5.27 0.88 0.03
CA ASN A 54 -6.05 -0.29 -0.39
C ASN A 54 -6.63 -0.10 -1.78
N PHE A 55 -6.44 -1.10 -2.63
CA PHE A 55 -6.94 -1.04 -4.00
C PHE A 55 -8.33 -1.68 -4.10
N ALA A 56 -8.97 -1.51 -5.27
CA ALA A 56 -10.29 -2.06 -5.48
C ALA A 56 -10.22 -3.52 -5.91
N SER A 57 -9.31 -3.83 -6.82
CA SER A 57 -9.14 -5.19 -7.31
C SER A 57 -7.78 -5.74 -6.90
N PHE A 58 -7.68 -7.08 -6.84
CA PHE A 58 -6.44 -7.73 -6.46
C PHE A 58 -5.38 -7.54 -7.54
N ASP A 59 -5.80 -7.60 -8.80
CA ASP A 59 -4.89 -7.44 -9.92
C ASP A 59 -4.10 -6.14 -9.80
N ALA A 60 -4.78 -5.09 -9.36
CA ALA A 60 -4.16 -3.78 -9.21
C ALA A 60 -3.01 -3.83 -8.21
N SER A 61 -3.25 -4.50 -7.08
CA SER A 61 -2.24 -4.62 -6.04
C SER A 61 -1.01 -5.35 -6.56
N ASP A 62 -1.23 -6.23 -7.53
CA ASP A 62 -0.13 -7.01 -8.12
C ASP A 62 0.78 -6.10 -8.95
N ALA A 63 0.17 -5.26 -9.78
CA ALA A 63 0.93 -4.35 -10.63
C ALA A 63 1.92 -3.52 -9.81
N ALA A 64 1.42 -2.91 -8.73
CA ALA A 64 2.26 -2.11 -7.86
C ALA A 64 3.43 -2.90 -7.32
N ILE A 65 3.13 -3.92 -6.51
CA ILE A 65 4.16 -4.76 -5.92
C ILE A 65 5.19 -5.18 -6.96
N GLU A 66 4.79 -5.16 -8.23
CA GLU A 66 5.68 -5.53 -9.32
C GLU A 66 6.54 -4.35 -9.74
N ALA A 67 5.90 -3.22 -10.01
CA ALA A 67 6.61 -2.01 -10.43
C ALA A 67 6.82 -1.06 -9.24
N MET A 68 5.72 -0.65 -8.63
CA MET A 68 5.78 0.25 -7.48
C MET A 68 6.84 -0.22 -6.48
N ASN A 69 6.99 -1.53 -6.35
CA ASN A 69 7.96 -2.10 -5.43
C ASN A 69 9.38 -1.67 -5.79
N GLY A 70 9.77 -0.50 -5.32
CA GLY A 70 11.11 0.00 -5.60
C GLY A 70 11.08 1.33 -6.35
N GLN A 71 9.98 1.57 -7.06
CA GLN A 71 9.84 2.81 -7.83
C GLN A 71 10.43 3.99 -7.07
N TYR A 72 11.33 4.71 -7.72
CA TYR A 72 11.97 5.87 -7.11
C TYR A 72 11.00 7.04 -6.98
N LEU A 73 10.45 7.21 -5.79
CA LEU A 73 9.50 8.29 -5.53
C LEU A 73 10.22 9.56 -5.09
N CYS A 74 9.49 10.67 -5.08
CA CYS A 74 10.06 11.95 -4.67
C CYS A 74 11.23 11.75 -3.72
N ASN A 75 12.43 11.64 -4.28
CA ASN A 75 13.63 11.45 -3.47
C ASN A 75 13.37 10.49 -2.32
N ARG A 76 12.83 9.32 -2.64
CA ARG A 76 12.51 8.32 -1.63
C ARG A 76 12.02 7.03 -2.27
N PRO A 77 12.85 5.98 -2.20
CA PRO A 77 12.51 4.67 -2.78
C PRO A 77 11.40 3.97 -2.01
N ILE A 78 10.19 3.98 -2.57
CA ILE A 78 9.05 3.35 -1.94
C ILE A 78 9.14 1.82 -2.02
N THR A 79 8.41 1.14 -1.15
CA THR A 79 8.42 -0.32 -1.14
C THR A 79 7.02 -0.87 -0.88
N VAL A 80 6.44 -1.52 -1.88
CA VAL A 80 5.11 -2.10 -1.75
C VAL A 80 5.19 -3.58 -1.39
N SER A 81 4.43 -3.96 -0.36
CA SER A 81 4.40 -5.35 0.09
C SER A 81 3.07 -5.68 0.77
N TYR A 82 2.45 -6.77 0.33
CA TYR A 82 1.17 -7.19 0.89
C TYR A 82 1.21 -7.14 2.43
N ALA A 83 0.27 -6.39 2.99
CA ALA A 83 0.18 -6.25 4.44
C ALA A 83 0.46 -7.58 5.14
N PHE A 84 -0.07 -8.67 4.57
CA PHE A 84 0.12 -9.99 5.14
C PHE A 84 0.89 -10.89 4.18
N LYS A 85 1.89 -11.59 4.71
CA LYS A 85 2.72 -12.48 3.90
C LYS A 85 1.86 -13.58 3.27
N LYS A 86 1.17 -14.35 4.11
CA LYS A 86 0.31 -15.43 3.64
C LYS A 86 -0.78 -14.89 2.71
N ASP A 87 -1.03 -15.61 1.63
CA ASP A 87 -2.06 -15.21 0.67
C ASP A 87 -3.12 -16.29 0.54
N SER A 88 -4.25 -15.92 -0.07
CA SER A 88 -5.36 -16.86 -0.26
C SER A 88 -5.15 -17.70 -1.51
N LYS A 89 -4.45 -18.82 -1.34
CA LYS A 89 -4.17 -19.73 -2.45
C LYS A 89 -3.97 -21.15 -1.96
N GLY A 90 -4.84 -22.06 -2.38
CA GLY A 90 -4.73 -23.45 -1.97
C GLY A 90 -5.74 -24.33 -2.68
N SER A 91 -5.52 -24.57 -3.96
CA SER A 91 -6.43 -25.42 -4.75
C SER A 91 -5.64 -26.41 -5.59
N GLY A 92 -6.01 -27.69 -5.47
CA GLY A 92 -5.32 -28.72 -6.22
C GLY A 92 -5.21 -30.03 -5.45
N PRO A 93 -6.20 -30.92 -5.65
CA PRO A 93 -6.23 -32.23 -4.99
C PRO A 93 -5.14 -33.16 -5.48
N SER A 94 -5.06 -34.35 -4.88
CA SER A 94 -4.07 -35.34 -5.26
C SER A 94 -4.50 -36.74 -4.85
N SER A 95 -3.97 -37.74 -5.54
CA SER A 95 -4.31 -39.13 -5.26
C SER A 95 -3.39 -40.08 -6.02
N GLY A 96 -3.45 -41.37 -5.67
CA GLY A 96 -2.61 -42.35 -6.32
C GLY A 96 -2.91 -42.47 -7.81
N GLY A 1 -11.32 0.18 4.11
CA GLY A 1 -11.58 0.92 2.90
C GLY A 1 -12.97 0.68 2.34
N SER A 2 -13.16 1.02 1.07
CA SER A 2 -14.46 0.84 0.43
C SER A 2 -15.04 -0.53 0.75
N SER A 3 -14.43 -1.58 0.20
CA SER A 3 -14.89 -2.94 0.42
C SER A 3 -13.76 -3.94 0.18
N GLY A 4 -13.82 -5.06 0.89
CA GLY A 4 -12.79 -6.09 0.74
C GLY A 4 -11.69 -5.96 1.77
N SER A 5 -10.77 -6.92 1.77
CA SER A 5 -9.66 -6.91 2.72
C SER A 5 -8.33 -7.03 1.99
N SER A 6 -8.22 -6.38 0.85
CA SER A 6 -7.00 -6.42 0.04
C SER A 6 -6.28 -5.07 0.10
N GLY A 7 -5.40 -4.91 1.06
CA GLY A 7 -4.65 -3.68 1.20
C GLY A 7 -3.16 -3.87 1.03
N ILE A 8 -2.47 -2.80 0.66
CA ILE A 8 -1.02 -2.86 0.45
C ILE A 8 -0.29 -1.94 1.41
N PHE A 9 0.86 -2.38 1.91
CA PHE A 9 1.65 -1.59 2.84
C PHE A 9 2.80 -0.89 2.12
N ILE A 10 3.01 0.38 2.45
CA ILE A 10 4.07 1.16 1.83
C ILE A 10 4.94 1.85 2.89
N GLY A 11 6.26 1.82 2.68
CA GLY A 11 7.17 2.43 3.62
C GLY A 11 8.19 3.33 2.94
N ASN A 12 8.72 4.30 3.68
CA ASN A 12 9.71 5.21 3.13
C ASN A 12 9.07 6.21 2.16
N LEU A 13 8.05 6.91 2.64
CA LEU A 13 7.35 7.90 1.82
C LEU A 13 7.80 9.32 2.16
N ASP A 14 8.27 10.04 1.15
CA ASP A 14 8.73 11.40 1.34
C ASP A 14 7.71 12.22 2.12
N PRO A 15 8.21 13.09 3.02
CA PRO A 15 7.35 13.94 3.85
C PRO A 15 6.67 15.03 3.04
N GLU A 16 7.17 15.26 1.82
CA GLU A 16 6.59 16.28 0.95
C GLU A 16 5.28 15.81 0.33
N ILE A 17 5.25 14.54 -0.05
CA ILE A 17 4.06 13.95 -0.66
C ILE A 17 2.83 14.20 0.20
N ASP A 18 1.65 14.02 -0.39
CA ASP A 18 0.40 14.23 0.33
C ASP A 18 -0.62 13.14 -0.04
N GLU A 19 -1.75 13.15 0.65
CA GLU A 19 -2.80 12.16 0.39
C GLU A 19 -3.23 12.20 -1.07
N LYS A 20 -3.53 13.39 -1.57
CA LYS A 20 -3.95 13.56 -2.95
C LYS A 20 -2.94 12.94 -3.91
N LEU A 21 -1.70 13.44 -3.85
CA LEU A 21 -0.63 12.94 -4.71
C LEU A 21 -0.63 11.41 -4.73
N LEU A 22 -0.33 10.81 -3.57
CA LEU A 22 -0.29 9.35 -3.46
C LEU A 22 -1.45 8.72 -4.23
N TYR A 23 -2.66 9.15 -3.92
CA TYR A 23 -3.85 8.62 -4.58
C TYR A 23 -3.64 8.53 -6.09
N ASP A 24 -3.18 9.62 -6.68
CA ASP A 24 -2.93 9.67 -8.12
C ASP A 24 -1.77 8.76 -8.49
N THR A 25 -0.62 8.99 -7.86
CA THR A 25 0.57 8.19 -8.13
C THR A 25 0.24 6.70 -8.21
N PHE A 26 -0.72 6.28 -7.40
CA PHE A 26 -1.14 4.88 -7.38
C PHE A 26 -2.37 4.66 -8.25
N SER A 27 -3.10 5.74 -8.51
CA SER A 27 -4.31 5.67 -9.33
C SER A 27 -3.99 5.12 -10.72
N ALA A 28 -2.95 5.68 -11.34
CA ALA A 28 -2.53 5.25 -12.67
C ALA A 28 -2.67 3.73 -12.82
N PHE A 29 -2.01 2.99 -11.94
CA PHE A 29 -2.05 1.54 -11.98
C PHE A 29 -3.49 1.04 -11.92
N GLY A 30 -4.12 1.19 -10.76
CA GLY A 30 -5.49 0.74 -10.59
C GLY A 30 -6.35 1.78 -9.88
N VAL A 31 -7.62 1.44 -9.66
CA VAL A 31 -8.54 2.34 -8.99
C VAL A 31 -8.48 2.18 -7.48
N ILE A 32 -8.46 3.29 -6.76
CA ILE A 32 -8.40 3.26 -5.31
C ILE A 32 -9.79 3.12 -4.70
N LEU A 33 -9.87 2.46 -3.55
CA LEU A 33 -11.14 2.25 -2.87
C LEU A 33 -11.54 3.49 -2.08
N GLN A 34 -10.62 3.97 -1.25
CA GLN A 34 -10.88 5.15 -0.43
C GLN A 34 -9.58 5.87 -0.10
N THR A 35 -9.69 7.16 0.23
CA THR A 35 -8.52 7.96 0.58
C THR A 35 -7.51 7.16 1.37
N PRO A 36 -6.24 7.23 0.96
CA PRO A 36 -5.14 6.50 1.63
C PRO A 36 -4.83 7.06 3.00
N LYS A 37 -4.34 6.21 3.90
CA LYS A 37 -3.99 6.62 5.25
C LYS A 37 -2.49 6.81 5.40
N ILE A 38 -2.09 7.95 5.97
CA ILE A 38 -0.68 8.25 6.17
C ILE A 38 -0.39 8.57 7.63
N MET A 39 0.43 7.74 8.26
CA MET A 39 0.79 7.95 9.66
C MET A 39 1.65 9.19 9.82
N ARG A 40 1.34 9.99 10.85
CA ARG A 40 2.08 11.22 11.11
C ARG A 40 2.17 11.48 12.62
N ASP A 41 3.39 11.53 13.13
CA ASP A 41 3.61 11.78 14.55
C ASP A 41 2.62 12.81 15.08
N PRO A 42 1.78 12.37 16.04
CA PRO A 42 0.76 13.23 16.65
C PRO A 42 1.38 14.30 17.54
N ASP A 43 2.71 14.27 17.67
CA ASP A 43 3.42 15.24 18.50
C ASP A 43 3.96 16.39 17.65
N THR A 44 4.78 16.05 16.65
CA THR A 44 5.35 17.05 15.78
C THR A 44 4.46 17.30 14.56
N GLY A 45 3.59 16.34 14.27
CA GLY A 45 2.70 16.48 13.13
C GLY A 45 3.39 16.24 11.81
N ASN A 46 4.42 15.40 11.83
CA ASN A 46 5.17 15.09 10.62
C ASN A 46 4.88 13.67 10.16
N SER A 47 5.19 13.39 8.89
CA SER A 47 4.96 12.07 8.31
C SER A 47 5.90 11.04 8.95
N LYS A 48 5.30 10.01 9.56
CA LYS A 48 6.08 8.96 10.20
C LYS A 48 7.15 8.41 9.25
N GLY A 49 6.70 7.90 8.11
CA GLY A 49 7.63 7.35 7.13
C GLY A 49 6.98 6.29 6.26
N TYR A 50 5.85 5.77 6.71
CA TYR A 50 5.14 4.73 5.96
C TYR A 50 3.64 5.02 5.91
N ALA A 51 2.99 4.54 4.87
CA ALA A 51 1.56 4.75 4.70
C ALA A 51 0.87 3.48 4.20
N PHE A 52 -0.46 3.48 4.23
CA PHE A 52 -1.23 2.33 3.78
C PHE A 52 -2.25 2.73 2.72
N ILE A 53 -2.50 1.82 1.78
CA ILE A 53 -3.45 2.08 0.70
C ILE A 53 -4.13 0.80 0.25
N ASN A 54 -5.44 0.88 0.04
CA ASN A 54 -6.22 -0.28 -0.39
C ASN A 54 -6.63 -0.13 -1.85
N PHE A 55 -6.35 -1.17 -2.65
CA PHE A 55 -6.69 -1.15 -4.06
C PHE A 55 -8.02 -1.86 -4.31
N ALA A 56 -8.64 -1.57 -5.45
CA ALA A 56 -9.91 -2.18 -5.80
C ALA A 56 -9.85 -3.70 -5.69
N SER A 57 -8.90 -4.30 -6.39
CA SER A 57 -8.74 -5.75 -6.36
C SER A 57 -7.27 -6.13 -6.30
N PHE A 58 -6.99 -7.40 -6.01
CA PHE A 58 -5.62 -7.88 -5.91
C PHE A 58 -4.85 -7.58 -7.19
N ASP A 59 -5.50 -7.74 -8.33
CA ASP A 59 -4.87 -7.48 -9.61
C ASP A 59 -4.13 -6.15 -9.60
N ALA A 60 -4.84 -5.09 -9.26
CA ALA A 60 -4.26 -3.76 -9.20
C ALA A 60 -3.06 -3.72 -8.25
N SER A 61 -3.20 -4.38 -7.10
CA SER A 61 -2.13 -4.43 -6.12
C SER A 61 -0.89 -5.10 -6.68
N ASP A 62 -1.11 -6.13 -7.49
CA ASP A 62 0.01 -6.87 -8.10
C ASP A 62 0.88 -5.94 -8.93
N ALA A 63 0.24 -5.10 -9.75
CA ALA A 63 0.95 -4.16 -10.60
C ALA A 63 1.95 -3.34 -9.79
N ALA A 64 1.47 -2.67 -8.76
CA ALA A 64 2.31 -1.85 -7.91
C ALA A 64 3.43 -2.68 -7.28
N ILE A 65 3.04 -3.75 -6.59
CA ILE A 65 4.01 -4.62 -5.94
C ILE A 65 5.06 -5.11 -6.93
N GLU A 66 4.74 -5.03 -8.22
CA GLU A 66 5.65 -5.45 -9.27
C GLU A 66 6.55 -4.31 -9.72
N ALA A 67 5.97 -3.12 -9.84
CA ALA A 67 6.71 -1.94 -10.26
C ALA A 67 6.97 -1.01 -9.07
N MET A 68 5.90 -0.52 -8.46
CA MET A 68 6.02 0.37 -7.31
C MET A 68 6.96 -0.22 -6.25
N ASN A 69 7.12 -1.54 -6.28
CA ASN A 69 7.98 -2.22 -5.32
C ASN A 69 9.44 -1.83 -5.54
N GLY A 70 9.81 -0.63 -5.09
CA GLY A 70 11.18 -0.17 -5.23
C GLY A 70 11.26 1.10 -6.05
N GLN A 71 10.13 1.54 -6.61
CA GLN A 71 10.08 2.75 -7.40
C GLN A 71 10.73 3.92 -6.67
N TYR A 72 11.53 4.70 -7.38
CA TYR A 72 12.21 5.84 -6.80
C TYR A 72 11.27 7.04 -6.69
N LEU A 73 10.78 7.28 -5.48
CA LEU A 73 9.86 8.40 -5.24
C LEU A 73 10.62 9.63 -4.76
N CYS A 74 9.90 10.74 -4.60
CA CYS A 74 10.50 11.98 -4.16
C CYS A 74 11.75 11.72 -3.32
N ASN A 75 12.90 11.65 -3.97
CA ASN A 75 14.16 11.40 -3.28
C ASN A 75 13.96 10.44 -2.11
N ARG A 76 13.29 9.33 -2.37
CA ARG A 76 13.04 8.32 -1.34
C ARG A 76 12.43 7.06 -1.94
N PRO A 77 13.23 5.98 -1.95
CA PRO A 77 12.79 4.69 -2.50
C PRO A 77 11.73 4.02 -1.63
N ILE A 78 10.51 3.93 -2.16
CA ILE A 78 9.41 3.31 -1.44
C ILE A 78 9.28 1.84 -1.79
N THR A 79 8.47 1.12 -1.02
CA THR A 79 8.25 -0.30 -1.26
C THR A 79 6.78 -0.66 -1.16
N VAL A 80 6.36 -1.68 -1.90
CA VAL A 80 4.97 -2.12 -1.90
C VAL A 80 4.88 -3.62 -1.64
N SER A 81 4.32 -3.98 -0.49
CA SER A 81 4.17 -5.38 -0.12
C SER A 81 2.79 -5.65 0.47
N TYR A 82 2.21 -6.80 0.13
CA TYR A 82 0.90 -7.17 0.62
C TYR A 82 0.81 -6.99 2.15
N ALA A 83 0.07 -5.98 2.57
CA ALA A 83 -0.09 -5.71 4.00
C ALA A 83 -0.29 -6.99 4.78
N PHE A 84 -1.33 -7.75 4.43
CA PHE A 84 -1.64 -9.00 5.11
C PHE A 84 -1.90 -10.12 4.10
N LYS A 85 -1.53 -11.33 4.45
CA LYS A 85 -1.73 -12.48 3.58
C LYS A 85 -2.71 -13.47 4.20
N LYS A 86 -4.00 -13.22 3.99
CA LYS A 86 -5.04 -14.09 4.53
C LYS A 86 -4.94 -15.49 3.94
N ASP A 87 -4.25 -16.39 4.63
CA ASP A 87 -4.09 -17.76 4.17
C ASP A 87 -5.23 -18.64 4.68
N SER A 88 -5.15 -19.94 4.37
CA SER A 88 -6.17 -20.88 4.79
C SER A 88 -7.57 -20.32 4.55
N LYS A 89 -7.79 -19.82 3.33
CA LYS A 89 -9.08 -19.24 2.97
C LYS A 89 -10.16 -20.32 2.94
N GLY A 90 -10.94 -20.38 4.02
CA GLY A 90 -12.00 -21.36 4.11
C GLY A 90 -11.48 -22.79 4.03
N SER A 91 -11.94 -23.53 3.02
CA SER A 91 -11.51 -24.91 2.83
C SER A 91 -11.79 -25.39 1.42
N GLY A 92 -11.06 -26.41 0.98
CA GLY A 92 -11.25 -26.94 -0.35
C GLY A 92 -11.11 -28.44 -0.41
N PRO A 93 -11.90 -29.09 -1.29
CA PRO A 93 -11.88 -30.55 -1.45
C PRO A 93 -10.59 -31.04 -2.08
N SER A 94 -10.18 -30.39 -3.18
CA SER A 94 -8.98 -30.77 -3.88
C SER A 94 -8.83 -32.29 -3.95
N SER A 95 -9.95 -32.98 -4.08
CA SER A 95 -9.95 -34.44 -4.14
C SER A 95 -9.56 -34.92 -5.53
N GLY A 96 -9.06 -36.15 -5.61
CA GLY A 96 -8.65 -36.71 -6.88
C GLY A 96 -7.92 -35.71 -7.75
N GLY A 1 -19.13 -2.96 -2.97
CA GLY A 1 -18.45 -2.12 -1.99
C GLY A 1 -16.94 -2.16 -2.12
N SER A 2 -16.33 -3.23 -1.62
CA SER A 2 -14.88 -3.38 -1.69
C SER A 2 -14.49 -4.58 -2.55
N SER A 3 -15.49 -5.40 -2.89
CA SER A 3 -15.26 -6.58 -3.70
C SER A 3 -13.92 -7.23 -3.36
N GLY A 4 -13.61 -7.27 -2.06
CA GLY A 4 -12.37 -7.86 -1.62
C GLY A 4 -11.30 -6.82 -1.33
N SER A 5 -11.00 -6.63 -0.04
CA SER A 5 -10.00 -5.66 0.36
C SER A 5 -8.62 -6.30 0.44
N SER A 6 -7.70 -5.79 -0.38
CA SER A 6 -6.34 -6.31 -0.42
C SER A 6 -5.44 -5.56 0.55
N GLY A 7 -5.52 -4.24 0.51
CA GLY A 7 -4.70 -3.42 1.39
C GLY A 7 -3.22 -3.66 1.21
N ILE A 8 -2.50 -2.63 0.82
CA ILE A 8 -1.05 -2.73 0.62
C ILE A 8 -0.29 -1.77 1.52
N PHE A 9 0.85 -2.22 2.02
CA PHE A 9 1.67 -1.39 2.90
C PHE A 9 2.81 -0.73 2.12
N ILE A 10 3.02 0.55 2.36
CA ILE A 10 4.07 1.30 1.69
C ILE A 10 4.94 2.05 2.68
N GLY A 11 6.27 1.99 2.47
CA GLY A 11 7.18 2.67 3.36
C GLY A 11 8.20 3.51 2.61
N ASN A 12 8.85 4.43 3.32
CA ASN A 12 9.85 5.30 2.70
C ASN A 12 9.18 6.33 1.79
N LEU A 13 8.22 7.06 2.34
CA LEU A 13 7.51 8.08 1.58
C LEU A 13 7.99 9.47 1.94
N ASP A 14 8.41 10.23 0.94
CA ASP A 14 8.91 11.58 1.14
C ASP A 14 7.93 12.39 1.99
N PRO A 15 8.47 13.20 2.92
CA PRO A 15 7.66 14.03 3.82
C PRO A 15 6.99 15.18 3.08
N GLU A 16 7.20 15.25 1.77
CA GLU A 16 6.62 16.30 0.96
C GLU A 16 5.37 15.80 0.23
N ILE A 17 5.18 14.48 0.24
CA ILE A 17 4.03 13.87 -0.40
C ILE A 17 2.77 13.99 0.46
N ASP A 18 1.61 13.83 -0.16
CA ASP A 18 0.35 13.91 0.56
C ASP A 18 -0.65 12.88 0.05
N GLU A 19 -1.63 12.55 0.88
CA GLU A 19 -2.64 11.56 0.49
C GLU A 19 -3.10 11.79 -0.94
N LYS A 20 -3.41 13.04 -1.28
CA LYS A 20 -3.86 13.38 -2.62
C LYS A 20 -2.96 12.76 -3.67
N LEU A 21 -1.66 13.03 -3.58
CA LEU A 21 -0.69 12.50 -4.52
C LEU A 21 -0.65 10.97 -4.46
N LEU A 22 -0.34 10.44 -3.27
CA LEU A 22 -0.27 9.00 -3.08
C LEU A 22 -1.41 8.29 -3.81
N TYR A 23 -2.50 9.02 -4.05
CA TYR A 23 -3.66 8.47 -4.73
C TYR A 23 -3.45 8.46 -6.24
N ASP A 24 -3.18 9.63 -6.79
CA ASP A 24 -2.96 9.77 -8.23
C ASP A 24 -1.74 8.97 -8.67
N THR A 25 -0.66 9.09 -7.91
CA THR A 25 0.58 8.37 -8.22
C THR A 25 0.31 6.89 -8.47
N PHE A 26 -0.58 6.31 -7.67
CA PHE A 26 -0.92 4.91 -7.79
C PHE A 26 -2.19 4.74 -8.64
N SER A 27 -2.95 5.82 -8.77
CA SER A 27 -4.19 5.79 -9.54
C SER A 27 -3.93 5.34 -10.98
N ALA A 28 -2.67 5.45 -11.40
CA ALA A 28 -2.29 5.07 -12.75
C ALA A 28 -2.35 3.55 -12.92
N PHE A 29 -1.75 2.83 -11.98
CA PHE A 29 -1.73 1.37 -12.02
C PHE A 29 -3.15 0.80 -11.91
N GLY A 30 -3.84 1.17 -10.84
CA GLY A 30 -5.19 0.69 -10.64
C GLY A 30 -6.07 1.70 -9.92
N VAL A 31 -7.30 1.31 -9.61
CA VAL A 31 -8.24 2.19 -8.93
C VAL A 31 -8.16 2.00 -7.41
N ILE A 32 -8.20 3.12 -6.68
CA ILE A 32 -8.14 3.07 -5.23
C ILE A 32 -9.54 2.98 -4.62
N LEU A 33 -9.68 2.18 -3.58
CA LEU A 33 -10.96 2.01 -2.90
C LEU A 33 -11.39 3.30 -2.22
N GLN A 34 -10.46 3.93 -1.51
CA GLN A 34 -10.75 5.17 -0.81
C GLN A 34 -9.46 5.91 -0.47
N THR A 35 -9.58 7.19 -0.14
CA THR A 35 -8.43 8.02 0.20
C THR A 35 -7.43 7.22 1.04
N PRO A 36 -6.14 7.37 0.71
CA PRO A 36 -5.05 6.68 1.43
C PRO A 36 -4.85 7.22 2.84
N LYS A 37 -4.30 6.39 3.71
CA LYS A 37 -4.05 6.79 5.09
C LYS A 37 -2.54 6.94 5.34
N ILE A 38 -2.18 7.99 6.07
CA ILE A 38 -0.77 8.24 6.38
C ILE A 38 -0.58 8.43 7.89
N MET A 39 0.22 7.57 8.48
CA MET A 39 0.49 7.63 9.91
C MET A 39 1.45 8.79 10.23
N ARG A 40 1.14 9.54 11.28
CA ARG A 40 1.95 10.67 11.69
C ARG A 40 2.20 10.65 13.20
N ASP A 41 3.44 10.91 13.59
CA ASP A 41 3.81 10.92 15.00
C ASP A 41 3.01 11.97 15.76
N PRO A 42 2.14 11.51 16.67
CA PRO A 42 1.28 12.38 17.48
C PRO A 42 2.09 13.17 18.51
N ASP A 43 3.39 12.88 18.59
CA ASP A 43 4.27 13.56 19.53
C ASP A 43 4.84 14.84 18.92
N THR A 44 5.43 14.71 17.74
CA THR A 44 6.02 15.85 17.05
C THR A 44 5.19 16.25 15.85
N GLY A 45 4.15 15.47 15.55
CA GLY A 45 3.29 15.76 14.43
C GLY A 45 4.03 15.74 13.11
N ASN A 46 4.87 14.72 12.93
CA ASN A 46 5.65 14.58 11.70
C ASN A 46 5.35 13.25 11.02
N SER A 47 5.44 13.23 9.69
CA SER A 47 5.18 12.02 8.92
C SER A 47 5.97 10.84 9.48
N LYS A 48 5.26 9.77 9.83
CA LYS A 48 5.90 8.57 10.37
C LYS A 48 6.92 8.01 9.40
N GLY A 49 6.51 7.83 8.15
CA GLY A 49 7.41 7.30 7.14
C GLY A 49 6.74 6.24 6.28
N TYR A 50 5.70 5.61 6.81
CA TYR A 50 4.98 4.57 6.08
C TYR A 50 3.50 4.89 6.00
N ALA A 51 2.86 4.45 4.91
CA ALA A 51 1.44 4.70 4.71
C ALA A 51 0.73 3.43 4.27
N PHE A 52 -0.60 3.47 4.26
CA PHE A 52 -1.41 2.33 3.86
C PHE A 52 -2.43 2.72 2.79
N ILE A 53 -2.53 1.90 1.74
CA ILE A 53 -3.46 2.16 0.66
C ILE A 53 -4.21 0.90 0.26
N ASN A 54 -5.51 1.03 0.07
CA ASN A 54 -6.36 -0.10 -0.31
C ASN A 54 -6.80 0.01 -1.77
N PHE A 55 -6.61 -1.07 -2.52
CA PHE A 55 -6.98 -1.09 -3.92
C PHE A 55 -8.36 -1.73 -4.11
N ALA A 56 -8.97 -1.48 -5.26
CA ALA A 56 -10.28 -2.02 -5.56
C ALA A 56 -10.22 -3.54 -5.76
N SER A 57 -9.22 -3.98 -6.51
CA SER A 57 -9.04 -5.41 -6.78
C SER A 57 -7.61 -5.84 -6.49
N PHE A 58 -7.41 -7.14 -6.31
CA PHE A 58 -6.10 -7.68 -6.03
C PHE A 58 -5.15 -7.49 -7.21
N ASP A 59 -5.67 -7.73 -8.41
CA ASP A 59 -4.87 -7.58 -9.63
C ASP A 59 -4.18 -6.23 -9.65
N ALA A 60 -4.88 -5.19 -9.21
CA ALA A 60 -4.33 -3.85 -9.19
C ALA A 60 -3.14 -3.77 -8.23
N SER A 61 -3.22 -4.49 -7.12
CA SER A 61 -2.16 -4.50 -6.13
C SER A 61 -0.92 -5.23 -6.66
N ASP A 62 -1.14 -6.14 -7.59
CA ASP A 62 -0.05 -6.90 -8.19
C ASP A 62 0.83 -6.01 -9.06
N ALA A 63 0.20 -5.14 -9.84
CA ALA A 63 0.92 -4.22 -10.71
C ALA A 63 1.92 -3.38 -9.93
N ALA A 64 1.46 -2.83 -8.81
CA ALA A 64 2.31 -1.99 -7.96
C ALA A 64 3.45 -2.81 -7.37
N ILE A 65 3.10 -3.81 -6.58
CA ILE A 65 4.09 -4.67 -5.95
C ILE A 65 5.17 -5.10 -6.94
N GLU A 66 4.83 -5.03 -8.22
CA GLU A 66 5.77 -5.42 -9.28
C GLU A 66 6.60 -4.23 -9.71
N ALA A 67 5.94 -3.10 -9.95
CA ALA A 67 6.63 -1.88 -10.38
C ALA A 67 6.84 -0.94 -9.20
N MET A 68 5.74 -0.51 -8.59
CA MET A 68 5.81 0.40 -7.45
C MET A 68 6.80 -0.11 -6.39
N ASN A 69 6.98 -1.43 -6.36
CA ASN A 69 7.88 -2.05 -5.40
C ASN A 69 9.33 -1.65 -5.69
N GLY A 70 9.69 -0.43 -5.30
CA GLY A 70 11.05 0.05 -5.51
C GLY A 70 11.07 1.33 -6.34
N GLN A 71 9.93 1.69 -6.90
CA GLN A 71 9.84 2.89 -7.73
C GLN A 71 10.48 4.08 -7.01
N TYR A 72 11.38 4.76 -7.72
CA TYR A 72 12.07 5.92 -7.15
C TYR A 72 11.12 7.11 -7.03
N LEU A 73 10.61 7.34 -5.83
CA LEU A 73 9.69 8.44 -5.58
C LEU A 73 10.45 9.71 -5.20
N CYS A 74 9.72 10.81 -5.07
CA CYS A 74 10.33 12.09 -4.70
C CYS A 74 11.55 11.87 -3.80
N ASN A 75 12.71 11.75 -4.43
CA ASN A 75 13.95 11.54 -3.69
C ASN A 75 13.73 10.59 -2.51
N ARG A 76 13.09 9.46 -2.79
CA ARG A 76 12.80 8.47 -1.75
C ARG A 76 12.28 7.18 -2.36
N PRO A 77 13.10 6.13 -2.35
CA PRO A 77 12.73 4.82 -2.89
C PRO A 77 11.67 4.12 -2.05
N ILE A 78 10.42 4.23 -2.49
CA ILE A 78 9.31 3.61 -1.78
C ILE A 78 9.26 2.11 -2.04
N THR A 79 8.39 1.41 -1.32
CA THR A 79 8.25 -0.04 -1.47
C THR A 79 6.80 -0.47 -1.29
N VAL A 80 6.40 -1.50 -2.02
CA VAL A 80 5.04 -2.02 -1.93
C VAL A 80 5.03 -3.50 -1.58
N SER A 81 4.39 -3.84 -0.48
CA SER A 81 4.30 -5.22 -0.02
C SER A 81 2.91 -5.54 0.51
N TYR A 82 2.52 -6.81 0.40
CA TYR A 82 1.22 -7.24 0.86
C TYR A 82 1.13 -7.18 2.39
N ALA A 83 0.42 -6.17 2.89
CA ALA A 83 0.25 -5.98 4.32
C ALA A 83 0.09 -7.33 5.02
N PHE A 84 -0.77 -8.18 4.47
CA PHE A 84 -1.04 -9.49 5.05
C PHE A 84 -1.70 -10.41 4.02
N LYS A 85 -1.11 -11.59 3.83
CA LYS A 85 -1.64 -12.56 2.89
C LYS A 85 -2.46 -13.62 3.60
N LYS A 86 -3.22 -14.40 2.83
CA LYS A 86 -4.05 -15.47 3.39
C LYS A 86 -3.53 -16.83 2.98
N ASP A 87 -2.82 -17.49 3.89
CA ASP A 87 -2.27 -18.82 3.63
C ASP A 87 -3.30 -19.71 2.93
N SER A 88 -2.82 -20.77 2.29
CA SER A 88 -3.70 -21.69 1.59
C SER A 88 -3.56 -23.10 2.15
N LYS A 89 -2.32 -23.54 2.34
CA LYS A 89 -2.05 -24.87 2.86
C LYS A 89 -2.26 -24.91 4.38
N GLY A 90 -2.58 -26.09 4.89
CA GLY A 90 -2.79 -26.24 6.32
C GLY A 90 -1.90 -27.30 6.94
N SER A 91 -2.40 -28.52 7.02
CA SER A 91 -1.65 -29.63 7.60
C SER A 91 -1.77 -30.88 6.73
N GLY A 92 -0.85 -31.82 6.94
CA GLY A 92 -0.86 -33.04 6.16
C GLY A 92 -0.77 -34.28 7.04
N PRO A 93 -0.86 -35.46 6.41
CA PRO A 93 -0.79 -36.75 7.11
C PRO A 93 0.61 -37.03 7.66
N SER A 94 0.77 -38.17 8.31
CA SER A 94 2.05 -38.57 8.88
C SER A 94 2.18 -40.08 8.95
N SER A 95 3.41 -40.56 9.04
CA SER A 95 3.67 -42.00 9.11
C SER A 95 2.73 -42.76 8.19
N GLY A 96 2.52 -42.23 6.99
CA GLY A 96 1.63 -42.87 6.04
C GLY A 96 0.24 -43.09 6.60
#